data_6B9B
#
_entry.id   6B9B
#
_cell.length_a   100.419
_cell.length_b   115.088
_cell.length_c   174.975
_cell.angle_alpha   90.000
_cell.angle_beta   90.000
_cell.angle_gamma   90.000
#
_symmetry.space_group_name_H-M   'P 21 21 21'
#
loop_
_entity.id
_entity.type
_entity.pdbx_description
1 polymer Catalase-peroxidase
2 branched alpha-D-glucopyranose-(1-4)-alpha-D-glucopyranose
3 non-polymer 'PROTOPORPHYRIN IX CONTAINING FE'
4 non-polymer 'SODIUM ION'
5 non-polymer 'CHLORIDE ION'
6 non-polymer 'OXYGEN MOLECULE'
7 non-polymer 'PHOSPHATE ION'
8 non-polymer (4S)-2-METHYL-2,4-PENTANEDIOL
9 water water
#
_entity_poly.entity_id   1
_entity_poly.type   'polypeptide(L)'
_entity_poly.pdbx_seq_one_letter_code
;MSNEAKCPFHQAAGNGTSNRDWWPNQLDLSILHRHSSLSDPMGKDFNYAQAFEKLDLAAVKRDLHALMTTSQDWWPADFG
HYGGLFIRMA(TOX)HSAGTYRTADGRGGAGEGQQRFAPLNSWPDNANLDKARRLLWPIKQKYGRAISWADLLILTGNVA
LESMGFKTFGFAGGRADTWEPEDVYWGSEKIWLELSGGPNSRYSGDRQLENPLAAVQMGLIYVNPEGPDGNPDPVAAARD
IRDTFARMAMNDEETVALIAGGHTFGKTHGAGPASNVGAEPEAAGIEAQGLGWKSAYRTGKGADAITSGLEVTWTTTPTQ
WSHNFFENLFGYEWELTKSPAGAHQWVAKGADAVIPDAFDPSKKHRPTMLTTDLSLRFDPAYEKISRRFHENPEQFADAF
ARAWFKLTHRDMGPRARYLGPEVPAEVLLWQDPIPAVDHPLIDAADAAELKAKVLASGLTVSQLVSTAWAAASTFRGSDK
RGGANGARIRLAPQKDWEANQPEQLAAVLETLEAIRTAFNGAQRGGKQVSLADLIVLAGCAGVEQAAKNAGHAVTVPFAP
GRADASQEQTDVESMAVLEPVADGFRNYLKGKYRVPAEVLLVDKAQLLTLSAPEMTVLLGGLRVLGANVGQSRHGVFTAR
EQALTNDFFVNLLDMGTEWKPTAADADVFEGRDRATGELKWTGTRVDLVFGSHSQLRALAEVYGSADAQEKFVRDFVAVW
NKVMNLDRFDLA
;
_entity_poly.pdbx_strand_id   A,B
#
# COMPACT_ATOMS: atom_id res chain seq x y z
N GLY A 16 -3.25 -16.13 -6.74
CA GLY A 16 -2.21 -15.16 -7.35
C GLY A 16 -0.94 -15.10 -6.44
N THR A 17 0.23 -15.62 -6.85
CA THR A 17 1.38 -15.67 -5.93
C THR A 17 2.00 -14.29 -5.85
N SER A 18 2.38 -13.84 -4.66
CA SER A 18 2.79 -12.40 -4.42
C SER A 18 4.29 -12.47 -3.93
N ASN A 19 4.93 -11.31 -3.87
CA ASN A 19 6.30 -11.26 -3.35
C ASN A 19 6.40 -11.79 -1.89
N ARG A 20 5.39 -11.44 -1.09
CA ARG A 20 5.28 -11.94 0.32
C ARG A 20 5.28 -13.52 0.37
N ASP A 21 4.63 -14.17 -0.62
CA ASP A 21 4.64 -15.59 -0.72
C ASP A 21 6.07 -16.10 -1.01
N TRP A 22 6.76 -15.45 -2.01
CA TRP A 22 8.03 -16.01 -2.44
C TRP A 22 9.12 -15.73 -1.40
N TRP A 23 9.07 -14.60 -0.74
CA TRP A 23 10.14 -14.06 0.14
C TRP A 23 9.45 -13.60 1.40
N PRO A 24 8.98 -14.57 2.21
CA PRO A 24 8.10 -14.21 3.36
C PRO A 24 8.87 -13.49 4.46
N ASN A 25 10.18 -13.53 4.41
CA ASN A 25 10.94 -12.84 5.42
C ASN A 25 11.51 -11.50 4.96
N GLN A 26 11.33 -11.08 3.68
CA GLN A 26 11.90 -9.79 3.17
C GLN A 26 11.14 -8.76 3.98
N LEU A 27 11.76 -7.61 4.09
CA LEU A 27 11.29 -6.50 4.90
C LEU A 27 10.07 -5.88 4.20
N ASP A 28 9.02 -5.50 4.92
CA ASP A 28 7.87 -4.81 4.33
C ASP A 28 7.69 -3.31 4.50
N LEU A 29 7.93 -2.58 3.42
CA LEU A 29 7.97 -1.18 3.44
C LEU A 29 6.55 -0.59 3.26
N SER A 30 5.55 -1.43 2.93
CA SER A 30 4.22 -0.85 2.60
C SER A 30 3.60 -0.26 3.91
N ILE A 31 4.06 -0.70 5.11
CA ILE A 31 3.62 -0.09 6.33
C ILE A 31 3.99 1.37 6.38
N LEU A 32 5.00 1.83 5.68
CA LEU A 32 5.33 3.22 5.69
C LEU A 32 4.53 4.13 4.72
N HIS A 33 3.75 3.50 3.86
CA HIS A 33 3.05 4.22 2.77
C HIS A 33 1.51 4.07 2.86
N ARG A 34 1.02 3.74 4.05
CA ARG A 34 -0.41 3.73 4.31
C ARG A 34 -0.83 5.17 4.48
N HIS A 35 -2.11 5.41 4.44
CA HIS A 35 -2.65 6.67 4.84
C HIS A 35 -2.25 7.67 3.77
N SER A 36 -2.06 7.25 2.48
CA SER A 36 -1.84 8.26 1.42
C SER A 36 -3.06 9.00 1.08
N SER A 37 -2.87 10.15 0.47
CA SER A 37 -3.96 10.98 0.08
C SER A 37 -4.79 10.17 -1.04
N LEU A 38 -4.26 9.11 -1.62
CA LEU A 38 -4.98 8.32 -2.63
C LEU A 38 -6.20 7.62 -2.00
N SER A 39 -6.03 7.05 -0.79
CA SER A 39 -6.98 6.24 -0.15
C SER A 39 -8.04 7.09 0.64
N ASP A 40 -7.82 8.37 0.77
CA ASP A 40 -8.64 9.22 1.66
C ASP A 40 -9.70 9.88 0.85
N PRO A 41 -10.95 9.72 1.16
CA PRO A 41 -11.97 10.36 0.35
C PRO A 41 -12.18 11.79 0.58
N MET A 42 -11.61 12.33 1.63
CA MET A 42 -11.83 13.68 1.99
C MET A 42 -10.86 14.54 1.20
N GLY A 43 -11.22 15.73 1.03
CA GLY A 43 -10.22 16.52 0.14
C GLY A 43 -8.86 16.79 0.86
N LYS A 44 -7.86 17.26 0.11
CA LYS A 44 -6.53 17.35 0.72
C LYS A 44 -6.58 18.47 1.83
N ASP A 45 -7.49 19.38 1.65
CA ASP A 45 -7.67 20.42 2.60
C ASP A 45 -8.58 20.12 3.78
N PHE A 46 -9.18 18.95 3.84
CA PHE A 46 -10.14 18.70 4.92
C PHE A 46 -9.43 18.78 6.25
N ASN A 47 -10.06 19.48 7.11
CA ASN A 47 -9.54 19.61 8.50
C ASN A 47 -10.65 19.16 9.49
N TYR A 48 -10.45 17.95 10.02
CA TYR A 48 -11.53 17.40 10.89
C TYR A 48 -11.75 18.29 12.09
N ALA A 49 -10.71 18.81 12.70
CA ALA A 49 -10.96 19.69 13.88
C ALA A 49 -11.87 20.83 13.62
N GLN A 50 -11.73 21.44 12.45
CA GLN A 50 -12.58 22.55 12.14
C GLN A 50 -14.03 22.12 11.90
N ALA A 51 -14.21 20.91 11.34
CA ALA A 51 -15.56 20.39 11.16
C ALA A 51 -16.19 20.10 12.48
N PHE A 52 -15.44 19.43 13.36
CA PHE A 52 -15.95 19.06 14.67
C PHE A 52 -16.35 20.26 15.50
N GLU A 53 -15.52 21.30 15.41
CA GLU A 53 -15.74 22.47 16.31
C GLU A 53 -17.04 23.14 15.99
N LYS A 54 -17.59 22.96 14.82
CA LYS A 54 -18.86 23.46 14.48
C LYS A 54 -20.05 22.46 14.70
N LEU A 55 -19.78 21.23 15.07
CA LEU A 55 -20.80 20.24 15.32
C LEU A 55 -21.66 20.78 16.43
N ASP A 56 -22.98 20.51 16.37
CA ASP A 56 -23.80 20.76 17.55
C ASP A 56 -23.77 19.49 18.41
N LEU A 57 -22.80 19.40 19.32
CA LEU A 57 -22.57 18.24 20.06
C LEU A 57 -23.79 17.89 20.91
N ALA A 58 -24.45 18.93 21.44
CA ALA A 58 -25.65 18.69 22.26
C ALA A 58 -26.74 17.98 21.43
N ALA A 59 -26.94 18.35 20.16
CA ALA A 59 -27.90 17.72 19.36
C ALA A 59 -27.52 16.22 19.04
N VAL A 60 -26.25 16.00 18.82
CA VAL A 60 -25.77 14.61 18.59
C VAL A 60 -26.12 13.77 19.83
N LYS A 61 -25.81 14.35 21.02
CA LYS A 61 -26.07 13.61 22.29
C LYS A 61 -27.58 13.35 22.48
N ARG A 62 -28.45 14.28 22.13
CA ARG A 62 -29.90 14.02 22.25
C ARG A 62 -30.35 12.89 21.32
N ASP A 63 -29.81 12.83 20.10
CA ASP A 63 -30.12 11.78 19.18
C ASP A 63 -29.65 10.44 19.71
N LEU A 64 -28.43 10.42 20.30
CA LEU A 64 -27.88 9.17 20.90
C LEU A 64 -28.74 8.71 22.10
N HIS A 65 -29.18 9.68 22.91
CA HIS A 65 -30.02 9.41 24.08
C HIS A 65 -31.34 8.73 23.61
N ALA A 66 -31.93 9.29 22.56
CA ALA A 66 -33.12 8.67 21.99
C ALA A 66 -32.94 7.27 21.43
N LEU A 67 -31.80 7.08 20.77
CA LEU A 67 -31.43 5.77 20.25
C LEU A 67 -31.39 4.68 21.32
N MET A 68 -30.95 4.99 22.50
CA MET A 68 -30.70 4.01 23.54
C MET A 68 -31.95 3.17 23.82
N THR A 69 -33.11 3.77 23.65
CA THR A 69 -34.35 3.00 23.90
C THR A 69 -35.21 2.82 22.67
N THR A 70 -34.66 2.90 21.48
CA THR A 70 -35.40 2.70 20.22
C THR A 70 -34.93 1.41 19.62
N SER A 71 -35.53 0.31 20.04
CA SER A 71 -35.16 -1.01 19.59
C SER A 71 -35.41 -1.24 18.10
N GLN A 72 -34.46 -1.82 17.41
CA GLN A 72 -34.56 -2.25 15.99
C GLN A 72 -34.79 -3.75 15.99
N ASP A 73 -35.77 -4.21 15.19
CA ASP A 73 -36.12 -5.66 15.23
C ASP A 73 -35.07 -6.58 14.69
N TRP A 74 -34.12 -6.10 13.88
CA TRP A 74 -33.04 -6.94 13.43
C TRP A 74 -31.96 -7.21 14.53
N TRP A 75 -32.02 -6.47 15.65
CA TRP A 75 -31.11 -6.74 16.81
C TRP A 75 -31.75 -6.09 18.01
N PRO A 76 -32.85 -6.72 18.54
CA PRO A 76 -33.58 -6.14 19.64
C PRO A 76 -32.78 -5.81 20.87
N ALA A 77 -33.13 -4.71 21.46
CA ALA A 77 -32.44 -4.19 22.66
C ALA A 77 -32.77 -4.98 23.89
N ASP A 78 -31.78 -5.52 24.51
CA ASP A 78 -31.93 -6.16 25.85
C ASP A 78 -32.52 -5.19 26.82
N PHE A 79 -33.54 -5.62 27.61
CA PHE A 79 -34.22 -4.78 28.53
C PHE A 79 -34.80 -3.49 27.96
N GLY A 80 -34.99 -3.46 26.68
CA GLY A 80 -35.42 -2.22 25.98
C GLY A 80 -34.33 -1.12 25.91
N HIS A 81 -33.05 -1.47 26.17
CA HIS A 81 -32.04 -0.42 26.32
C HIS A 81 -30.66 -0.91 25.75
N TYR A 82 -30.18 -0.20 24.74
CA TYR A 82 -28.88 -0.56 24.10
C TYR A 82 -27.64 -0.09 24.88
N GLY A 83 -27.81 0.49 26.06
CA GLY A 83 -26.71 1.13 26.81
C GLY A 83 -25.55 0.12 27.02
N GLY A 84 -25.83 -1.06 27.58
CA GLY A 84 -24.81 -2.03 27.85
C GLY A 84 -24.04 -2.41 26.56
N LEU A 85 -24.74 -2.59 25.46
CA LEU A 85 -24.11 -2.99 24.23
C LEU A 85 -23.10 -1.92 23.80
N PHE A 86 -23.56 -0.67 23.91
CA PHE A 86 -22.70 0.47 23.52
C PHE A 86 -21.55 0.74 24.44
N ILE A 87 -21.70 0.51 25.75
CA ILE A 87 -20.54 0.58 26.67
C ILE A 87 -19.51 -0.46 26.29
N ARG A 88 -19.95 -1.69 26.07
CA ARG A 88 -18.98 -2.70 25.61
C ARG A 88 -18.33 -2.32 24.28
N MET A 89 -19.12 -1.82 23.38
CA MET A 89 -18.55 -1.31 22.05
C MET A 89 -17.38 -0.30 22.29
N ALA A 90 -17.63 0.72 23.10
CA ALA A 90 -16.68 1.78 23.31
C ALA A 90 -15.48 1.21 24.04
N HIS A 92 -14.45 -1.95 23.98
CA HIS A 92 -13.58 -2.66 23.05
C HIS A 92 -12.80 -1.75 22.09
N SER A 93 -13.43 -0.68 21.64
CA SER A 93 -12.73 0.29 20.77
C SER A 93 -11.42 0.77 21.44
N ALA A 94 -11.44 1.16 22.70
CA ALA A 94 -10.28 1.62 23.46
C ALA A 94 -9.38 0.52 23.95
N GLY A 95 -9.95 -0.71 24.07
CA GLY A 95 -9.30 -1.80 24.78
C GLY A 95 -8.17 -2.53 24.02
N THR A 96 -7.92 -2.20 22.73
CA THR A 96 -6.85 -2.82 21.98
C THR A 96 -5.50 -2.17 22.31
N TYR A 97 -5.53 -1.06 23.03
CA TYR A 97 -4.36 -0.25 23.27
C TYR A 97 -3.22 -1.02 23.98
N ARG A 98 -1.96 -0.84 23.53
CA ARG A 98 -0.87 -1.39 24.24
C ARG A 98 0.12 -0.28 24.54
N THR A 99 0.62 -0.22 25.77
N THR A 99 0.63 -0.23 25.76
CA THR A 99 1.59 0.82 26.13
CA THR A 99 1.55 0.87 26.13
C THR A 99 2.95 0.64 25.47
C THR A 99 2.94 0.63 25.46
N ALA A 100 3.30 -0.61 25.18
CA ALA A 100 4.64 -0.99 24.69
C ALA A 100 4.95 -0.18 23.39
N ASP A 101 3.99 -0.05 22.47
CA ASP A 101 4.21 0.68 21.23
C ASP A 101 3.21 1.72 20.98
N GLY A 102 2.22 1.85 21.87
CA GLY A 102 1.14 2.81 21.66
C GLY A 102 0.08 2.45 20.61
N ARG A 103 0.27 1.30 20.00
CA ARG A 103 -0.65 0.92 18.97
C ARG A 103 -1.95 0.36 19.57
N GLY A 104 -2.96 0.29 18.70
CA GLY A 104 -4.32 -0.01 19.15
C GLY A 104 -4.92 1.23 19.89
N GLY A 105 -6.08 1.03 20.49
CA GLY A 105 -6.84 2.11 21.05
C GLY A 105 -7.97 2.61 20.14
N ALA A 106 -8.75 3.54 20.68
CA ALA A 106 -9.97 4.06 20.01
C ALA A 106 -9.70 5.22 19.04
N GLY A 107 -8.48 5.74 19.07
CA GLY A 107 -8.22 7.01 18.50
C GLY A 107 -8.26 7.08 16.99
N GLU A 108 -8.27 5.95 16.28
CA GLU A 108 -8.39 5.97 14.82
C GLU A 108 -9.66 5.28 14.32
N GLY A 109 -10.54 4.85 15.24
CA GLY A 109 -11.74 4.17 14.79
C GLY A 109 -11.53 2.85 14.06
N GLN A 110 -10.46 2.19 14.41
CA GLN A 110 -10.05 0.97 13.66
C GLN A 110 -10.98 -0.24 13.86
N GLN A 111 -11.86 -0.19 14.86
CA GLN A 111 -12.83 -1.26 15.10
C GLN A 111 -13.67 -1.53 13.86
N ARG A 112 -13.82 -0.54 12.98
CA ARG A 112 -14.62 -0.76 11.82
C ARG A 112 -13.87 -1.39 10.63
N PHE A 113 -12.60 -1.64 10.77
CA PHE A 113 -11.79 -2.28 9.69
C PHE A 113 -11.29 -3.67 10.14
N ALA A 114 -10.75 -4.44 9.20
CA ALA A 114 -10.03 -5.65 9.53
C ALA A 114 -8.75 -5.37 10.25
N PRO A 115 -8.30 -6.22 11.12
CA PRO A 115 -8.96 -7.45 11.55
C PRO A 115 -9.94 -7.21 12.73
N LEU A 116 -9.86 -6.00 13.35
CA LEU A 116 -10.62 -5.85 14.59
C LEU A 116 -12.10 -5.97 14.47
N ASN A 117 -12.65 -5.65 13.29
CA ASN A 117 -14.07 -5.75 13.09
C ASN A 117 -14.54 -7.19 13.14
N SER A 118 -13.56 -8.12 13.10
CA SER A 118 -13.91 -9.56 13.01
C SER A 118 -13.24 -10.38 14.07
N TRP A 119 -12.65 -9.74 15.08
CA TRP A 119 -12.10 -10.46 16.20
C TRP A 119 -13.29 -11.16 16.88
N PRO A 120 -13.08 -12.39 17.37
CA PRO A 120 -14.14 -13.03 18.19
C PRO A 120 -14.59 -12.22 19.41
N ASP A 121 -13.71 -11.50 20.08
CA ASP A 121 -14.10 -10.65 21.20
C ASP A 121 -15.01 -9.49 20.73
N ASN A 122 -15.03 -9.18 19.42
CA ASN A 122 -15.82 -8.08 18.90
C ASN A 122 -17.06 -8.57 18.27
N ALA A 123 -17.48 -9.84 18.56
CA ALA A 123 -18.69 -10.35 17.99
C ALA A 123 -19.93 -9.55 18.39
N ASN A 124 -20.76 -9.29 17.39
CA ASN A 124 -21.94 -8.48 17.47
C ASN A 124 -21.79 -7.03 17.71
N LEU A 125 -20.55 -6.54 17.84
CA LEU A 125 -20.33 -5.06 17.82
C LEU A 125 -20.52 -4.53 16.45
N ASP A 126 -20.54 -5.40 15.42
CA ASP A 126 -20.99 -5.00 14.15
C ASP A 126 -22.43 -4.47 14.17
N LYS A 127 -23.28 -5.13 15.00
CA LYS A 127 -24.64 -4.72 15.15
C LYS A 127 -24.67 -3.29 15.81
N ALA A 128 -23.92 -3.12 16.86
CA ALA A 128 -23.82 -1.83 17.57
C ALA A 128 -23.41 -0.70 16.65
N ARG A 129 -22.41 -0.94 15.84
CA ARG A 129 -21.95 0.13 14.87
C ARG A 129 -23.01 0.42 13.84
N ARG A 130 -23.67 -0.65 13.37
CA ARG A 130 -24.80 -0.44 12.42
C ARG A 130 -25.96 0.40 12.97
N LEU A 131 -26.28 0.21 14.25
CA LEU A 131 -27.29 1.03 14.91
C LEU A 131 -26.99 2.49 14.84
N LEU A 132 -25.70 2.82 14.80
CA LEU A 132 -25.24 4.20 14.79
C LEU A 132 -25.15 4.83 13.38
N TRP A 133 -25.41 4.05 12.34
CA TRP A 133 -25.28 4.63 11.01
C TRP A 133 -26.24 5.79 10.78
N PRO A 134 -27.49 5.72 11.23
CA PRO A 134 -28.31 6.86 10.96
C PRO A 134 -27.80 8.19 11.53
N ILE A 135 -27.29 8.16 12.76
CA ILE A 135 -26.73 9.37 13.39
C ILE A 135 -25.47 9.80 12.60
N LYS A 136 -24.58 8.83 12.28
CA LYS A 136 -23.37 9.14 11.50
C LYS A 136 -23.77 9.82 10.18
N GLN A 137 -24.77 9.26 9.53
CA GLN A 137 -25.23 9.76 8.26
C GLN A 137 -25.80 11.19 8.41
N LYS A 138 -26.53 11.39 9.50
CA LYS A 138 -27.12 12.72 9.74
C LYS A 138 -26.07 13.86 9.87
N TYR A 139 -25.04 13.58 10.67
CA TYR A 139 -24.00 14.53 11.00
C TYR A 139 -22.82 14.54 10.07
N GLY A 140 -22.63 13.51 9.29
CA GLY A 140 -21.60 13.47 8.24
C GLY A 140 -20.16 13.69 8.76
N ARG A 141 -19.43 14.52 8.09
CA ARG A 141 -18.00 14.65 8.32
C ARG A 141 -17.72 15.39 9.62
N ALA A 142 -18.74 16.01 10.18
CA ALA A 142 -18.55 16.76 11.47
C ALA A 142 -18.35 15.92 12.68
N ILE A 143 -18.71 14.60 12.60
CA ILE A 143 -18.36 13.67 13.70
C ILE A 143 -17.76 12.42 13.08
N SER A 144 -16.54 12.08 13.48
CA SER A 144 -15.85 10.92 12.97
C SER A 144 -16.51 9.66 13.57
N TRP A 145 -16.34 8.52 12.88
CA TRP A 145 -16.67 7.28 13.54
C TRP A 145 -15.89 7.11 14.83
N ALA A 146 -14.60 7.46 14.82
CA ALA A 146 -13.78 7.23 15.99
C ALA A 146 -14.32 8.02 17.23
N ASP A 147 -14.66 9.29 17.03
CA ASP A 147 -15.29 10.07 18.09
C ASP A 147 -16.66 9.54 18.49
N LEU A 148 -17.47 9.14 17.50
CA LEU A 148 -18.84 8.68 17.75
C LEU A 148 -18.85 7.43 18.60
N LEU A 149 -17.95 6.48 18.36
CA LEU A 149 -17.89 5.29 19.20
C LEU A 149 -17.77 5.61 20.68
N ILE A 150 -16.88 6.54 20.98
CA ILE A 150 -16.61 6.95 22.33
C ILE A 150 -17.78 7.77 22.87
N LEU A 151 -18.26 8.68 22.11
CA LEU A 151 -19.37 9.54 22.55
C LEU A 151 -20.61 8.67 22.90
N THR A 152 -20.87 7.69 22.08
CA THR A 152 -22.01 6.81 22.26
C THR A 152 -21.86 6.10 23.66
N GLY A 153 -20.66 5.56 23.96
CA GLY A 153 -20.48 4.98 25.29
C GLY A 153 -20.69 5.95 26.43
N ASN A 154 -20.25 7.20 26.27
CA ASN A 154 -20.52 8.22 27.28
C ASN A 154 -22.02 8.48 27.41
N VAL A 155 -22.75 8.60 26.31
CA VAL A 155 -24.15 8.90 26.35
C VAL A 155 -24.92 7.69 26.99
N ALA A 156 -24.50 6.48 26.69
CA ALA A 156 -25.05 5.31 27.34
C ALA A 156 -24.98 5.41 28.88
N LEU A 157 -23.74 5.65 29.35
CA LEU A 157 -23.51 5.82 30.74
C LEU A 157 -24.42 6.97 31.36
N GLU A 158 -24.41 8.14 30.71
CA GLU A 158 -25.20 9.30 31.16
C GLU A 158 -26.67 8.96 31.22
N SER A 159 -27.19 8.32 30.19
CA SER A 159 -28.62 7.99 30.08
C SER A 159 -29.01 7.01 31.22
N MET A 160 -28.07 6.22 31.73
CA MET A 160 -28.33 5.24 32.77
C MET A 160 -28.00 5.79 34.16
N GLY A 161 -27.71 7.06 34.33
CA GLY A 161 -27.55 7.67 35.63
C GLY A 161 -26.10 7.82 36.11
N PHE A 162 -25.12 7.62 35.23
CA PHE A 162 -23.71 7.73 35.64
C PHE A 162 -23.15 9.05 35.10
N LYS A 163 -22.54 9.78 35.95
CA LYS A 163 -21.92 11.05 35.60
C LYS A 163 -20.52 10.86 35.10
N THR A 164 -20.29 11.12 33.80
CA THR A 164 -18.96 10.91 33.26
C THR A 164 -18.06 12.10 33.62
N PHE A 165 -16.74 11.89 33.46
CA PHE A 165 -15.74 12.85 33.79
C PHE A 165 -15.54 13.87 32.69
N GLY A 166 -16.08 13.56 31.52
CA GLY A 166 -15.88 14.50 30.38
C GLY A 166 -15.69 13.77 29.08
N PHE A 167 -15.40 14.52 28.01
CA PHE A 167 -15.31 13.90 26.69
C PHE A 167 -14.54 14.94 25.82
N ALA A 168 -13.61 14.45 25.03
CA ALA A 168 -12.95 15.30 24.01
C ALA A 168 -13.20 14.63 22.66
N GLY A 169 -13.56 15.47 21.68
CA GLY A 169 -13.49 15.09 20.29
C GLY A 169 -12.10 15.38 19.71
N GLY A 170 -11.95 15.02 18.44
CA GLY A 170 -10.74 15.22 17.67
C GLY A 170 -10.07 14.00 17.11
N ARG A 171 -10.66 12.78 17.29
CA ARG A 171 -10.08 11.57 16.69
C ARG A 171 -10.48 11.52 15.20
N ALA A 172 -9.60 11.94 14.31
CA ALA A 172 -9.97 11.93 12.81
C ALA A 172 -10.11 10.48 12.38
N ASP A 173 -11.06 10.28 11.49
CA ASP A 173 -11.21 8.93 10.91
C ASP A 173 -10.06 8.54 10.01
N THR A 174 -9.78 7.27 9.94
CA THR A 174 -8.79 6.66 9.02
C THR A 174 -9.55 5.82 8.03
N TRP A 175 -8.88 5.40 6.96
CA TRP A 175 -9.60 4.84 5.78
C TRP A 175 -9.07 3.48 5.37
N GLU A 176 -8.07 3.00 6.12
CA GLU A 176 -7.56 1.68 5.92
C GLU A 176 -7.08 1.05 7.21
N PRO A 177 -6.93 -0.26 7.24
CA PRO A 177 -6.40 -0.87 8.46
C PRO A 177 -4.95 -0.47 8.81
N GLU A 178 -4.66 -0.26 10.10
CA GLU A 178 -3.30 -0.05 10.58
C GLU A 178 -2.54 -1.38 10.48
N ASP A 179 -1.22 -1.33 10.34
CA ASP A 179 -0.39 -2.58 10.31
C ASP A 179 0.06 -2.76 11.72
N VAL A 180 -0.57 -3.66 12.42
CA VAL A 180 -0.23 -3.88 13.82
C VAL A 180 0.22 -5.36 13.99
N TYR A 181 1.25 -5.64 14.79
CA TYR A 181 1.56 -7.01 15.16
C TYR A 181 0.66 -7.36 16.29
N TRP A 182 -0.32 -8.27 16.04
CA TRP A 182 -1.22 -8.67 17.09
C TRP A 182 -0.89 -10.09 17.65
N GLY A 183 0.18 -10.64 17.13
CA GLY A 183 0.64 -11.98 17.51
C GLY A 183 0.89 -12.84 16.21
N SER A 184 1.47 -14.02 16.44
CA SER A 184 1.92 -14.93 15.30
C SER A 184 1.06 -16.16 15.18
N GLU A 185 0.06 -16.33 16.04
CA GLU A 185 -0.83 -17.48 15.91
C GLU A 185 -1.64 -17.42 14.64
N LYS A 186 -1.89 -18.61 14.07
CA LYS A 186 -2.66 -18.77 12.82
C LYS A 186 -4.03 -19.32 13.04
N ILE A 187 -4.44 -19.47 14.30
CA ILE A 187 -5.72 -19.90 14.65
C ILE A 187 -6.38 -18.92 15.68
N TRP A 188 -7.59 -18.50 15.43
CA TRP A 188 -8.26 -17.57 16.34
C TRP A 188 -8.31 -18.22 17.72
N LEU A 189 -8.02 -17.42 18.75
CA LEU A 189 -8.17 -17.80 20.13
C LEU A 189 -7.30 -18.99 20.55
N GLU A 190 -6.23 -19.22 19.82
CA GLU A 190 -5.41 -20.40 20.15
C GLU A 190 -4.95 -20.37 21.59
N LEU A 191 -5.09 -21.51 22.28
CA LEU A 191 -4.56 -21.63 23.67
C LEU A 191 -3.08 -21.60 23.69
N SER A 192 -2.52 -21.13 24.79
CA SER A 192 -1.08 -20.89 24.93
C SER A 192 -0.29 -22.23 24.79
N GLY A 193 1.00 -22.09 24.48
CA GLY A 193 1.88 -23.27 24.35
C GLY A 193 1.86 -23.90 22.96
N GLY A 194 1.19 -23.32 21.97
CA GLY A 194 1.31 -23.80 20.58
C GLY A 194 2.59 -23.42 19.89
N PRO A 195 2.68 -23.75 18.59
CA PRO A 195 3.93 -23.45 17.87
C PRO A 195 4.19 -21.97 17.76
N ASN A 196 3.15 -21.14 17.85
CA ASN A 196 3.38 -19.68 17.80
C ASN A 196 3.02 -18.98 19.15
N SER A 197 3.23 -19.69 20.25
CA SER A 197 2.86 -19.24 21.54
C SER A 197 3.32 -17.85 21.86
N ARG A 198 2.40 -16.99 22.35
CA ARG A 198 2.76 -15.71 22.80
C ARG A 198 3.23 -15.70 24.27
N TYR A 199 3.35 -16.87 24.87
CA TYR A 199 3.81 -17.00 26.23
C TYR A 199 5.09 -17.88 26.23
N SER A 200 5.99 -17.53 27.13
CA SER A 200 7.20 -18.34 27.43
C SER A 200 7.56 -18.17 28.89
N GLY A 201 8.49 -19.02 29.38
CA GLY A 201 8.90 -18.95 30.78
C GLY A 201 7.75 -19.13 31.74
N ASP A 202 7.72 -18.37 32.82
CA ASP A 202 6.64 -18.52 33.83
C ASP A 202 5.47 -17.53 33.42
N ARG A 203 4.75 -17.92 32.38
CA ARG A 203 3.61 -17.15 31.86
C ARG A 203 3.97 -15.66 31.54
N GLN A 204 5.04 -15.48 30.77
CA GLN A 204 5.58 -14.17 30.41
C GLN A 204 5.00 -13.94 29.00
N LEU A 205 4.22 -12.85 28.88
CA LEU A 205 3.59 -12.53 27.66
C LEU A 205 4.56 -11.77 26.80
N GLU A 206 4.72 -12.13 25.52
CA GLU A 206 5.73 -11.40 24.70
C GLU A 206 5.33 -9.93 24.42
N ASN A 207 6.27 -9.01 24.61
CA ASN A 207 6.12 -7.66 24.12
C ASN A 207 6.04 -7.63 22.61
N PRO A 208 5.22 -6.79 21.99
CA PRO A 208 4.40 -5.75 22.56
C PRO A 208 2.94 -6.14 22.85
N LEU A 209 2.66 -7.42 23.03
CA LEU A 209 1.26 -7.88 23.06
C LEU A 209 0.63 -7.56 24.45
N ALA A 210 -0.68 -7.39 24.44
CA ALA A 210 -1.38 -7.07 25.64
C ALA A 210 -2.65 -7.78 25.88
N ALA A 211 -2.78 -8.92 25.22
CA ALA A 211 -3.85 -9.85 25.36
C ALA A 211 -3.37 -11.29 25.40
N VAL A 212 -4.18 -12.16 25.98
CA VAL A 212 -3.70 -13.50 26.33
C VAL A 212 -3.89 -14.53 25.19
N GLN A 213 -4.77 -14.22 24.23
CA GLN A 213 -5.09 -15.05 23.10
C GLN A 213 -5.41 -14.17 21.88
N MET A 214 -5.12 -14.69 20.69
CA MET A 214 -5.30 -14.00 19.46
C MET A 214 -6.80 -13.74 19.24
N GLY A 215 -7.17 -12.47 19.24
CA GLY A 215 -8.55 -12.09 18.94
C GLY A 215 -9.37 -11.71 20.25
N LEU A 216 -8.66 -11.73 21.40
CA LEU A 216 -9.21 -11.23 22.67
C LEU A 216 -8.73 -9.77 22.90
N ILE A 217 -9.57 -8.96 23.60
CA ILE A 217 -9.21 -7.66 24.08
C ILE A 217 -8.19 -7.67 25.19
N TYR A 218 -8.47 -8.42 26.28
CA TYR A 218 -7.49 -8.61 27.37
C TYR A 218 -7.35 -10.06 27.72
N VAL A 219 -8.29 -10.57 28.44
CA VAL A 219 -8.19 -11.93 29.02
C VAL A 219 -9.39 -12.79 28.61
N ASN A 220 -9.28 -14.08 28.97
CA ASN A 220 -10.31 -15.10 28.68
C ASN A 220 -11.31 -15.02 29.89
N PRO A 221 -12.61 -14.79 29.61
CA PRO A 221 -13.55 -14.59 30.69
C PRO A 221 -13.86 -15.93 31.46
N GLU A 222 -13.50 -17.08 30.84
CA GLU A 222 -13.58 -18.35 31.61
C GLU A 222 -12.43 -18.59 32.56
N GLY A 223 -11.28 -17.93 32.34
CA GLY A 223 -10.05 -18.18 33.06
C GLY A 223 -8.89 -18.46 32.11
N PRO A 224 -7.68 -18.59 32.64
CA PRO A 224 -6.49 -18.71 31.77
C PRO A 224 -6.57 -19.96 30.96
N ASP A 225 -6.53 -19.81 29.61
CA ASP A 225 -6.65 -20.91 28.66
C ASP A 225 -7.84 -21.73 29.00
N GLY A 226 -8.86 -21.09 29.51
CA GLY A 226 -10.16 -21.75 29.79
C GLY A 226 -10.31 -22.36 31.19
N ASN A 227 -9.33 -22.27 32.04
CA ASN A 227 -9.32 -22.91 33.36
C ASN A 227 -10.00 -21.97 34.34
N PRO A 228 -11.15 -22.33 34.89
CA PRO A 228 -11.95 -21.35 35.67
C PRO A 228 -11.51 -21.20 37.09
N ASP A 229 -10.34 -20.63 37.23
CA ASP A 229 -9.73 -20.36 38.50
C ASP A 229 -9.59 -18.77 38.63
N PRO A 230 -10.38 -18.16 39.52
CA PRO A 230 -10.37 -16.70 39.64
C PRO A 230 -9.05 -16.15 40.08
N VAL A 231 -8.30 -16.94 40.87
CA VAL A 231 -7.04 -16.47 41.40
C VAL A 231 -6.00 -16.34 40.26
N ALA A 232 -5.92 -17.41 39.48
CA ALA A 232 -5.06 -17.42 38.32
C ALA A 232 -5.55 -16.40 37.26
N ALA A 233 -6.85 -16.25 37.08
CA ALA A 233 -7.35 -15.27 36.12
C ALA A 233 -6.90 -13.89 36.51
N ALA A 234 -6.89 -13.61 37.81
CA ALA A 234 -6.45 -12.31 38.28
C ALA A 234 -5.05 -11.92 37.83
N ARG A 235 -4.17 -12.91 37.74
N ARG A 235 -4.17 -12.91 37.74
CA ARG A 235 -2.80 -12.68 37.32
CA ARG A 235 -2.80 -12.67 37.31
C ARG A 235 -2.77 -12.16 35.88
C ARG A 235 -2.77 -12.15 35.88
N ASP A 236 -3.58 -12.78 35.03
CA ASP A 236 -3.68 -12.39 33.61
C ASP A 236 -4.35 -10.99 33.49
N ILE A 237 -5.33 -10.72 34.34
CA ILE A 237 -6.03 -9.42 34.38
C ILE A 237 -5.00 -8.35 34.72
N ARG A 238 -4.23 -8.54 35.79
CA ARG A 238 -3.31 -7.55 36.22
C ARG A 238 -2.23 -7.26 35.18
N ASP A 239 -1.74 -8.35 34.58
CA ASP A 239 -0.67 -8.18 33.55
C ASP A 239 -1.17 -7.45 32.28
N THR A 240 -2.27 -7.90 31.74
CA THR A 240 -2.82 -7.32 30.57
C THR A 240 -3.25 -5.88 30.76
N PHE A 241 -3.93 -5.59 31.89
CA PHE A 241 -4.35 -4.19 32.15
C PHE A 241 -3.10 -3.32 32.37
N ALA A 242 -2.05 -3.82 33.01
CA ALA A 242 -0.84 -2.99 33.16
C ALA A 242 -0.24 -2.64 31.79
N ARG A 243 -0.34 -3.60 30.90
CA ARG A 243 0.13 -3.43 29.51
C ARG A 243 -0.77 -2.54 28.70
N MET A 244 -1.92 -2.17 29.27
CA MET A 244 -2.81 -1.15 28.70
C MET A 244 -2.84 0.15 29.54
N ALA A 245 -1.83 0.30 30.40
CA ALA A 245 -1.58 1.46 31.25
C ALA A 245 -2.54 1.64 32.42
N MET A 246 -3.16 0.57 32.92
CA MET A 246 -4.06 0.66 34.01
C MET A 246 -3.48 -0.09 35.25
N ASN A 247 -3.57 0.58 36.37
CA ASN A 247 -3.15 0.01 37.64
C ASN A 247 -4.29 -0.82 38.34
N ASP A 248 -4.06 -1.28 39.55
CA ASP A 248 -5.06 -2.12 40.20
C ASP A 248 -6.38 -1.36 40.47
N GLU A 249 -6.32 -0.18 41.00
CA GLU A 249 -7.49 0.59 41.29
C GLU A 249 -8.29 0.86 40.04
N GLU A 250 -7.62 1.27 39.00
CA GLU A 250 -8.29 1.55 37.76
C GLU A 250 -8.91 0.31 37.16
N THR A 251 -8.15 -0.79 37.19
CA THR A 251 -8.67 -2.09 36.70
C THR A 251 -9.99 -2.57 37.39
N VAL A 252 -9.97 -2.54 38.72
CA VAL A 252 -11.18 -2.91 39.44
C VAL A 252 -12.30 -1.94 39.14
N ALA A 253 -12.00 -0.64 39.12
CA ALA A 253 -13.07 0.32 38.81
C ALA A 253 -13.71 0.09 37.42
N LEU A 254 -12.85 -0.21 36.39
CA LEU A 254 -13.32 -0.43 35.07
C LEU A 254 -14.16 -1.68 34.94
N ILE A 255 -13.69 -2.79 35.53
CA ILE A 255 -14.38 -4.06 35.28
C ILE A 255 -15.72 -4.07 36.03
N ALA A 256 -15.71 -3.67 37.30
CA ALA A 256 -16.94 -3.57 38.07
C ALA A 256 -17.88 -2.53 37.59
N GLY A 257 -17.32 -1.41 37.08
CA GLY A 257 -18.12 -0.34 36.49
C GLY A 257 -18.81 -0.78 35.24
N GLY A 258 -18.07 -1.44 34.35
CA GLY A 258 -18.66 -1.94 33.09
C GLY A 258 -19.76 -2.97 33.37
N HIS A 259 -19.43 -3.86 34.27
CA HIS A 259 -20.32 -5.01 34.60
C HIS A 259 -21.44 -4.65 35.56
N THR A 260 -21.61 -3.36 35.82
CA THR A 260 -22.84 -2.84 36.43
C THR A 260 -23.97 -2.87 35.42
N PHE A 261 -23.60 -2.90 34.13
CA PHE A 261 -24.56 -2.76 33.06
C PHE A 261 -24.74 -3.97 32.18
N GLY A 262 -25.96 -4.19 31.74
CA GLY A 262 -26.13 -5.07 30.60
C GLY A 262 -26.03 -6.58 30.91
N LYS A 263 -25.63 -7.37 29.93
CA LYS A 263 -25.54 -8.80 30.05
C LYS A 263 -24.63 -9.37 28.99
N THR A 264 -24.25 -10.60 29.18
CA THR A 264 -23.59 -11.43 28.18
C THR A 264 -24.62 -12.22 27.38
N HIS A 265 -24.18 -12.91 26.32
CA HIS A 265 -25.15 -13.58 25.41
C HIS A 265 -24.60 -14.96 25.06
N GLY A 266 -25.33 -15.99 25.50
CA GLY A 266 -24.89 -17.38 25.27
C GLY A 266 -26.07 -18.37 25.26
N ALA A 267 -27.13 -18.00 24.53
CA ALA A 267 -28.44 -18.65 24.75
C ALA A 267 -28.47 -20.10 24.18
N GLY A 268 -27.50 -20.43 23.38
CA GLY A 268 -27.41 -21.78 22.70
C GLY A 268 -26.01 -22.06 22.25
N PRO A 269 -25.79 -23.25 21.63
CA PRO A 269 -24.43 -23.67 21.36
C PRO A 269 -23.79 -22.80 20.33
N ALA A 270 -22.51 -22.61 20.47
CA ALA A 270 -21.73 -21.71 19.61
C ALA A 270 -21.65 -22.15 18.21
N SER A 271 -21.84 -23.48 17.98
CA SER A 271 -21.77 -24.00 16.61
C SER A 271 -22.89 -23.43 15.79
N ASN A 272 -23.92 -22.85 16.37
CA ASN A 272 -24.94 -22.13 15.58
C ASN A 272 -24.46 -20.79 14.87
N VAL A 273 -23.32 -20.31 15.33
CA VAL A 273 -22.85 -18.95 14.88
C VAL A 273 -21.99 -19.08 13.68
N GLY A 274 -22.30 -18.37 12.64
CA GLY A 274 -21.60 -18.39 11.34
C GLY A 274 -20.42 -17.39 11.21
N ALA A 275 -19.96 -17.16 9.99
CA ALA A 275 -18.75 -16.50 9.73
C ALA A 275 -18.73 -15.04 10.30
N GLU A 276 -17.58 -14.69 10.78
CA GLU A 276 -17.23 -13.32 11.18
C GLU A 276 -17.33 -12.40 9.96
N PRO A 277 -17.44 -11.06 10.18
CA PRO A 277 -17.83 -10.19 9.02
C PRO A 277 -16.89 -10.26 7.84
N GLU A 278 -15.55 -10.35 8.03
CA GLU A 278 -14.60 -10.36 6.90
C GLU A 278 -14.78 -11.65 6.08
N ALA A 279 -15.41 -12.67 6.62
CA ALA A 279 -15.56 -13.97 5.95
C ALA A 279 -16.93 -14.15 5.49
N ALA A 280 -17.89 -13.33 5.88
CA ALA A 280 -19.28 -13.55 5.56
C ALA A 280 -19.59 -13.30 4.08
N GLY A 281 -20.74 -13.74 3.63
CA GLY A 281 -21.09 -13.48 2.25
C GLY A 281 -21.41 -12.01 2.00
N ILE A 282 -21.31 -11.66 0.73
CA ILE A 282 -21.57 -10.27 0.33
C ILE A 282 -22.96 -9.77 0.70
N GLU A 283 -23.96 -10.65 0.75
CA GLU A 283 -25.30 -10.26 1.10
C GLU A 283 -25.47 -9.82 2.56
N ALA A 284 -24.54 -10.23 3.42
CA ALA A 284 -24.59 -9.86 4.84
C ALA A 284 -24.25 -8.35 5.00
N GLN A 285 -23.77 -7.69 3.94
CA GLN A 285 -23.55 -6.22 3.95
C GLN A 285 -22.83 -5.73 5.18
N GLY A 286 -21.73 -6.37 5.44
CA GLY A 286 -20.81 -5.96 6.45
C GLY A 286 -21.03 -6.48 7.84
N LEU A 287 -22.09 -7.26 8.06
CA LEU A 287 -22.38 -7.84 9.32
C LEU A 287 -21.89 -9.28 9.31
N GLY A 288 -21.83 -9.87 10.47
CA GLY A 288 -21.33 -11.24 10.62
C GLY A 288 -21.97 -11.97 11.82
N TRP A 289 -21.43 -13.16 12.09
CA TRP A 289 -21.89 -14.00 13.21
C TRP A 289 -23.38 -14.28 13.17
N LYS A 290 -23.85 -14.52 11.93
CA LYS A 290 -25.24 -14.81 11.73
C LYS A 290 -25.54 -16.16 12.47
N SER A 291 -26.56 -16.15 13.29
CA SER A 291 -26.86 -17.34 14.12
C SER A 291 -28.15 -18.14 13.68
N ALA A 292 -27.95 -19.46 13.59
CA ALA A 292 -29.07 -20.38 13.24
C ALA A 292 -29.80 -20.79 14.53
N TYR A 293 -29.41 -20.26 15.70
CA TYR A 293 -30.13 -20.61 16.97
C TYR A 293 -31.42 -19.85 17.16
N ARG A 294 -32.58 -20.58 17.04
CA ARG A 294 -33.86 -19.93 17.16
C ARG A 294 -33.97 -18.66 16.35
N THR A 295 -34.35 -17.51 16.91
CA THR A 295 -34.51 -16.24 16.14
C THR A 295 -33.15 -15.64 15.79
N GLY A 296 -32.09 -16.13 16.36
CA GLY A 296 -30.73 -15.60 16.00
C GLY A 296 -30.36 -14.26 16.67
N LYS A 297 -31.17 -13.77 17.54
CA LYS A 297 -31.04 -12.40 18.12
C LYS A 297 -31.87 -12.27 19.37
N GLY A 298 -31.72 -11.12 20.08
CA GLY A 298 -32.59 -10.80 21.19
C GLY A 298 -32.46 -11.88 22.28
N ALA A 299 -33.59 -12.45 22.68
CA ALA A 299 -33.58 -13.53 23.71
C ALA A 299 -32.74 -14.73 23.34
N ASP A 300 -32.54 -14.98 22.06
CA ASP A 300 -31.79 -16.06 21.55
C ASP A 300 -30.34 -15.71 21.18
N ALA A 301 -29.90 -14.49 21.52
CA ALA A 301 -28.53 -14.10 21.08
C ALA A 301 -27.42 -14.89 21.63
N ILE A 302 -26.46 -15.13 20.77
CA ILE A 302 -25.19 -15.74 21.14
C ILE A 302 -24.03 -14.84 20.66
N THR A 303 -23.24 -14.40 21.62
CA THR A 303 -22.10 -13.55 21.37
C THR A 303 -20.82 -14.20 21.89
N SER A 304 -20.58 -14.23 23.19
CA SER A 304 -19.45 -14.85 23.71
C SER A 304 -19.71 -16.38 24.01
N GLY A 305 -20.95 -16.78 24.16
CA GLY A 305 -21.18 -18.09 24.71
C GLY A 305 -21.50 -18.13 26.17
N LEU A 306 -21.25 -17.07 26.91
CA LEU A 306 -21.54 -16.95 28.31
C LEU A 306 -22.94 -16.38 28.46
N GLU A 307 -23.60 -16.71 29.57
CA GLU A 307 -24.95 -16.21 29.80
C GLU A 307 -25.08 -15.70 31.22
N VAL A 308 -24.65 -14.50 31.46
CA VAL A 308 -24.51 -13.82 32.78
C VAL A 308 -25.19 -12.46 32.69
N THR A 309 -25.96 -12.10 33.72
CA THR A 309 -26.53 -10.80 33.89
C THR A 309 -26.18 -10.43 35.31
N TRP A 310 -25.36 -9.37 35.49
CA TRP A 310 -24.79 -9.06 36.74
C TRP A 310 -25.63 -8.40 37.79
N THR A 311 -26.52 -7.50 37.42
CA THR A 311 -27.21 -6.73 38.44
C THR A 311 -28.76 -6.84 38.30
N THR A 312 -29.42 -6.37 39.37
CA THR A 312 -30.93 -6.35 39.37
C THR A 312 -31.48 -5.21 38.59
N THR A 313 -30.64 -4.27 38.13
CA THR A 313 -31.09 -3.16 37.31
C THR A 313 -30.04 -2.92 36.19
N PRO A 314 -30.05 -3.79 35.17
CA PRO A 314 -29.00 -3.73 34.15
C PRO A 314 -28.99 -2.46 33.37
N THR A 315 -30.04 -1.63 33.46
CA THR A 315 -30.08 -0.42 32.66
C THR A 315 -30.01 0.81 33.58
N GLN A 316 -29.48 0.66 34.76
CA GLN A 316 -29.33 1.78 35.70
C GLN A 316 -28.05 1.63 36.51
N TRP A 317 -27.30 2.72 36.62
CA TRP A 317 -26.13 2.74 37.47
C TRP A 317 -26.56 2.39 38.95
N SER A 318 -25.78 1.60 39.63
CA SER A 318 -26.08 1.12 40.96
C SER A 318 -24.75 0.73 41.60
N HIS A 319 -24.80 0.25 42.85
CA HIS A 319 -23.71 -0.43 43.48
C HIS A 319 -24.05 -1.92 43.73
N ASN A 320 -24.83 -2.50 42.79
CA ASN A 320 -25.36 -3.86 42.95
C ASN A 320 -24.31 -4.92 42.46
N PHE A 321 -23.27 -4.53 41.66
CA PHE A 321 -22.26 -5.48 41.29
C PHE A 321 -21.51 -5.97 42.55
N PHE A 322 -21.02 -5.05 43.34
CA PHE A 322 -20.31 -5.40 44.56
C PHE A 322 -21.25 -5.98 45.65
N GLU A 323 -22.49 -5.52 45.68
CA GLU A 323 -23.44 -6.18 46.62
C GLU A 323 -23.54 -7.60 46.32
N ASN A 324 -23.68 -8.00 45.03
CA ASN A 324 -23.83 -9.37 44.65
C ASN A 324 -22.50 -10.06 44.82
N LEU A 325 -21.39 -9.43 44.43
CA LEU A 325 -20.14 -10.14 44.44
C LEU A 325 -19.81 -10.62 45.89
N PHE A 326 -20.03 -9.73 46.83
CA PHE A 326 -19.67 -10.01 48.24
C PHE A 326 -20.82 -10.66 49.00
N GLY A 327 -22.06 -10.43 48.59
CA GLY A 327 -23.32 -10.89 49.32
C GLY A 327 -23.64 -12.37 49.06
N TYR A 328 -23.05 -13.04 48.12
CA TYR A 328 -23.28 -14.46 47.79
C TYR A 328 -22.01 -15.28 47.73
N GLU A 329 -22.13 -16.62 47.89
CA GLU A 329 -21.12 -17.56 47.55
C GLU A 329 -21.42 -18.09 46.17
N TRP A 330 -20.40 -18.45 45.41
CA TRP A 330 -20.50 -18.71 44.00
C TRP A 330 -20.19 -20.16 43.63
N GLU A 331 -20.98 -20.71 42.71
CA GLU A 331 -20.83 -22.04 42.26
C GLU A 331 -20.55 -22.15 40.81
N LEU A 332 -19.57 -23.00 40.48
CA LEU A 332 -19.21 -23.23 39.09
C LEU A 332 -20.25 -23.93 38.32
N THR A 333 -20.65 -23.41 37.16
CA THR A 333 -21.71 -23.92 36.36
C THR A 333 -21.34 -23.74 34.86
N LYS A 334 -22.28 -24.06 33.97
CA LYS A 334 -22.10 -23.90 32.57
C LYS A 334 -23.21 -23.16 31.96
N SER A 335 -22.88 -22.36 30.91
CA SER A 335 -23.93 -21.68 30.22
C SER A 335 -24.63 -22.66 29.28
N PRO A 336 -25.68 -22.22 28.58
CA PRO A 336 -26.25 -23.11 27.54
C PRO A 336 -25.38 -23.41 26.38
N ALA A 337 -24.28 -22.66 26.17
CA ALA A 337 -23.31 -22.99 25.14
C ALA A 337 -22.17 -23.82 25.66
N GLY A 338 -22.18 -24.12 26.94
CA GLY A 338 -21.09 -24.91 27.52
C GLY A 338 -19.93 -24.18 28.10
N ALA A 339 -20.00 -22.84 28.22
CA ALA A 339 -18.91 -22.10 28.80
C ALA A 339 -18.97 -22.09 30.33
N HIS A 340 -17.81 -22.08 30.97
CA HIS A 340 -17.75 -21.99 32.41
C HIS A 340 -18.18 -20.58 32.91
N GLN A 341 -19.01 -20.55 33.92
CA GLN A 341 -19.45 -19.34 34.54
C GLN A 341 -20.00 -19.67 35.94
N TRP A 342 -20.43 -18.66 36.69
CA TRP A 342 -20.70 -18.88 38.15
C TRP A 342 -22.08 -18.42 38.49
N VAL A 343 -22.74 -19.09 39.45
CA VAL A 343 -24.08 -18.76 39.83
C VAL A 343 -24.12 -18.66 41.38
N ALA A 344 -24.93 -17.77 41.89
CA ALA A 344 -25.03 -17.52 43.30
C ALA A 344 -25.79 -18.72 43.98
N LYS A 345 -25.11 -19.28 44.95
CA LYS A 345 -25.65 -20.41 45.76
C LYS A 345 -26.86 -19.92 46.57
N GLY A 346 -27.92 -20.72 46.46
CA GLY A 346 -29.13 -20.52 47.21
C GLY A 346 -29.87 -19.21 46.98
N ALA A 347 -29.58 -18.52 45.88
CA ALA A 347 -30.15 -17.21 45.78
C ALA A 347 -31.60 -17.34 45.22
N ASP A 348 -32.38 -16.34 45.49
CA ASP A 348 -33.64 -16.08 44.81
C ASP A 348 -33.45 -15.55 43.39
N ALA A 349 -34.49 -15.71 42.60
CA ALA A 349 -34.52 -15.22 41.22
C ALA A 349 -34.84 -13.73 41.31
N VAL A 350 -33.77 -12.89 41.37
CA VAL A 350 -33.95 -11.43 41.56
C VAL A 350 -33.46 -10.61 40.31
N ILE A 351 -32.83 -11.29 39.35
CA ILE A 351 -32.26 -10.58 38.20
C ILE A 351 -33.31 -10.58 37.09
N PRO A 352 -33.65 -9.42 36.51
CA PRO A 352 -34.63 -9.48 35.46
C PRO A 352 -34.16 -10.13 34.20
N ASP A 353 -35.14 -10.72 33.49
CA ASP A 353 -34.90 -11.25 32.18
C ASP A 353 -34.92 -10.12 31.12
N ALA A 354 -34.11 -10.27 30.05
CA ALA A 354 -33.97 -9.18 29.05
C ALA A 354 -35.20 -8.98 28.19
N PHE A 355 -36.08 -10.03 28.07
CA PHE A 355 -37.28 -9.85 27.20
C PHE A 355 -38.65 -10.29 27.81
N ASP A 356 -38.62 -11.13 28.81
CA ASP A 356 -39.90 -11.73 29.34
C ASP A 356 -40.10 -11.15 30.73
N PRO A 357 -41.04 -10.23 30.90
CA PRO A 357 -41.20 -9.62 32.22
C PRO A 357 -41.76 -10.58 33.28
N SER A 358 -42.11 -11.78 32.94
CA SER A 358 -42.63 -12.66 34.01
C SER A 358 -41.47 -13.54 34.49
N LYS A 359 -40.24 -13.41 33.95
CA LYS A 359 -39.14 -14.33 34.32
C LYS A 359 -38.03 -13.59 35.08
N LYS A 360 -37.46 -14.24 36.08
CA LYS A 360 -36.30 -13.68 36.81
C LYS A 360 -35.27 -14.75 36.91
N HIS A 361 -34.05 -14.35 37.23
CA HIS A 361 -32.94 -15.29 37.30
C HIS A 361 -32.12 -15.07 38.51
N ARG A 362 -31.26 -16.08 38.81
CA ARG A 362 -30.36 -15.94 39.95
C ARG A 362 -29.16 -15.01 39.49
N PRO A 363 -28.49 -14.42 40.43
CA PRO A 363 -27.18 -13.69 40.11
C PRO A 363 -26.17 -14.61 39.58
N THR A 364 -25.42 -14.17 38.58
CA THR A 364 -24.35 -14.86 37.95
C THR A 364 -23.13 -13.92 37.84
N MET A 365 -21.98 -14.53 37.64
CA MET A 365 -20.70 -13.91 37.56
C MET A 365 -19.78 -14.67 36.59
N LEU A 366 -18.83 -13.93 35.92
CA LEU A 366 -17.72 -14.53 35.23
C LEU A 366 -16.61 -14.88 36.21
N THR A 367 -15.82 -15.86 35.84
CA THR A 367 -14.60 -16.20 36.54
C THR A 367 -13.77 -14.89 36.86
N THR A 368 -13.62 -14.04 35.84
CA THR A 368 -12.85 -12.81 35.91
C THR A 368 -13.52 -11.75 36.78
N ASP A 369 -14.85 -11.78 36.98
CA ASP A 369 -15.47 -10.97 37.97
C ASP A 369 -15.06 -11.42 39.36
N LEU A 370 -15.03 -12.76 39.57
CA LEU A 370 -14.68 -13.29 40.90
C LEU A 370 -13.25 -13.00 41.27
N SER A 371 -12.37 -12.81 40.25
CA SER A 371 -11.00 -12.30 40.47
C SER A 371 -11.01 -11.11 41.40
N LEU A 372 -12.00 -10.26 41.22
CA LEU A 372 -12.03 -9.01 41.95
C LEU A 372 -12.19 -9.19 43.49
N ARG A 373 -12.80 -10.31 43.82
CA ARG A 373 -12.91 -10.74 45.24
C ARG A 373 -11.87 -11.73 45.74
N PHE A 374 -11.39 -12.60 44.91
CA PHE A 374 -10.44 -13.67 45.34
C PHE A 374 -8.98 -13.39 45.19
N ASP A 375 -8.60 -12.36 44.43
CA ASP A 375 -7.23 -11.90 44.43
C ASP A 375 -7.10 -10.98 45.63
N PRO A 376 -6.06 -11.16 46.46
CA PRO A 376 -6.04 -10.40 47.67
C PRO A 376 -5.88 -8.88 47.52
N ALA A 377 -5.13 -8.44 46.52
CA ALA A 377 -5.00 -7.01 46.36
C ALA A 377 -6.27 -6.39 45.75
N TYR A 378 -6.91 -7.09 44.79
CA TYR A 378 -8.18 -6.61 44.28
C TYR A 378 -9.25 -6.55 45.36
N GLU A 379 -9.27 -7.55 46.22
CA GLU A 379 -10.29 -7.65 47.22
C GLU A 379 -10.30 -6.43 48.11
N LYS A 380 -9.18 -5.91 48.46
CA LYS A 380 -9.11 -4.73 49.31
C LYS A 380 -9.73 -3.49 48.63
N ILE A 381 -9.44 -3.38 47.32
CA ILE A 381 -10.01 -2.24 46.57
C ILE A 381 -11.56 -2.43 46.36
N SER A 382 -11.94 -3.63 45.98
CA SER A 382 -13.31 -3.98 45.80
C SER A 382 -14.11 -3.76 47.08
N ARG A 383 -13.55 -4.10 48.22
CA ARG A 383 -14.24 -3.82 49.49
C ARG A 383 -14.41 -2.40 49.74
N ARG A 384 -13.40 -1.59 49.49
CA ARG A 384 -13.48 -0.15 49.67
C ARG A 384 -14.57 0.43 48.78
N PHE A 385 -14.58 -0.02 47.51
CA PHE A 385 -15.62 0.40 46.60
C PHE A 385 -17.00 -0.03 46.99
N HIS A 386 -17.13 -1.23 47.54
CA HIS A 386 -18.42 -1.75 48.01
C HIS A 386 -18.95 -0.88 49.17
N GLU A 387 -18.07 -0.63 50.13
CA GLU A 387 -18.39 0.22 51.27
C GLU A 387 -18.59 1.68 50.94
N ASN A 388 -17.93 2.17 49.91
CA ASN A 388 -17.95 3.60 49.58
C ASN A 388 -18.26 3.75 48.08
N PRO A 389 -19.51 3.57 47.67
CA PRO A 389 -19.77 3.52 46.21
C PRO A 389 -19.51 4.88 45.57
N GLU A 390 -19.49 5.98 46.33
CA GLU A 390 -19.09 7.29 45.73
C GLU A 390 -17.60 7.29 45.28
N GLN A 391 -16.81 6.59 45.98
CA GLN A 391 -15.37 6.38 45.62
C GLN A 391 -15.27 5.55 44.35
N PHE A 392 -16.06 4.50 44.30
CA PHE A 392 -16.18 3.68 43.13
C PHE A 392 -16.62 4.51 41.90
N ALA A 393 -17.63 5.34 42.02
CA ALA A 393 -18.14 6.09 40.95
C ALA A 393 -17.04 7.04 40.44
N ASP A 394 -16.36 7.70 41.32
CA ASP A 394 -15.31 8.65 40.88
C ASP A 394 -14.15 7.94 40.20
N ALA A 395 -13.72 6.85 40.78
CA ALA A 395 -12.65 6.05 40.15
C ALA A 395 -13.00 5.54 38.79
N PHE A 396 -14.22 5.04 38.65
CA PHE A 396 -14.71 4.56 37.36
C PHE A 396 -14.75 5.70 36.40
N ALA A 397 -15.25 6.86 36.76
CA ALA A 397 -15.39 7.94 35.81
C ALA A 397 -13.99 8.37 35.30
N ARG A 398 -13.05 8.48 36.23
CA ARG A 398 -11.68 8.85 35.87
C ARG A 398 -11.04 7.82 34.97
N ALA A 399 -11.22 6.57 35.32
CA ALA A 399 -10.64 5.46 34.54
C ALA A 399 -11.29 5.32 33.17
N TRP A 400 -12.59 5.54 33.09
CA TRP A 400 -13.27 5.46 31.80
C TRP A 400 -12.77 6.63 30.89
N PHE A 401 -12.57 7.80 31.45
CA PHE A 401 -11.97 8.92 30.64
C PHE A 401 -10.55 8.53 30.15
N LYS A 402 -9.72 8.06 31.05
CA LYS A 402 -8.36 7.60 30.69
C LYS A 402 -8.33 6.54 29.62
N LEU A 403 -9.14 5.49 29.84
CA LEU A 403 -9.29 4.41 28.89
C LEU A 403 -9.56 4.97 27.48
N THR A 404 -10.55 5.85 27.38
CA THR A 404 -11.06 6.27 26.09
C THR A 404 -10.30 7.44 25.45
N HIS A 405 -9.36 8.04 26.23
CA HIS A 405 -8.53 9.17 25.71
C HIS A 405 -7.02 8.84 25.74
N ARG A 406 -6.60 7.65 26.19
CA ARG A 406 -5.21 7.41 26.47
CA ARG A 406 -5.21 7.36 26.44
C ARG A 406 -4.31 7.51 25.25
N ASP A 407 -4.82 7.33 24.08
CA ASP A 407 -4.10 7.46 22.81
C ASP A 407 -4.31 8.73 22.04
N MET A 408 -4.94 9.73 22.63
CA MET A 408 -5.31 10.95 21.94
C MET A 408 -4.18 11.97 21.86
N GLY A 409 -3.17 11.78 22.63
CA GLY A 409 -2.04 12.71 22.63
C GLY A 409 -2.16 13.92 23.51
N PRO A 410 -1.39 14.90 23.15
CA PRO A 410 -1.39 16.11 24.05
C PRO A 410 -2.79 16.72 24.16
N ARG A 411 -3.05 17.35 25.32
CA ARG A 411 -4.31 18.06 25.55
C ARG A 411 -4.66 19.10 24.54
N ALA A 412 -3.72 19.62 23.86
CA ALA A 412 -4.00 20.50 22.75
C ALA A 412 -4.82 19.90 21.65
N ARG A 413 -4.87 18.57 21.48
CA ARG A 413 -5.66 17.99 20.46
C ARG A 413 -7.15 17.78 20.88
N TYR A 414 -7.40 17.95 22.26
CA TYR A 414 -8.78 17.82 22.70
C TYR A 414 -9.65 18.93 22.12
N LEU A 415 -10.85 18.51 21.67
CA LEU A 415 -11.81 19.42 21.19
C LEU A 415 -13.15 19.41 21.86
N GLY A 416 -13.85 20.53 21.81
CA GLY A 416 -15.25 20.58 22.20
C GLY A 416 -15.53 21.14 23.58
N PRO A 417 -16.77 21.15 23.95
CA PRO A 417 -17.23 21.86 25.17
C PRO A 417 -17.26 20.97 26.36
N GLU A 418 -16.87 19.68 26.27
CA GLU A 418 -16.89 18.83 27.46
C GLU A 418 -15.53 18.30 27.92
N VAL A 419 -14.47 19.00 27.49
CA VAL A 419 -13.13 18.59 27.84
C VAL A 419 -12.88 18.84 29.33
N PRO A 420 -12.40 17.90 30.09
CA PRO A 420 -12.29 18.19 31.54
C PRO A 420 -11.11 19.19 31.72
N ALA A 421 -11.33 20.16 32.61
CA ALA A 421 -10.26 21.15 32.93
C ALA A 421 -9.13 20.56 33.76
N GLU A 422 -9.41 19.54 34.56
CA GLU A 422 -8.38 18.94 35.39
C GLU A 422 -7.29 18.29 34.54
N VAL A 423 -6.05 18.62 34.84
CA VAL A 423 -4.91 18.11 34.16
C VAL A 423 -4.44 16.88 34.83
N LEU A 424 -4.29 15.75 34.09
CA LEU A 424 -4.01 14.49 34.67
C LEU A 424 -2.57 14.09 34.36
N LEU A 425 -1.94 13.44 35.28
CA LEU A 425 -0.53 13.12 35.13
C LEU A 425 -0.25 12.23 33.98
N TRP A 426 -1.18 11.31 33.68
CA TRP A 426 -0.99 10.40 32.55
C TRP A 426 -0.92 11.10 31.23
N GLN A 427 -1.45 12.35 31.15
CA GLN A 427 -1.46 13.13 29.89
C GLN A 427 -0.03 13.68 29.52
N ASP A 428 0.95 13.45 30.38
CA ASP A 428 2.30 14.01 30.16
C ASP A 428 2.27 15.55 29.95
N PRO A 429 1.65 16.26 30.89
CA PRO A 429 1.18 17.57 30.57
C PRO A 429 2.39 18.58 30.37
N ILE A 430 2.11 19.57 29.60
CA ILE A 430 3.06 20.64 29.22
C ILE A 430 2.45 21.96 29.76
N PRO A 431 3.15 22.71 30.55
CA PRO A 431 2.61 24.02 31.07
C PRO A 431 2.25 24.97 29.95
N ALA A 432 1.28 25.83 30.21
CA ALA A 432 0.91 26.87 29.27
C ALA A 432 2.04 27.85 29.10
N VAL A 433 2.15 28.45 27.94
CA VAL A 433 3.18 29.52 27.80
C VAL A 433 2.46 30.81 28.08
N ASP A 434 3.02 31.63 28.88
CA ASP A 434 2.35 32.90 29.38
C ASP A 434 3.30 34.10 29.14
N HIS A 435 4.15 34.07 28.06
CA HIS A 435 5.12 35.16 27.79
C HIS A 435 5.35 35.25 26.27
N PRO A 436 5.87 36.36 25.80
CA PRO A 436 6.22 36.44 24.36
C PRO A 436 7.30 35.45 23.98
N LEU A 437 7.21 34.99 22.72
CA LEU A 437 8.17 34.03 22.17
C LEU A 437 9.25 34.76 21.44
N ILE A 438 10.39 34.10 21.34
CA ILE A 438 11.50 34.60 20.54
C ILE A 438 11.07 34.75 19.08
N ASP A 439 11.67 35.77 18.46
CA ASP A 439 11.42 36.02 17.01
C ASP A 439 12.57 35.55 16.18
N ALA A 440 12.56 35.82 14.85
CA ALA A 440 13.53 35.21 13.93
C ALA A 440 14.94 35.74 14.30
N ALA A 441 15.01 37.01 14.66
CA ALA A 441 16.31 37.60 15.00
C ALA A 441 16.87 36.99 16.26
N ASP A 442 16.00 36.76 17.26
CA ASP A 442 16.38 36.10 18.54
C ASP A 442 16.92 34.72 18.23
N ALA A 443 16.21 34.00 17.35
CA ALA A 443 16.60 32.63 16.98
C ALA A 443 18.00 32.64 16.38
N ALA A 444 18.26 33.59 15.45
CA ALA A 444 19.59 33.71 14.84
C ALA A 444 20.67 34.02 15.87
N GLU A 445 20.35 34.88 16.84
CA GLU A 445 21.28 35.23 17.91
C GLU A 445 21.59 34.00 18.71
N LEU A 446 20.52 33.27 19.10
CA LEU A 446 20.75 32.00 19.88
C LEU A 446 21.55 30.95 19.15
N LYS A 447 21.30 30.72 17.84
CA LYS A 447 22.03 29.70 17.05
C LYS A 447 23.55 30.13 17.06
N ALA A 448 23.79 31.44 16.93
CA ALA A 448 25.24 31.87 16.87
C ALA A 448 25.92 31.61 18.27
N LYS A 449 25.23 31.91 19.35
CA LYS A 449 25.71 31.70 20.71
C LYS A 449 25.96 30.23 20.93
N VAL A 450 25.02 29.36 20.46
CA VAL A 450 25.24 27.96 20.59
C VAL A 450 26.52 27.49 19.86
N LEU A 451 26.71 27.93 18.64
CA LEU A 451 27.87 27.57 17.78
C LEU A 451 29.22 28.12 18.42
N ALA A 452 29.10 29.26 19.04
CA ALA A 452 30.29 29.95 19.65
C ALA A 452 30.62 29.28 20.96
N SER A 453 29.75 28.48 21.57
CA SER A 453 30.00 27.89 22.84
C SER A 453 31.04 26.79 22.73
N GLY A 454 31.30 26.27 21.54
CA GLY A 454 32.18 25.13 21.32
C GLY A 454 31.43 23.74 21.24
N LEU A 455 30.11 23.75 21.46
CA LEU A 455 29.36 22.46 21.20
C LEU A 455 29.55 22.04 19.76
N THR A 456 29.74 20.78 19.52
CA THR A 456 30.01 20.33 18.17
C THR A 456 28.69 19.98 17.39
N VAL A 457 28.81 19.88 16.09
CA VAL A 457 27.68 19.41 15.25
C VAL A 457 27.18 18.13 15.83
N SER A 458 28.07 17.16 16.08
CA SER A 458 27.63 15.91 16.63
C SER A 458 26.90 15.98 17.92
N GLN A 459 27.37 16.79 18.87
CA GLN A 459 26.67 16.95 20.10
C GLN A 459 25.25 17.62 19.95
N LEU A 460 25.19 18.58 19.10
CA LEU A 460 23.96 19.38 18.92
C LEU A 460 22.90 18.47 18.20
N VAL A 461 23.31 17.80 17.16
CA VAL A 461 22.41 16.93 16.38
C VAL A 461 21.92 15.77 17.23
N SER A 462 22.88 15.13 17.97
CA SER A 462 22.53 14.01 18.75
C SER A 462 21.55 14.40 19.86
N THR A 463 21.78 15.53 20.51
CA THR A 463 20.93 15.93 21.64
C THR A 463 19.47 16.23 21.17
N ALA A 464 19.41 16.95 20.05
CA ALA A 464 18.04 17.31 19.49
C ALA A 464 17.35 16.05 19.01
N TRP A 465 18.10 15.18 18.38
CA TRP A 465 17.51 13.87 17.92
C TRP A 465 16.96 13.10 19.09
N ALA A 466 17.78 12.99 20.14
CA ALA A 466 17.35 12.26 21.38
C ALA A 466 16.08 12.82 22.00
N ALA A 467 15.95 14.16 22.01
CA ALA A 467 14.80 14.77 22.60
C ALA A 467 13.58 14.57 21.72
N ALA A 468 13.69 14.75 20.36
CA ALA A 468 12.50 14.80 19.51
C ALA A 468 12.01 13.42 19.11
N SER A 469 12.90 12.43 19.09
CA SER A 469 12.59 11.17 18.42
C SER A 469 11.93 10.17 19.31
N THR A 470 11.57 10.60 20.56
CA THR A 470 10.73 9.77 21.44
C THR A 470 9.24 9.78 21.02
N PHE A 471 8.90 10.68 20.10
CA PHE A 471 7.54 10.70 19.60
C PHE A 471 7.12 9.44 18.95
N ARG A 472 5.86 9.07 19.16
CA ARG A 472 5.29 7.93 18.35
C ARG A 472 3.88 8.33 17.97
N GLY A 473 3.56 8.15 16.70
CA GLY A 473 2.28 8.57 16.15
C GLY A 473 1.12 7.64 16.59
N SER A 474 1.45 6.47 17.08
CA SER A 474 0.45 5.49 17.48
C SER A 474 -0.47 5.99 18.61
N ASP A 475 0.17 6.59 19.63
CA ASP A 475 -0.57 7.31 20.69
C ASP A 475 -0.22 8.77 20.94
N LYS A 476 0.55 9.34 20.05
CA LYS A 476 0.97 10.71 20.05
C LYS A 476 1.64 11.14 21.33
N ARG A 477 2.29 10.18 21.98
CA ARG A 477 3.18 10.50 23.11
C ARG A 477 4.59 10.75 22.66
N GLY A 478 5.33 11.40 23.54
CA GLY A 478 6.73 11.73 23.30
C GLY A 478 6.94 12.98 22.45
N GLY A 479 8.17 13.23 22.12
CA GLY A 479 8.63 14.40 21.39
C GLY A 479 9.40 15.38 22.26
N ALA A 480 9.89 16.43 21.61
CA ALA A 480 10.77 17.38 22.35
C ALA A 480 10.05 18.42 23.20
N ASN A 481 8.74 18.63 22.99
CA ASN A 481 7.99 19.53 23.81
C ASN A 481 8.11 18.98 25.31
N GLY A 482 8.21 19.87 26.25
CA GLY A 482 8.42 19.49 27.65
C GLY A 482 9.82 19.48 28.19
N ALA A 483 10.81 19.35 27.33
CA ALA A 483 12.20 19.14 27.71
C ALA A 483 12.35 18.03 28.76
N ARG A 484 11.68 16.94 28.52
CA ARG A 484 11.72 15.84 29.43
C ARG A 484 13.01 15.05 29.32
N ILE A 485 13.82 15.41 28.33
CA ILE A 485 15.13 14.82 28.16
C ILE A 485 16.02 15.17 29.37
N ARG A 486 15.72 16.27 30.02
CA ARG A 486 16.54 16.70 31.20
C ARG A 486 16.09 16.06 32.52
N LEU A 487 14.99 15.35 32.50
CA LEU A 487 14.38 14.74 33.66
C LEU A 487 14.57 13.29 33.74
N ALA A 488 14.27 12.69 34.90
CA ALA A 488 14.16 11.22 35.00
C ALA A 488 12.89 10.81 34.22
N PRO A 489 12.92 9.68 33.51
CA PRO A 489 14.06 8.80 33.30
C PRO A 489 14.85 9.04 32.06
N GLN A 490 14.40 9.98 31.19
CA GLN A 490 15.04 10.14 29.89
C GLN A 490 16.52 10.49 30.02
N LYS A 491 16.89 11.30 31.04
CA LYS A 491 18.23 11.75 31.16
C LYS A 491 19.23 10.63 31.43
N ASP A 492 18.73 9.51 31.86
CA ASP A 492 19.53 8.30 32.17
C ASP A 492 19.39 7.18 31.20
N TRP A 493 18.63 7.33 30.14
CA TRP A 493 18.56 6.25 29.14
C TRP A 493 19.85 6.08 28.45
N GLU A 494 20.27 4.82 28.31
CA GLU A 494 21.52 4.50 27.67
C GLU A 494 21.68 5.05 26.27
N ALA A 495 20.59 5.02 25.45
CA ALA A 495 20.70 5.57 24.09
C ALA A 495 20.99 7.05 24.07
N ASN A 496 20.65 7.75 25.14
CA ASN A 496 20.82 9.18 25.26
C ASN A 496 22.20 9.58 25.77
N GLN A 497 23.08 8.63 26.07
CA GLN A 497 24.47 8.91 26.44
C GLN A 497 24.57 9.84 27.65
N PRO A 498 24.16 9.34 28.80
CA PRO A 498 23.82 10.27 29.87
C PRO A 498 24.87 11.27 30.28
N GLU A 499 26.16 10.84 30.33
CA GLU A 499 27.22 11.86 30.65
C GLU A 499 27.41 12.92 29.62
N GLN A 500 27.44 12.52 28.36
CA GLN A 500 27.57 13.48 27.28
C GLN A 500 26.33 14.45 27.29
N LEU A 501 25.12 13.88 27.46
CA LEU A 501 23.89 14.68 27.49
C LEU A 501 23.97 15.73 28.58
N ALA A 502 24.30 15.27 29.78
CA ALA A 502 24.42 16.24 30.88
C ALA A 502 25.32 17.43 30.59
N ALA A 503 26.45 17.20 29.95
CA ALA A 503 27.38 18.29 29.57
C ALA A 503 26.77 19.24 28.57
N VAL A 504 26.07 18.70 27.58
CA VAL A 504 25.44 19.57 26.56
C VAL A 504 24.33 20.41 27.21
N LEU A 505 23.49 19.74 28.03
CA LEU A 505 22.39 20.44 28.69
C LEU A 505 22.89 21.59 29.67
N GLU A 506 23.97 21.32 30.35
CA GLU A 506 24.55 22.38 31.20
C GLU A 506 25.01 23.57 30.39
N THR A 507 25.62 23.34 29.23
CA THR A 507 26.00 24.41 28.39
C THR A 507 24.79 25.17 27.86
N LEU A 508 23.80 24.42 27.32
CA LEU A 508 22.64 25.14 26.80
C LEU A 508 21.89 25.90 27.89
N GLU A 509 21.81 25.33 29.13
CA GLU A 509 21.11 26.02 30.19
C GLU A 509 21.84 27.34 30.54
N ALA A 510 23.15 27.35 30.41
CA ALA A 510 23.89 28.60 30.72
C ALA A 510 23.57 29.66 29.64
N ILE A 511 23.52 29.19 28.40
CA ILE A 511 23.17 30.10 27.28
C ILE A 511 21.75 30.59 27.48
N ARG A 512 20.83 29.70 27.85
CA ARG A 512 19.49 30.11 28.09
C ARG A 512 19.35 31.21 29.24
N THR A 513 20.03 30.96 30.35
CA THR A 513 19.95 31.85 31.50
C THR A 513 20.52 33.19 31.08
N ALA A 514 21.59 33.22 30.33
CA ALA A 514 22.12 34.48 29.90
C ALA A 514 21.18 35.25 28.92
N PHE A 515 20.54 34.51 27.99
CA PHE A 515 19.63 35.19 27.12
C PHE A 515 18.42 35.67 27.85
N ASN A 516 17.82 34.84 28.71
CA ASN A 516 16.56 35.19 29.40
C ASN A 516 16.84 36.40 30.38
N GLY A 517 18.01 36.42 30.97
CA GLY A 517 18.32 37.51 31.93
C GLY A 517 18.49 38.83 31.20
N ALA A 518 18.80 38.83 29.90
CA ALA A 518 19.00 40.06 29.14
C ALA A 518 17.75 40.62 28.57
N GLN A 519 16.63 39.92 28.64
CA GLN A 519 15.48 40.37 27.92
C GLN A 519 14.67 41.42 28.67
N ARG A 520 13.86 42.16 27.88
CA ARG A 520 12.69 42.90 28.40
C ARG A 520 11.32 42.32 28.06
N GLY A 521 10.39 42.73 28.90
CA GLY A 521 8.95 42.57 28.55
C GLY A 521 8.49 41.15 28.70
N GLY A 522 9.25 40.37 29.46
CA GLY A 522 8.85 39.08 29.78
C GLY A 522 9.21 38.07 28.67
N LYS A 523 9.86 38.47 27.56
CA LYS A 523 10.28 37.45 26.56
C LYS A 523 11.27 36.48 27.19
N GLN A 524 11.08 35.17 26.94
CA GLN A 524 12.09 34.22 27.34
C GLN A 524 11.97 32.96 26.43
N VAL A 525 13.02 32.20 26.45
CA VAL A 525 13.09 30.99 25.66
C VAL A 525 13.13 29.79 26.62
N SER A 526 12.26 28.82 26.38
CA SER A 526 12.30 27.58 27.10
C SER A 526 13.51 26.69 26.74
N LEU A 527 13.92 25.84 27.67
CA LEU A 527 14.94 24.89 27.32
C LEU A 527 14.49 23.92 26.20
N ALA A 528 13.22 23.57 26.21
CA ALA A 528 12.70 22.66 25.16
C ALA A 528 12.91 23.25 23.78
N ASP A 529 12.56 24.54 23.62
CA ASP A 529 12.79 25.23 22.36
C ASP A 529 14.30 25.33 22.08
N LEU A 530 15.11 25.63 23.08
CA LEU A 530 16.54 25.81 22.82
C LEU A 530 17.23 24.56 22.45
N ILE A 531 16.84 23.43 22.96
CA ILE A 531 17.35 22.16 22.55
C ILE A 531 17.15 21.93 21.05
N VAL A 532 15.93 22.16 20.62
CA VAL A 532 15.59 22.00 19.20
C VAL A 532 16.31 23.06 18.36
N LEU A 533 16.32 24.29 18.79
CA LEU A 533 17.04 25.33 18.05
C LEU A 533 18.55 25.06 17.90
N ALA A 534 19.13 24.53 18.98
CA ALA A 534 20.56 24.17 18.96
C ALA A 534 20.82 23.05 17.98
N GLY A 535 19.90 22.09 17.88
CA GLY A 535 20.03 21.08 16.88
C GLY A 535 19.96 21.64 15.48
N CYS A 536 19.06 22.57 15.26
CA CYS A 536 18.94 23.31 13.99
C CYS A 536 20.29 24.01 13.64
N ALA A 537 20.89 24.62 14.62
CA ALA A 537 22.20 25.26 14.46
C ALA A 537 23.27 24.24 14.02
N GLY A 538 23.23 23.09 14.64
CA GLY A 538 24.10 21.98 14.24
C GLY A 538 23.95 21.56 12.82
N VAL A 539 22.68 21.41 12.36
CA VAL A 539 22.45 20.98 11.02
C VAL A 539 22.94 22.12 10.05
N GLU A 540 22.61 23.38 10.35
CA GLU A 540 23.12 24.51 9.51
C GLU A 540 24.63 24.57 9.43
N GLN A 541 25.30 24.38 10.54
CA GLN A 541 26.70 24.36 10.54
C GLN A 541 27.29 23.16 9.77
N ALA A 542 26.68 22.00 9.88
CA ALA A 542 27.10 20.84 9.07
C ALA A 542 26.96 21.15 7.56
N ALA A 543 25.91 21.80 7.16
CA ALA A 543 25.71 22.20 5.84
C ALA A 543 26.78 23.22 5.40
N LYS A 544 27.09 24.18 6.23
CA LYS A 544 28.17 25.10 5.96
C LYS A 544 29.53 24.41 5.84
N ASN A 545 29.81 23.45 6.70
CA ASN A 545 30.97 22.57 6.59
C ASN A 545 31.08 21.95 5.23
N ALA A 546 29.97 21.68 4.54
CA ALA A 546 29.97 21.07 3.24
C ALA A 546 30.00 22.02 2.09
N GLY A 547 30.06 23.31 2.40
CA GLY A 547 29.92 24.38 1.41
C GLY A 547 28.58 24.81 1.03
N HIS A 548 27.55 24.61 1.84
CA HIS A 548 26.14 24.93 1.52
C HIS A 548 25.51 25.83 2.66
N ALA A 549 24.94 26.94 2.30
CA ALA A 549 24.35 27.88 3.23
C ALA A 549 22.83 27.48 3.22
N VAL A 550 22.35 27.04 4.36
CA VAL A 550 20.88 26.70 4.46
C VAL A 550 20.39 27.24 5.77
N THR A 551 19.14 27.64 5.84
CA THR A 551 18.51 27.91 7.08
C THR A 551 17.48 26.77 7.37
N VAL A 552 17.57 26.20 8.55
CA VAL A 552 16.66 25.17 8.95
C VAL A 552 15.49 25.82 9.62
N PRO A 553 14.28 25.59 9.21
CA PRO A 553 13.12 26.15 9.89
C PRO A 553 13.06 25.79 11.38
N PHE A 554 12.46 26.67 12.13
CA PHE A 554 12.31 26.49 13.61
C PHE A 554 11.07 27.20 14.04
N ALA A 555 10.26 26.51 14.82
CA ALA A 555 9.05 27.11 15.33
C ALA A 555 9.09 27.10 16.89
N PRO A 556 9.13 28.29 17.51
CA PRO A 556 9.14 28.32 18.98
C PRO A 556 7.76 27.98 19.57
N GLY A 557 7.70 27.88 20.88
CA GLY A 557 6.46 27.72 21.62
C GLY A 557 6.37 26.47 22.48
N ARG A 558 7.43 25.68 22.48
CA ARG A 558 7.53 24.60 23.47
C ARG A 558 7.63 25.19 24.87
N ALA A 559 7.20 24.36 25.84
CA ALA A 559 7.39 24.70 27.27
C ALA A 559 8.09 23.61 27.99
N ASP A 560 8.54 23.92 29.23
CA ASP A 560 9.35 22.97 29.97
C ASP A 560 8.49 22.32 31.07
N ALA A 561 8.35 21.04 31.04
CA ALA A 561 7.56 20.35 32.10
C ALA A 561 8.49 20.07 33.29
N SER A 562 7.87 19.94 34.46
CA SER A 562 8.58 19.58 35.72
C SER A 562 8.69 18.09 35.94
N GLN A 563 9.58 17.71 36.83
CA GLN A 563 9.68 16.37 37.22
C GLN A 563 8.32 15.91 37.88
N GLU A 564 7.74 16.79 38.68
CA GLU A 564 6.48 16.46 39.37
C GLU A 564 5.34 16.28 38.36
N GLN A 565 5.40 16.87 37.17
CA GLN A 565 4.45 16.62 36.10
C GLN A 565 4.84 15.51 35.19
N THR A 566 5.79 14.65 35.57
CA THR A 566 6.25 13.58 34.70
C THR A 566 6.18 12.26 35.52
N ASP A 567 5.34 11.41 35.08
CA ASP A 567 5.28 10.02 35.57
C ASP A 567 6.36 9.16 35.09
N VAL A 568 7.33 8.85 35.94
CA VAL A 568 8.50 8.16 35.51
C VAL A 568 8.23 6.76 35.01
N GLU A 569 7.25 6.07 35.63
CA GLU A 569 7.00 4.65 35.25
C GLU A 569 6.31 4.62 33.87
N SER A 570 5.37 5.55 33.62
CA SER A 570 4.73 5.65 32.35
C SER A 570 5.68 6.01 31.20
N MET A 571 6.75 6.79 31.49
CA MET A 571 7.69 7.19 30.52
C MET A 571 8.64 6.03 30.07
N ALA A 572 8.72 4.94 30.86
CA ALA A 572 9.58 3.82 30.55
C ALA A 572 9.35 3.18 29.21
N VAL A 573 8.07 3.12 28.79
CA VAL A 573 7.83 2.56 27.48
C VAL A 573 8.25 3.35 26.29
N LEU A 574 8.63 4.63 26.49
CA LEU A 574 9.12 5.38 25.43
C LEU A 574 10.62 5.24 25.26
N GLU A 575 11.31 4.49 26.14
CA GLU A 575 12.77 4.33 25.96
C GLU A 575 13.07 3.62 24.64
N PRO A 576 13.91 4.16 23.83
CA PRO A 576 14.32 3.42 22.59
C PRO A 576 15.32 2.32 23.00
N VAL A 577 14.89 1.11 22.89
CA VAL A 577 15.80 0.02 22.94
C VAL A 577 16.35 -0.35 21.57
N ALA A 578 15.73 0.15 20.52
CA ALA A 578 16.33 -0.05 19.20
C ALA A 578 16.11 1.34 18.49
N ASP A 579 17.20 1.93 17.99
CA ASP A 579 17.06 3.18 17.26
C ASP A 579 18.04 3.15 16.17
N GLY A 580 17.60 2.61 15.01
CA GLY A 580 18.48 2.49 13.90
C GLY A 580 19.09 3.82 13.40
N PHE A 581 18.40 4.93 13.66
CA PHE A 581 18.86 6.20 13.26
C PHE A 581 20.15 6.65 14.05
N ARG A 582 20.40 6.01 15.20
CA ARG A 582 21.64 6.20 15.98
C ARG A 582 22.44 4.91 16.01
N ASN A 583 22.10 3.99 15.13
CA ASN A 583 22.79 2.68 15.01
C ASN A 583 22.80 1.94 16.37
N TYR A 584 21.69 2.01 17.07
CA TYR A 584 21.64 1.56 18.45
C TYR A 584 20.69 0.36 18.65
N LEU A 585 21.20 -0.61 19.38
CA LEU A 585 20.36 -1.75 19.78
C LEU A 585 20.80 -2.09 21.23
N LYS A 586 19.85 -2.01 22.13
CA LYS A 586 20.21 -2.13 23.59
C LYS A 586 20.59 -3.57 23.93
N GLY A 587 19.96 -4.53 23.26
CA GLY A 587 20.29 -5.92 23.48
C GLY A 587 20.15 -6.72 22.26
N LYS A 588 20.20 -8.02 22.39
CA LYS A 588 20.14 -8.96 21.24
C LYS A 588 18.66 -9.38 21.10
N TYR A 589 18.00 -9.16 19.95
CA TYR A 589 16.55 -9.45 19.81
C TYR A 589 16.41 -10.51 18.75
N ARG A 590 15.27 -11.08 18.73
CA ARG A 590 15.01 -12.10 17.78
C ARG A 590 14.50 -11.47 16.48
N VAL A 591 14.07 -10.17 16.49
CA VAL A 591 13.59 -9.51 15.26
C VAL A 591 14.85 -8.87 14.63
N PRO A 592 15.08 -9.01 13.31
CA PRO A 592 16.30 -8.39 12.72
C PRO A 592 16.22 -6.83 12.89
N ALA A 593 17.41 -6.25 13.03
CA ALA A 593 17.50 -4.84 13.31
C ALA A 593 16.83 -4.01 12.22
N GLU A 594 16.88 -4.42 10.95
CA GLU A 594 16.22 -3.67 9.90
C GLU A 594 14.75 -3.63 10.00
N VAL A 595 14.17 -4.66 10.55
CA VAL A 595 12.73 -4.66 10.86
C VAL A 595 12.41 -3.65 11.94
N LEU A 596 13.29 -3.57 12.98
CA LEU A 596 13.11 -2.62 14.07
C LEU A 596 13.31 -1.19 13.57
N LEU A 597 14.15 -1.00 12.52
CA LEU A 597 14.31 0.34 11.90
C LEU A 597 12.99 0.78 11.25
N VAL A 598 12.41 -0.09 10.47
CA VAL A 598 11.16 0.25 9.79
C VAL A 598 10.01 0.49 10.80
N ASP A 599 10.01 -0.28 11.87
CA ASP A 599 9.03 -0.09 12.96
C ASP A 599 9.21 1.28 13.62
N LYS A 600 10.45 1.70 13.84
CA LYS A 600 10.71 3.07 14.40
C LYS A 600 10.31 4.16 13.37
N ALA A 601 10.57 3.94 12.06
CA ALA A 601 10.24 4.86 11.08
C ALA A 601 8.66 5.05 11.05
N GLN A 602 7.94 3.91 11.17
CA GLN A 602 6.46 3.97 11.18
C GLN A 602 5.94 4.81 12.42
N LEU A 603 6.54 4.57 13.57
CA LEU A 603 6.25 5.36 14.76
C LEU A 603 6.52 6.85 14.62
N LEU A 604 7.58 7.18 13.89
CA LEU A 604 7.94 8.55 13.56
C LEU A 604 7.11 9.22 12.53
N THR A 605 6.24 8.41 11.89
CA THR A 605 5.44 8.82 10.75
C THR A 605 6.23 9.08 9.44
N LEU A 606 7.36 8.43 9.26
CA LEU A 606 8.22 8.64 8.12
C LEU A 606 7.85 7.76 6.97
N SER A 607 7.90 8.26 5.78
CA SER A 607 7.89 7.40 4.58
C SER A 607 9.22 6.69 4.37
N ALA A 608 9.31 5.83 3.37
CA ALA A 608 10.61 5.20 3.11
C ALA A 608 11.64 6.19 2.58
N PRO A 609 11.28 7.12 1.69
CA PRO A 609 12.28 8.15 1.26
C PRO A 609 12.72 8.98 2.46
N GLU A 610 11.78 9.41 3.33
CA GLU A 610 12.14 10.22 4.52
C GLU A 610 13.11 9.43 5.46
N MET A 611 12.81 8.14 5.68
CA MET A 611 13.62 7.32 6.54
C MET A 611 15.05 7.25 5.93
N THR A 612 15.14 7.11 4.61
CA THR A 612 16.42 6.88 3.94
C THR A 612 17.27 8.14 4.02
N VAL A 613 16.68 9.29 3.68
N VAL A 613 16.69 9.29 3.69
CA VAL A 613 17.41 10.56 3.77
CA VAL A 613 17.49 10.50 3.74
C VAL A 613 17.92 10.85 5.14
C VAL A 613 17.93 10.86 5.13
N LEU A 614 17.03 10.66 6.10
CA LEU A 614 17.29 11.00 7.50
C LEU A 614 18.45 10.15 8.02
N LEU A 615 18.37 8.85 7.74
CA LEU A 615 19.40 7.97 8.27
C LEU A 615 20.75 8.27 7.68
N GLY A 616 20.81 8.47 6.36
CA GLY A 616 22.11 8.78 5.65
C GLY A 616 22.73 10.07 6.14
N GLY A 617 21.90 11.03 6.49
CA GLY A 617 22.44 12.28 7.01
C GLY A 617 22.88 12.16 8.45
N LEU A 618 22.14 11.50 9.26
CA LEU A 618 22.48 11.32 10.67
C LEU A 618 23.81 10.60 10.77
N ARG A 619 24.07 9.62 9.90
CA ARG A 619 25.33 8.84 9.97
C ARG A 619 26.52 9.80 9.83
N VAL A 620 26.44 10.75 8.86
CA VAL A 620 27.62 11.56 8.61
C VAL A 620 27.69 12.76 9.56
N LEU A 621 26.61 13.08 10.25
CA LEU A 621 26.62 14.12 11.29
C LEU A 621 27.15 13.70 12.63
N GLY A 622 27.41 12.43 12.86
CA GLY A 622 27.93 12.00 14.15
C GLY A 622 26.88 11.62 15.15
N ALA A 623 25.69 11.21 14.67
CA ALA A 623 24.62 10.87 15.57
C ALA A 623 24.61 9.51 16.19
N ASN A 624 25.55 8.67 15.81
CA ASN A 624 25.62 7.33 16.34
C ASN A 624 25.90 7.35 17.86
N VAL A 625 25.22 6.51 18.57
CA VAL A 625 25.49 6.30 19.99
C VAL A 625 26.92 5.80 20.16
N GLY A 626 27.65 6.39 21.17
CA GLY A 626 29.05 5.92 21.46
C GLY A 626 30.04 6.31 20.41
N GLN A 627 29.68 7.20 19.50
CA GLN A 627 30.55 7.58 18.42
C GLN A 627 31.05 6.32 17.55
N SER A 628 30.25 5.30 17.47
CA SER A 628 30.48 4.16 16.59
C SER A 628 30.74 4.63 15.23
N ARG A 629 31.69 3.97 14.56
CA ARG A 629 32.04 4.22 13.19
C ARG A 629 31.14 3.38 12.22
N HIS A 630 30.28 2.55 12.73
CA HIS A 630 29.41 1.77 11.84
C HIS A 630 28.51 2.67 10.97
N GLY A 631 28.59 2.50 9.65
CA GLY A 631 27.76 3.29 8.74
C GLY A 631 28.28 4.65 8.54
N VAL A 632 29.43 5.04 9.18
CA VAL A 632 29.89 6.39 9.00
C VAL A 632 30.78 6.39 7.79
N PHE A 633 30.14 6.34 6.63
CA PHE A 633 30.83 6.21 5.38
C PHE A 633 31.26 7.53 4.76
N THR A 634 32.11 8.19 5.47
CA THR A 634 32.57 9.48 5.04
C THR A 634 34.03 9.77 5.60
N ALA A 635 34.75 10.63 4.89
CA ALA A 635 35.98 11.15 5.45
C ALA A 635 35.79 12.58 5.88
N ARG A 636 34.55 13.05 5.84
CA ARG A 636 34.26 14.42 6.38
C ARG A 636 33.09 14.41 7.33
N GLU A 637 33.25 13.69 8.38
CA GLU A 637 32.26 13.63 9.41
C GLU A 637 31.90 15.04 9.94
N GLN A 638 30.62 15.27 10.22
CA GLN A 638 30.12 16.60 10.64
C GLN A 638 30.00 17.61 9.52
N ALA A 639 30.09 17.12 8.31
CA ALA A 639 29.66 17.84 7.14
C ALA A 639 28.42 17.09 6.55
N LEU A 640 27.43 17.89 6.18
CA LEU A 640 26.15 17.32 5.67
C LEU A 640 26.33 17.11 4.19
N THR A 641 26.61 15.88 3.83
CA THR A 641 26.82 15.51 2.43
C THR A 641 26.05 14.18 2.22
N ASN A 642 26.01 13.75 0.97
CA ASN A 642 25.40 12.47 0.59
C ASN A 642 26.42 11.33 0.61
N ASP A 643 27.57 11.50 1.31
CA ASP A 643 28.62 10.52 1.23
C ASP A 643 28.09 9.08 1.70
N PHE A 644 27.19 8.94 2.66
CA PHE A 644 26.70 7.68 3.08
C PHE A 644 26.29 6.85 1.84
N PHE A 645 25.51 7.49 0.96
CA PHE A 645 24.94 6.78 -0.19
C PHE A 645 25.97 6.56 -1.25
N VAL A 646 26.82 7.53 -1.54
CA VAL A 646 27.78 7.34 -2.65
C VAL A 646 28.76 6.23 -2.23
N ASN A 647 29.19 6.21 -0.98
CA ASN A 647 30.10 5.14 -0.55
C ASN A 647 29.41 3.77 -0.37
N LEU A 648 28.17 3.77 0.13
CA LEU A 648 27.48 2.51 0.27
C LEU A 648 27.34 1.82 -1.05
N LEU A 649 27.02 2.56 -2.10
CA LEU A 649 26.69 1.99 -3.37
C LEU A 649 27.90 1.69 -4.31
N ASP A 650 29.09 1.95 -3.77
CA ASP A 650 30.30 1.80 -4.55
C ASP A 650 30.67 0.36 -4.76
N MET A 651 30.58 -0.16 -6.03
CA MET A 651 30.77 -1.58 -6.27
C MET A 651 32.30 -1.97 -6.07
N GLY A 652 33.18 -0.95 -5.97
CA GLY A 652 34.59 -1.21 -5.64
C GLY A 652 34.76 -1.73 -4.26
N THR A 653 33.74 -1.74 -3.42
CA THR A 653 33.79 -2.32 -2.05
C THR A 653 33.03 -3.57 -1.92
N GLU A 654 33.62 -4.63 -1.36
CA GLU A 654 32.99 -5.86 -1.05
C GLU A 654 32.74 -6.02 0.45
N TRP A 655 31.58 -6.60 0.83
CA TRP A 655 31.16 -6.64 2.21
C TRP A 655 31.03 -8.08 2.70
N LYS A 656 31.55 -8.33 3.91
CA LYS A 656 31.38 -9.63 4.53
C LYS A 656 31.14 -9.57 6.02
N PRO A 657 30.34 -10.45 6.56
CA PRO A 657 30.10 -10.48 8.01
C PRO A 657 31.40 -10.75 8.78
N THR A 658 31.57 -10.16 9.95
CA THR A 658 32.79 -10.42 10.74
C THR A 658 32.63 -11.76 11.46
N ALA A 659 33.75 -12.44 11.70
CA ALA A 659 33.77 -13.73 12.55
C ALA A 659 33.25 -13.51 13.94
N ALA A 660 33.65 -12.42 14.60
CA ALA A 660 33.13 -12.13 16.00
C ALA A 660 31.61 -11.83 16.06
N ASP A 661 31.03 -11.16 15.01
CA ASP A 661 29.65 -10.77 15.09
C ASP A 661 29.06 -10.78 13.61
N ALA A 662 28.13 -11.69 13.36
CA ALA A 662 27.48 -11.94 12.06
C ALA A 662 26.62 -10.71 11.62
N ASP A 663 26.36 -9.83 12.57
CA ASP A 663 25.53 -8.60 12.41
C ASP A 663 26.35 -7.33 12.17
N VAL A 664 27.65 -7.47 12.13
CA VAL A 664 28.60 -6.45 11.75
C VAL A 664 29.33 -6.87 10.52
N PHE A 665 29.55 -5.98 9.58
CA PHE A 665 30.09 -6.26 8.29
C PHE A 665 31.26 -5.40 8.04
N GLU A 666 32.27 -5.99 7.35
CA GLU A 666 33.46 -5.24 6.92
C GLU A 666 33.35 -4.96 5.44
N GLY A 667 33.59 -3.71 5.06
CA GLY A 667 33.73 -3.31 3.68
C GLY A 667 35.17 -3.14 3.29
N ARG A 668 35.64 -3.99 2.37
CA ARG A 668 37.02 -3.98 1.88
C ARG A 668 37.10 -3.63 0.47
N ASP A 669 38.20 -2.96 0.07
CA ASP A 669 38.44 -2.73 -1.32
C ASP A 669 38.49 -4.07 -2.03
N ARG A 670 37.74 -4.19 -3.12
CA ARG A 670 37.63 -5.48 -3.83
C ARG A 670 38.93 -5.93 -4.45
N ALA A 671 39.73 -5.02 -4.89
CA ALA A 671 40.98 -5.34 -5.56
C ALA A 671 42.14 -5.52 -4.53
N THR A 672 42.28 -4.67 -3.50
CA THR A 672 43.44 -4.77 -2.52
C THR A 672 43.17 -5.42 -1.27
N GLY A 673 41.91 -5.55 -0.85
CA GLY A 673 41.60 -6.14 0.44
C GLY A 673 41.69 -5.18 1.63
N GLU A 674 42.03 -3.94 1.34
CA GLU A 674 42.13 -2.95 2.36
C GLU A 674 40.76 -2.65 3.06
N LEU A 675 40.76 -2.58 4.37
CA LEU A 675 39.54 -2.34 5.16
C LEU A 675 39.15 -0.91 4.97
N LYS A 676 37.93 -0.64 4.48
CA LYS A 676 37.47 0.76 4.27
C LYS A 676 36.45 1.21 5.29
N TRP A 677 35.53 0.36 5.70
CA TRP A 677 34.39 0.71 6.51
C TRP A 677 33.92 -0.45 7.31
N THR A 678 33.11 -0.22 8.33
CA THR A 678 32.34 -1.26 8.95
C THR A 678 30.87 -0.78 8.96
N GLY A 679 29.95 -1.74 9.00
CA GLY A 679 28.49 -1.36 9.05
C GLY A 679 27.71 -2.48 9.68
N THR A 680 26.53 -2.11 10.15
CA THR A 680 25.57 -3.03 10.73
C THR A 680 24.55 -3.44 9.66
N ARG A 681 23.62 -4.30 10.05
CA ARG A 681 22.48 -4.64 9.15
C ARG A 681 21.65 -3.40 8.83
N VAL A 682 21.52 -2.47 9.76
CA VAL A 682 20.72 -1.28 9.47
C VAL A 682 21.41 -0.47 8.43
N ASP A 683 22.73 -0.36 8.46
CA ASP A 683 23.42 0.36 7.39
C ASP A 683 23.32 -0.33 6.05
N LEU A 684 23.60 -1.64 6.02
CA LEU A 684 23.69 -2.31 4.73
C LEU A 684 22.36 -2.72 4.15
N VAL A 685 21.29 -2.68 4.87
CA VAL A 685 19.92 -2.92 4.25
C VAL A 685 19.67 -1.96 3.08
N PHE A 686 20.19 -0.74 3.18
CA PHE A 686 20.04 0.25 2.11
C PHE A 686 20.76 -0.08 0.84
N GLY A 687 21.70 -1.03 0.88
CA GLY A 687 22.35 -1.52 -0.31
C GLY A 687 21.93 -2.95 -0.72
N SER A 688 20.93 -3.44 -0.05
CA SER A 688 20.45 -4.85 -0.28
C SER A 688 18.98 -4.88 -0.69
N HIS A 689 18.08 -4.27 0.10
CA HIS A 689 16.66 -4.32 -0.11
C HIS A 689 16.43 -3.63 -1.48
N SER A 690 15.65 -4.22 -2.36
CA SER A 690 15.58 -3.62 -3.74
C SER A 690 14.88 -2.29 -3.84
N GLN A 691 13.91 -2.07 -2.94
CA GLN A 691 13.25 -0.75 -2.89
C GLN A 691 14.10 0.28 -2.18
N LEU A 692 14.66 -0.07 -1.02
CA LEU A 692 15.57 0.85 -0.36
C LEU A 692 16.78 1.22 -1.24
N ARG A 693 17.38 0.24 -1.93
CA ARG A 693 18.54 0.59 -2.70
C ARG A 693 18.11 1.51 -3.81
N ALA A 694 16.90 1.35 -4.38
CA ALA A 694 16.52 2.32 -5.42
C ALA A 694 16.42 3.76 -4.85
N LEU A 695 16.03 3.91 -3.62
CA LEU A 695 15.97 5.20 -3.00
C LEU A 695 17.40 5.73 -2.72
N ALA A 696 18.27 4.83 -2.19
CA ALA A 696 19.68 5.24 -1.93
C ALA A 696 20.34 5.71 -3.23
N GLU A 697 19.99 5.08 -4.36
CA GLU A 697 20.56 5.47 -5.66
C GLU A 697 20.27 6.95 -6.03
N VAL A 698 19.04 7.37 -5.76
CA VAL A 698 18.63 8.76 -6.09
C VAL A 698 19.52 9.68 -5.27
N TYR A 699 19.69 9.42 -3.96
CA TYR A 699 20.54 10.31 -3.17
C TYR A 699 22.03 10.17 -3.37
N GLY A 700 22.48 9.06 -3.97
CA GLY A 700 23.86 8.79 -4.21
C GLY A 700 24.28 9.09 -5.66
N SER A 701 23.47 9.83 -6.40
CA SER A 701 23.76 10.19 -7.74
C SER A 701 24.53 11.52 -7.81
N ALA A 702 25.14 11.78 -8.95
CA ALA A 702 26.05 12.96 -9.00
C ALA A 702 25.30 14.25 -8.99
N ASP A 703 24.03 14.23 -9.30
CA ASP A 703 23.17 15.39 -9.36
C ASP A 703 22.42 15.66 -8.07
N ALA A 704 22.73 14.93 -7.00
CA ALA A 704 21.87 14.86 -5.83
C ALA A 704 22.27 15.68 -4.62
N GLN A 705 23.36 16.44 -4.68
CA GLN A 705 23.82 17.03 -3.34
C GLN A 705 22.81 18.04 -2.85
N GLU A 706 22.32 18.92 -3.70
N GLU A 706 22.30 18.92 -3.73
CA GLU A 706 21.40 19.95 -3.24
CA GLU A 706 21.34 19.96 -3.34
C GLU A 706 20.01 19.31 -2.85
C GLU A 706 20.00 19.29 -2.83
N LYS A 707 19.58 18.27 -3.59
CA LYS A 707 18.43 17.55 -3.20
C LYS A 707 18.54 16.84 -1.85
N PHE A 708 19.66 16.22 -1.64
CA PHE A 708 19.92 15.56 -0.38
C PHE A 708 19.81 16.56 0.81
N VAL A 709 20.47 17.72 0.67
CA VAL A 709 20.48 18.71 1.73
C VAL A 709 19.07 19.17 1.96
N ARG A 710 18.34 19.51 0.92
CA ARG A 710 16.99 20.05 1.12
C ARG A 710 16.03 19.05 1.73
N ASP A 711 16.06 17.81 1.27
CA ASP A 711 15.22 16.81 1.78
C ASP A 711 15.62 16.42 3.23
N PHE A 712 16.93 16.47 3.55
CA PHE A 712 17.34 16.19 4.89
C PHE A 712 16.78 17.25 5.84
N VAL A 713 16.96 18.52 5.47
CA VAL A 713 16.47 19.62 6.31
C VAL A 713 14.95 19.46 6.51
N ALA A 714 14.19 19.13 5.46
CA ALA A 714 12.82 18.97 5.61
C ALA A 714 12.38 17.84 6.53
N VAL A 715 13.04 16.74 6.48
CA VAL A 715 12.65 15.59 7.38
C VAL A 715 13.12 15.88 8.81
N TRP A 716 14.26 16.54 8.98
CA TRP A 716 14.74 16.95 10.33
C TRP A 716 13.70 17.85 10.96
N ASN A 717 13.21 18.87 10.18
CA ASN A 717 12.23 19.79 10.71
C ASN A 717 10.89 19.01 11.04
N LYS A 718 10.53 18.06 10.17
CA LYS A 718 9.33 17.27 10.44
C LYS A 718 9.45 16.60 11.81
N VAL A 719 10.60 15.97 12.06
CA VAL A 719 10.81 15.26 13.33
C VAL A 719 10.77 16.24 14.51
N MET A 720 11.40 17.38 14.35
CA MET A 720 11.36 18.39 15.41
C MET A 720 9.94 18.80 15.77
N ASN A 721 9.01 18.77 14.80
CA ASN A 721 7.69 19.32 15.01
C ASN A 721 6.61 18.24 15.31
N LEU A 722 6.97 16.96 15.45
CA LEU A 722 6.01 15.87 15.45
C LEU A 722 4.97 16.09 16.57
N ASP A 723 5.34 16.65 17.73
CA ASP A 723 4.43 16.80 18.84
C ASP A 723 3.75 18.15 18.90
N ARG A 724 3.94 19.00 17.87
CA ARG A 724 3.51 20.38 17.92
C ARG A 724 2.07 20.59 17.56
N PHE A 725 1.19 19.94 18.29
CA PHE A 725 -0.26 20.10 18.08
C PHE A 725 -0.78 21.47 18.46
N ASP A 726 0.00 22.19 19.25
CA ASP A 726 -0.24 23.67 19.49
C ASP A 726 -0.16 24.43 18.23
N LEU A 727 0.49 23.98 17.18
CA LEU A 727 0.56 24.76 15.93
C LEU A 727 -0.42 24.30 14.90
N ALA A 728 -1.13 23.20 15.17
CA ALA A 728 -2.21 22.59 14.26
C ALA A 728 -3.37 23.60 14.04
N GLY B 16 4.21 -12.90 12.05
CA GLY B 16 3.12 -11.87 12.34
C GLY B 16 1.89 -12.11 11.44
N THR B 17 0.76 -12.51 11.96
CA THR B 17 -0.36 -12.94 11.06
C THR B 17 -1.04 -11.67 10.54
N SER B 18 -1.41 -11.61 9.27
CA SER B 18 -1.87 -10.39 8.58
C SER B 18 -3.34 -10.66 8.10
N ASN B 19 -4.04 -9.59 7.64
CA ASN B 19 -5.43 -9.75 7.18
C ASN B 19 -5.54 -10.74 5.99
N ARG B 20 -4.52 -10.64 5.13
CA ARG B 20 -4.38 -11.56 3.95
C ARG B 20 -4.30 -13.02 4.43
N ASP B 21 -3.65 -13.30 5.56
CA ASP B 21 -3.59 -14.65 6.13
C ASP B 21 -4.99 -15.08 6.57
N TRP B 22 -5.71 -14.18 7.31
CA TRP B 22 -6.97 -14.59 7.88
C TRP B 22 -8.08 -14.73 6.81
N TRP B 23 -8.06 -13.88 5.81
CA TRP B 23 -9.15 -13.70 4.82
C TRP B 23 -8.46 -13.62 3.47
N PRO B 24 -7.93 -14.79 3.01
CA PRO B 24 -7.04 -14.74 1.81
C PRO B 24 -7.82 -14.50 0.55
N ASN B 25 -9.14 -14.57 0.60
CA ASN B 25 -9.93 -14.27 -0.57
C ASN B 25 -10.56 -12.91 -0.57
N GLN B 26 -10.39 -12.07 0.49
CA GLN B 26 -11.06 -10.70 0.54
C GLN B 26 -10.33 -9.96 -0.58
N LEU B 27 -11.01 -8.94 -1.06
CA LEU B 27 -10.53 -8.13 -2.19
C LEU B 27 -9.38 -7.24 -1.68
N ASP B 28 -8.33 -7.05 -2.45
CA ASP B 28 -7.23 -6.13 -2.15
C ASP B 28 -7.17 -4.78 -2.81
N LEU B 29 -7.42 -3.74 -2.05
CA LEU B 29 -7.53 -2.41 -2.61
C LEU B 29 -6.18 -1.76 -2.66
N SER B 30 -5.16 -2.34 -2.03
CA SER B 30 -3.84 -1.61 -1.95
C SER B 30 -3.26 -1.48 -3.39
N ILE B 31 -3.68 -2.32 -4.37
CA ILE B 31 -3.26 -2.13 -5.74
C ILE B 31 -3.73 -0.80 -6.30
N LEU B 32 -4.78 -0.19 -5.77
CA LEU B 32 -5.18 1.11 -6.25
C LEU B 32 -4.43 2.33 -5.64
N HIS B 33 -3.68 2.05 -4.62
CA HIS B 33 -2.97 3.14 -3.83
C HIS B 33 -1.44 2.89 -3.84
N ARG B 34 -0.94 2.12 -4.80
CA ARG B 34 0.47 2.06 -5.13
C ARG B 34 0.85 3.35 -5.75
N HIS B 35 2.15 3.64 -5.78
CA HIS B 35 2.57 4.77 -6.61
C HIS B 35 2.04 6.08 -5.98
N SER B 36 1.87 6.11 -4.64
CA SER B 36 1.54 7.39 -3.99
C SER B 36 2.76 8.24 -3.95
N SER B 37 2.50 9.50 -3.63
CA SER B 37 3.58 10.45 -3.49
C SER B 37 4.42 10.02 -2.24
N LEU B 38 3.90 9.17 -1.33
CA LEU B 38 4.68 8.78 -0.15
C LEU B 38 5.94 7.94 -0.54
N SER B 39 5.82 7.01 -1.48
CA SER B 39 6.88 6.08 -1.81
C SER B 39 7.89 6.69 -2.81
N ASP B 40 7.58 7.82 -3.41
CA ASP B 40 8.36 8.39 -4.50
C ASP B 40 9.34 9.37 -3.94
N PRO B 41 10.62 9.19 -4.19
CA PRO B 41 11.57 10.09 -3.63
C PRO B 41 11.66 11.43 -4.36
N MET B 42 11.11 11.54 -5.55
CA MET B 42 11.24 12.70 -6.30
C MET B 42 10.16 13.71 -5.82
N GLY B 43 10.44 14.92 -5.99
CA GLY B 43 9.34 15.88 -5.48
C GLY B 43 8.00 15.79 -6.29
N LYS B 44 6.93 16.41 -5.78
CA LYS B 44 5.61 16.18 -6.40
C LYS B 44 5.63 16.87 -7.80
N ASP B 45 6.45 17.86 -7.93
CA ASP B 45 6.60 18.58 -9.14
C ASP B 45 7.62 17.98 -10.14
N PHE B 46 8.31 16.90 -9.78
CA PHE B 46 9.32 16.35 -10.72
C PHE B 46 8.64 15.99 -12.02
N ASN B 47 9.28 16.39 -13.08
CA ASN B 47 8.73 16.02 -14.36
C ASN B 47 9.88 15.30 -15.20
N TYR B 48 9.76 14.00 -15.33
CA TYR B 48 10.90 13.29 -15.95
C TYR B 48 11.08 13.72 -17.37
N ALA B 49 9.97 13.94 -18.13
CA ALA B 49 10.18 14.41 -19.53
C ALA B 49 11.05 15.59 -19.63
N GLN B 50 10.87 16.55 -18.72
CA GLN B 50 11.63 17.76 -18.80
C GLN B 50 13.11 17.51 -18.46
N ALA B 51 13.33 16.60 -17.53
CA ALA B 51 14.74 16.25 -17.16
C ALA B 51 15.44 15.57 -18.32
N PHE B 52 14.75 14.61 -18.95
CA PHE B 52 15.32 13.88 -20.04
C PHE B 52 15.65 14.76 -21.24
N GLU B 53 14.74 15.71 -21.47
CA GLU B 53 14.95 16.55 -22.68
CA GLU B 53 14.90 16.69 -22.60
C GLU B 53 16.21 17.42 -22.55
N LYS B 54 16.70 17.64 -21.38
CA LYS B 54 17.98 18.23 -21.21
C LYS B 54 19.22 17.30 -21.11
N LEU B 55 18.99 16.00 -21.06
CA LEU B 55 20.07 15.03 -21.03
C LEU B 55 20.90 15.22 -22.32
N ASP B 56 22.21 15.08 -22.16
CA ASP B 56 23.09 14.95 -23.32
C ASP B 56 23.14 13.48 -23.78
N LEU B 57 22.19 13.09 -24.60
CA LEU B 57 22.04 11.69 -24.91
C LEU B 57 23.28 11.12 -25.60
N ALA B 58 23.89 11.95 -26.43
CA ALA B 58 25.11 11.56 -27.13
C ALA B 58 26.24 11.22 -26.12
N ALA B 59 26.37 11.98 -25.05
CA ALA B 59 27.39 11.72 -24.05
C ALA B 59 27.10 10.35 -23.36
N VAL B 60 25.85 10.11 -23.06
CA VAL B 60 25.44 8.89 -22.38
C VAL B 60 25.83 7.72 -23.32
N LYS B 61 25.53 7.85 -24.60
CA LYS B 61 25.83 6.76 -25.57
C LYS B 61 27.36 6.52 -25.69
N ARG B 62 28.17 7.56 -25.68
CA ARG B 62 29.63 7.39 -25.65
C ARG B 62 30.07 6.56 -24.42
N ASP B 63 29.54 6.91 -23.25
CA ASP B 63 29.83 6.16 -22.00
C ASP B 63 29.41 4.72 -22.11
N LEU B 64 28.24 4.47 -22.72
CA LEU B 64 27.78 3.12 -22.93
C LEU B 64 28.67 2.29 -23.90
N HIS B 65 29.10 2.95 -24.98
CA HIS B 65 30.02 2.32 -25.93
C HIS B 65 31.35 1.92 -25.19
N ALA B 66 31.83 2.84 -24.37
CA ALA B 66 33.04 2.55 -23.55
C ALA B 66 32.88 1.34 -22.61
N LEU B 67 31.71 1.30 -22.00
CA LEU B 67 31.39 0.25 -21.08
C LEU B 67 31.45 -1.13 -21.69
N MET B 68 31.05 -1.26 -22.97
CA MET B 68 30.88 -2.52 -23.58
C MET B 68 32.13 -3.41 -23.41
N THR B 69 33.28 -2.76 -23.47
CA THR B 69 34.55 -3.55 -23.41
C THR B 69 35.32 -3.29 -22.15
N THR B 70 34.79 -2.66 -21.13
CA THR B 70 35.40 -2.44 -19.88
C THR B 70 35.03 -3.51 -18.90
N SER B 71 35.80 -4.66 -18.93
CA SER B 71 35.46 -5.83 -18.19
C SER B 71 35.69 -5.60 -16.67
N GLN B 72 34.78 -5.99 -15.83
CA GLN B 72 34.90 -5.97 -14.40
C GLN B 72 35.21 -7.40 -13.95
N ASP B 73 36.21 -7.54 -13.02
CA ASP B 73 36.64 -8.83 -12.57
C ASP B 73 35.59 -9.62 -11.82
N TRP B 74 34.61 -8.95 -11.19
CA TRP B 74 33.55 -9.63 -10.50
C TRP B 74 32.47 -10.20 -11.45
N TRP B 75 32.51 -9.88 -12.75
CA TRP B 75 31.66 -10.53 -13.72
C TRP B 75 32.26 -10.33 -15.08
N PRO B 76 33.33 -11.05 -15.40
CA PRO B 76 34.07 -10.78 -16.61
C PRO B 76 33.27 -10.93 -17.88
N ALA B 77 33.56 -10.04 -18.82
CA ALA B 77 32.89 -10.01 -20.10
C ALA B 77 33.29 -11.16 -21.02
N ASP B 78 32.29 -11.91 -21.47
CA ASP B 78 32.49 -12.93 -22.46
C ASP B 78 33.06 -12.31 -23.74
N PHE B 79 34.08 -12.96 -24.36
CA PHE B 79 34.73 -12.44 -25.59
C PHE B 79 35.22 -10.99 -25.42
N GLY B 80 35.38 -10.50 -24.22
CA GLY B 80 35.79 -9.19 -23.95
C GLY B 80 34.69 -8.11 -24.21
N HIS B 81 33.42 -8.51 -24.39
CA HIS B 81 32.42 -7.55 -24.85
C HIS B 81 31.03 -7.95 -24.19
N TYR B 82 30.50 -7.01 -23.40
CA TYR B 82 29.24 -7.23 -22.65
C TYR B 82 27.98 -7.11 -23.56
N GLY B 83 28.14 -6.91 -24.88
CA GLY B 83 26.98 -6.62 -25.70
C GLY B 83 25.85 -7.66 -25.63
N GLY B 84 26.23 -8.94 -25.76
CA GLY B 84 25.24 -9.98 -25.69
C GLY B 84 24.46 -9.96 -24.36
N LEU B 85 25.21 -9.79 -23.26
CA LEU B 85 24.57 -9.79 -21.94
C LEU B 85 23.53 -8.61 -21.88
N PHE B 86 23.95 -7.46 -22.46
CA PHE B 86 23.05 -6.30 -22.44
C PHE B 86 21.85 -6.44 -23.37
N ILE B 87 22.00 -7.07 -24.50
CA ILE B 87 20.89 -7.31 -25.40
C ILE B 87 19.88 -8.21 -24.67
N ARG B 88 20.36 -9.28 -24.05
CA ARG B 88 19.47 -10.10 -23.31
C ARG B 88 18.75 -9.34 -22.16
N MET B 89 19.51 -8.50 -21.47
CA MET B 89 19.00 -7.68 -20.38
C MET B 89 17.75 -6.83 -20.93
N ALA B 90 17.97 -6.13 -22.07
CA ALA B 90 16.95 -5.26 -22.61
C ALA B 90 15.77 -6.08 -23.03
N HIS B 92 14.89 -9.04 -21.91
CA HIS B 92 14.08 -9.40 -20.80
C HIS B 92 13.25 -8.30 -20.14
N SER B 93 13.78 -7.11 -20.16
CA SER B 93 13.09 -5.94 -19.65
C SER B 93 11.74 -5.80 -20.41
N ALA B 94 11.79 -5.80 -21.73
CA ALA B 94 10.62 -5.74 -22.57
C ALA B 94 9.75 -6.94 -22.61
N GLY B 95 10.36 -8.09 -22.37
CA GLY B 95 9.75 -9.41 -22.64
C GLY B 95 8.67 -9.89 -21.66
N THR B 96 8.38 -9.17 -20.58
CA THR B 96 7.38 -9.56 -19.66
C THR B 96 5.96 -9.10 -20.14
N TYR B 97 5.95 -8.31 -21.21
CA TYR B 97 4.72 -7.64 -21.68
C TYR B 97 3.62 -8.64 -22.05
N ARG B 98 2.39 -8.35 -21.71
CA ARG B 98 1.25 -9.18 -22.11
C ARG B 98 0.25 -8.25 -22.75
N THR B 99 -0.23 -8.59 -23.95
N THR B 99 -0.24 -8.64 -23.92
CA THR B 99 -1.23 -7.76 -24.61
CA THR B 99 -1.25 -7.83 -24.61
C THR B 99 -2.61 -7.86 -23.92
C THR B 99 -2.65 -7.93 -23.95
N ALA B 100 -2.90 -8.97 -23.23
CA ALA B 100 -4.17 -9.13 -22.58
C ALA B 100 -4.54 -7.96 -21.64
N ASP B 101 -3.57 -7.50 -20.84
CA ASP B 101 -3.83 -6.40 -19.91
C ASP B 101 -2.90 -5.27 -20.04
N GLY B 102 -1.92 -5.40 -20.98
CA GLY B 102 -0.88 -4.42 -21.10
C GLY B 102 0.23 -4.37 -20.01
N ARG B 103 0.09 -5.25 -19.03
CA ARG B 103 0.98 -5.17 -17.90
C ARG B 103 2.35 -5.83 -18.30
N GLY B 104 3.35 -5.57 -17.50
CA GLY B 104 4.70 -5.99 -17.92
C GLY B 104 5.23 -5.09 -19.03
N GLY B 105 6.38 -5.44 -19.55
CA GLY B 105 7.11 -4.56 -20.47
C GLY B 105 8.23 -3.75 -19.80
N ALA B 106 8.96 -2.99 -20.62
CA ALA B 106 10.16 -2.26 -20.17
C ALA B 106 9.81 -0.88 -19.57
N GLY B 107 8.58 -0.45 -19.83
CA GLY B 107 8.23 0.96 -19.70
C GLY B 107 8.26 1.51 -18.26
N GLU B 108 8.32 0.66 -17.18
CA GLU B 108 8.40 1.17 -15.85
C GLU B 108 9.67 0.70 -15.12
N GLY B 109 10.61 0.11 -15.85
CA GLY B 109 11.88 -0.36 -15.22
C GLY B 109 11.68 -1.35 -14.11
N GLN B 110 10.68 -2.18 -14.20
CA GLN B 110 10.35 -3.04 -13.08
C GLN B 110 11.32 -4.24 -12.91
N GLN B 111 12.25 -4.44 -13.87
CA GLN B 111 13.23 -5.52 -13.80
C GLN B 111 14.10 -5.30 -12.51
N ARG B 112 14.16 -4.12 -11.99
CA ARG B 112 15.01 -3.84 -10.84
C ARG B 112 14.30 -4.12 -9.49
N PHE B 113 12.97 -4.53 -9.52
CA PHE B 113 12.23 -4.75 -8.30
C PHE B 113 11.78 -6.22 -8.24
N ALA B 114 11.33 -6.67 -7.06
CA ALA B 114 10.73 -7.97 -6.96
C ALA B 114 9.39 -8.00 -7.68
N PRO B 115 8.98 -9.09 -8.26
CA PRO B 115 9.71 -10.39 -8.30
C PRO B 115 10.64 -10.52 -9.50
N LEU B 116 10.51 -9.61 -10.46
CA LEU B 116 11.26 -9.79 -11.71
C LEU B 116 12.77 -9.77 -11.55
N ASN B 117 13.27 -9.05 -10.58
CA ASN B 117 14.74 -9.05 -10.34
C ASN B 117 15.27 -10.40 -9.94
N SER B 118 14.37 -11.31 -9.57
CA SER B 118 14.75 -12.59 -9.03
C SER B 118 14.14 -13.76 -9.76
N TRP B 119 13.48 -13.49 -10.92
CA TRP B 119 12.93 -14.57 -11.69
C TRP B 119 14.10 -15.43 -12.17
N PRO B 120 13.97 -16.73 -12.19
CA PRO B 120 15.11 -17.55 -12.77
C PRO B 120 15.51 -17.20 -14.17
N ASP B 121 14.61 -16.81 -15.04
CA ASP B 121 14.98 -16.35 -16.38
C ASP B 121 15.76 -15.06 -16.37
N ASN B 122 15.79 -14.31 -15.25
CA ASN B 122 16.53 -13.09 -15.13
C ASN B 122 17.82 -13.30 -14.41
N ALA B 123 18.25 -14.53 -14.25
CA ALA B 123 19.52 -14.78 -13.55
C ALA B 123 20.73 -14.08 -14.21
N ASN B 124 21.54 -13.50 -13.35
CA ASN B 124 22.71 -12.71 -13.70
C ASN B 124 22.49 -11.42 -14.45
N LEU B 125 21.23 -11.09 -14.71
CA LEU B 125 20.89 -9.74 -15.15
C LEU B 125 21.05 -8.73 -13.99
N ASP B 126 21.12 -9.20 -12.79
CA ASP B 126 21.56 -8.38 -11.69
C ASP B 126 22.97 -7.80 -11.89
N LYS B 127 23.84 -8.61 -12.49
CA LYS B 127 25.21 -8.20 -12.79
C LYS B 127 25.15 -7.13 -13.88
N ALA B 128 24.36 -7.38 -14.90
CA ALA B 128 24.18 -6.43 -15.99
C ALA B 128 23.75 -5.05 -15.50
N ARG B 129 22.75 -5.05 -14.62
CA ARG B 129 22.25 -3.75 -14.07
C ARG B 129 23.29 -3.08 -13.24
N ARG B 130 24.04 -3.89 -12.42
CA ARG B 130 25.13 -3.32 -11.59
C ARG B 130 26.26 -2.68 -12.43
N LEU B 131 26.58 -3.24 -13.60
CA LEU B 131 27.56 -2.63 -14.49
C LEU B 131 27.12 -1.28 -14.93
N LEU B 132 25.83 -1.01 -14.97
CA LEU B 132 25.28 0.27 -15.37
C LEU B 132 25.16 1.33 -14.29
N TRP B 133 25.40 0.95 -13.03
CA TRP B 133 25.28 1.92 -11.97
C TRP B 133 26.18 3.15 -12.13
N PRO B 134 27.41 2.95 -12.53
CA PRO B 134 28.19 4.21 -12.61
C PRO B 134 27.62 5.26 -13.66
N ILE B 135 27.15 4.76 -14.80
CA ILE B 135 26.50 5.67 -15.78
C ILE B 135 25.22 6.30 -15.14
N LYS B 136 24.36 5.43 -14.54
CA LYS B 136 23.16 5.93 -13.85
C LYS B 136 23.49 7.02 -12.86
N GLN B 137 24.50 6.76 -12.04
CA GLN B 137 24.92 7.71 -11.07
C GLN B 137 25.42 9.00 -11.65
N LYS B 138 26.16 8.91 -12.72
CA LYS B 138 26.73 10.06 -13.41
C LYS B 138 25.60 11.03 -13.95
N TYR B 139 24.61 10.44 -14.55
CA TYR B 139 23.52 11.23 -15.18
C TYR B 139 22.34 11.51 -14.32
N GLY B 140 22.17 10.75 -13.25
CA GLY B 140 21.15 10.91 -12.24
C GLY B 140 19.72 10.92 -12.79
N ARG B 141 18.94 11.91 -12.40
CA ARG B 141 17.51 11.85 -12.65
C ARG B 141 17.20 12.08 -14.12
N ALA B 142 18.17 12.56 -14.85
CA ALA B 142 17.99 12.90 -16.29
C ALA B 142 17.91 11.66 -17.19
N ILE B 143 18.26 10.48 -16.68
CA ILE B 143 17.95 9.22 -17.42
C ILE B 143 17.42 8.23 -16.45
N SER B 144 16.21 7.76 -16.66
CA SER B 144 15.68 6.72 -15.80
C SER B 144 16.34 5.42 -15.98
N TRP B 145 16.24 4.53 -14.99
CA TRP B 145 16.62 3.15 -15.21
C TRP B 145 15.88 2.55 -16.35
N ALA B 146 14.57 2.81 -16.45
CA ALA B 146 13.74 2.23 -17.46
C ALA B 146 14.26 2.57 -18.86
N ASP B 147 14.58 3.84 -19.12
CA ASP B 147 15.15 4.27 -20.40
C ASP B 147 16.57 3.67 -20.59
N LEU B 148 17.37 3.66 -19.55
CA LEU B 148 18.77 3.20 -19.58
C LEU B 148 18.86 1.76 -20.01
N LEU B 149 17.97 0.90 -19.44
CA LEU B 149 18.05 -0.51 -19.85
C LEU B 149 17.91 -0.66 -21.37
N ILE B 150 16.90 0.05 -21.93
CA ILE B 150 16.67 -0.06 -23.38
C ILE B 150 17.81 0.62 -24.16
N LEU B 151 18.22 1.78 -23.74
CA LEU B 151 19.26 2.49 -24.44
C LEU B 151 20.55 1.59 -24.52
N THR B 152 20.83 0.93 -23.42
CA THR B 152 22.00 0.07 -23.33
C THR B 152 21.92 -1.06 -24.35
N GLY B 153 20.73 -1.69 -24.48
CA GLY B 153 20.49 -2.70 -25.51
C GLY B 153 20.77 -2.16 -26.90
N ASN B 154 20.24 -1.00 -27.19
CA ASN B 154 20.49 -0.35 -28.43
C ASN B 154 22.01 -0.11 -28.68
N VAL B 155 22.70 0.43 -27.69
CA VAL B 155 24.10 0.71 -27.84
C VAL B 155 24.87 -0.64 -28.07
N ALA B 156 24.49 -1.66 -27.38
CA ALA B 156 25.12 -2.95 -27.63
C ALA B 156 25.03 -3.41 -29.05
N LEU B 157 23.79 -3.35 -29.62
CA LEU B 157 23.61 -3.65 -30.95
C LEU B 157 24.47 -2.76 -31.90
N GLU B 158 24.49 -1.46 -31.67
CA GLU B 158 25.20 -0.51 -32.52
C GLU B 158 26.73 -0.82 -32.42
N SER B 159 27.21 -1.03 -31.18
CA SER B 159 28.61 -1.35 -30.95
C SER B 159 29.02 -2.58 -31.72
N MET B 160 28.15 -3.56 -31.85
CA MET B 160 28.45 -4.85 -32.57
C MET B 160 28.03 -4.80 -34.03
N GLY B 161 27.80 -3.61 -34.60
CA GLY B 161 27.65 -3.50 -36.04
C GLY B 161 26.22 -3.52 -36.57
N PHE B 162 25.19 -3.41 -35.70
CA PHE B 162 23.80 -3.52 -36.18
C PHE B 162 23.20 -2.11 -36.02
N LYS B 163 22.65 -1.63 -37.08
CA LYS B 163 22.07 -0.27 -37.08
C LYS B 163 20.59 -0.40 -36.59
N THR B 164 20.29 0.36 -35.55
CA THR B 164 18.95 0.27 -35.01
C THR B 164 18.00 1.20 -35.72
N PHE B 165 16.70 0.96 -35.55
CA PHE B 165 15.66 1.75 -36.23
C PHE B 165 15.39 3.07 -35.45
N GLY B 166 15.87 3.18 -34.20
CA GLY B 166 15.66 4.43 -33.46
C GLY B 166 15.46 4.16 -31.96
N PHE B 167 15.14 5.19 -31.21
CA PHE B 167 15.01 5.02 -29.79
C PHE B 167 14.24 6.24 -29.28
N ALA B 168 13.32 6.01 -28.37
CA ALA B 168 12.61 7.12 -27.67
C ALA B 168 12.87 6.97 -26.17
N GLY B 169 13.16 8.11 -25.52
CA GLY B 169 13.10 8.18 -24.07
C GLY B 169 11.69 8.57 -23.61
N GLY B 170 11.54 8.61 -22.29
CA GLY B 170 10.37 9.04 -21.59
C GLY B 170 9.74 8.02 -20.69
N ARG B 171 10.35 6.85 -20.45
CA ARG B 171 9.86 5.85 -19.48
C ARG B 171 10.22 6.35 -18.09
N ALA B 172 9.26 6.99 -17.39
CA ALA B 172 9.57 7.44 -15.99
C ALA B 172 9.85 6.23 -15.09
N ASP B 173 10.86 6.35 -14.21
CA ASP B 173 11.04 5.33 -13.20
C ASP B 173 9.89 5.20 -12.26
N THR B 174 9.71 4.01 -11.69
CA THR B 174 8.72 3.74 -10.67
C THR B 174 9.49 3.32 -9.43
N TRP B 175 8.81 3.19 -8.28
CA TRP B 175 9.53 3.14 -7.00
C TRP B 175 9.16 1.99 -6.14
N GLU B 176 8.22 1.24 -6.60
CA GLU B 176 7.83 0.00 -5.92
C GLU B 176 7.34 -1.04 -6.96
N PRO B 177 7.21 -2.27 -6.57
CA PRO B 177 6.71 -3.24 -7.49
C PRO B 177 5.26 -3.02 -7.96
N GLU B 178 4.99 -3.29 -9.21
CA GLU B 178 3.63 -3.29 -9.80
C GLU B 178 2.91 -4.52 -9.25
N ASP B 179 1.60 -4.47 -9.13
CA ASP B 179 0.78 -5.60 -8.65
C ASP B 179 0.36 -6.26 -9.95
N VAL B 180 1.03 -7.32 -10.31
CA VAL B 180 0.72 -8.02 -11.57
C VAL B 180 0.41 -9.50 -11.19
N TYR B 181 -0.60 -10.09 -11.79
CA TYR B 181 -0.83 -11.50 -11.69
C TYR B 181 0.08 -12.20 -12.65
N TRP B 182 1.06 -12.93 -12.12
CA TRP B 182 2.01 -13.67 -12.98
C TRP B 182 1.72 -15.16 -13.07
N GLY B 183 0.67 -15.53 -12.34
CA GLY B 183 0.28 -16.93 -12.22
C GLY B 183 0.06 -17.30 -10.75
N SER B 184 -0.49 -18.53 -10.56
CA SER B 184 -0.86 -19.04 -9.20
C SER B 184 0.02 -20.11 -8.72
N GLU B 185 1.01 -20.54 -9.50
CA GLU B 185 1.94 -21.57 -9.00
C GLU B 185 2.74 -21.10 -7.81
N LYS B 186 3.03 -22.02 -6.90
CA LYS B 186 3.82 -21.78 -5.67
C LYS B 186 5.20 -22.35 -5.75
N ILE B 187 5.63 -22.85 -6.94
CA ILE B 187 6.95 -23.36 -7.16
C ILE B 187 7.54 -22.66 -8.39
N TRP B 188 8.76 -22.12 -8.28
CA TRP B 188 9.42 -21.54 -9.45
C TRP B 188 9.45 -22.57 -10.57
N LEU B 189 9.12 -22.16 -11.77
CA LEU B 189 9.32 -22.95 -12.95
C LEU B 189 8.47 -24.29 -12.98
N GLU B 190 7.44 -24.31 -12.23
CA GLU B 190 6.64 -25.55 -12.12
C GLU B 190 6.17 -25.98 -13.53
N LEU B 191 6.32 -27.24 -13.87
CA LEU B 191 5.80 -27.79 -15.11
C LEU B 191 4.31 -27.86 -15.06
N SER B 192 3.70 -27.95 -16.25
CA SER B 192 2.27 -27.82 -16.36
C SER B 192 1.53 -29.00 -15.65
N GLY B 193 0.23 -28.79 -15.42
CA GLY B 193 -0.64 -29.88 -14.91
C GLY B 193 -0.61 -29.98 -13.37
N GLY B 194 0.07 -29.08 -12.62
CA GLY B 194 -0.01 -29.10 -11.22
C GLY B 194 -1.22 -28.50 -10.66
N PRO B 195 -1.26 -28.36 -9.32
CA PRO B 195 -2.50 -27.90 -8.71
C PRO B 195 -2.91 -26.53 -9.11
N ASN B 196 -1.95 -25.73 -9.52
CA ASN B 196 -2.25 -24.32 -9.97
C ASN B 196 -1.87 -24.16 -11.47
N SER B 197 -2.09 -25.19 -12.26
CA SER B 197 -1.69 -25.20 -13.64
C SER B 197 -2.14 -24.02 -14.39
N ARG B 198 -1.27 -23.37 -15.14
CA ARG B 198 -1.72 -22.29 -16.06
C ARG B 198 -2.18 -22.80 -17.43
N TYR B 199 -2.17 -24.11 -17.60
CA TYR B 199 -2.62 -24.74 -18.81
C TYR B 199 -3.85 -25.62 -18.52
N SER B 200 -4.76 -25.64 -19.46
CA SER B 200 -5.88 -26.63 -19.46
C SER B 200 -6.19 -27.01 -20.88
N GLY B 201 -7.03 -28.06 -21.07
CA GLY B 201 -7.48 -28.39 -22.42
C GLY B 201 -6.30 -28.79 -23.29
N ASP B 202 -6.33 -28.34 -24.55
CA ASP B 202 -5.34 -28.68 -25.57
C ASP B 202 -4.22 -27.62 -25.48
N ARG B 203 -3.47 -27.68 -24.39
CA ARG B 203 -2.39 -26.69 -24.13
C ARG B 203 -2.86 -25.21 -24.28
N GLN B 204 -3.95 -24.86 -23.59
CA GLN B 204 -4.53 -23.53 -23.60
C GLN B 204 -3.98 -22.78 -22.42
N LEU B 205 -3.26 -21.70 -22.67
CA LEU B 205 -2.66 -20.90 -21.64
C LEU B 205 -3.69 -19.96 -21.09
N GLU B 206 -3.85 -19.88 -19.77
CA GLU B 206 -4.80 -18.98 -19.18
C GLU B 206 -4.52 -17.51 -19.43
N ASN B 207 -5.55 -16.76 -19.82
CA ASN B 207 -5.41 -15.27 -19.85
C ASN B 207 -5.32 -14.73 -18.43
N PRO B 208 -4.48 -13.76 -18.10
CA PRO B 208 -3.79 -12.87 -19.00
C PRO B 208 -2.31 -13.28 -19.18
N LEU B 209 -1.97 -14.54 -18.94
CA LEU B 209 -0.52 -14.91 -18.89
C LEU B 209 0.04 -15.05 -20.27
N ALA B 210 1.35 -14.84 -20.41
CA ALA B 210 2.04 -14.87 -21.62
C ALA B 210 3.38 -15.59 -21.60
N ALA B 211 3.49 -16.51 -20.64
CA ALA B 211 4.64 -17.35 -20.44
C ALA B 211 4.22 -18.71 -20.02
N VAL B 212 5.11 -19.70 -20.28
CA VAL B 212 4.68 -21.10 -20.16
C VAL B 212 4.90 -21.70 -18.77
N GLN B 213 5.75 -21.04 -17.98
CA GLN B 213 6.08 -21.49 -16.59
C GLN B 213 6.36 -20.21 -15.76
N MET B 214 6.11 -20.32 -14.49
CA MET B 214 6.29 -19.23 -13.57
C MET B 214 7.77 -18.90 -13.44
N GLY B 215 8.14 -17.68 -13.81
CA GLY B 215 9.50 -17.20 -13.75
C GLY B 215 10.26 -17.20 -15.11
N LEU B 216 9.57 -17.63 -16.18
CA LEU B 216 10.08 -17.51 -17.54
C LEU B 216 9.53 -16.28 -18.25
N ILE B 217 10.34 -15.73 -19.19
CA ILE B 217 9.95 -14.63 -20.04
C ILE B 217 8.87 -15.09 -21.08
N TYR B 218 9.19 -16.11 -21.91
CA TYR B 218 8.18 -16.64 -22.82
C TYR B 218 8.09 -18.18 -22.69
N VAL B 219 9.08 -18.88 -23.21
CA VAL B 219 9.02 -20.32 -23.31
C VAL B 219 10.23 -20.99 -22.70
N ASN B 220 10.17 -22.33 -22.61
CA ASN B 220 11.26 -23.12 -22.05
C ASN B 220 12.28 -23.41 -23.15
N PRO B 221 13.54 -23.04 -22.99
CA PRO B 221 14.54 -23.24 -24.08
C PRO B 221 14.86 -24.71 -24.36
N GLU B 222 14.53 -25.60 -23.45
CA GLU B 222 14.66 -27.06 -23.71
C GLU B 222 13.50 -27.65 -24.48
N GLY B 223 12.38 -26.99 -24.50
CA GLY B 223 11.14 -27.48 -25.12
C GLY B 223 10.00 -27.49 -24.10
N PRO B 224 8.75 -27.78 -24.56
CA PRO B 224 7.61 -27.65 -23.71
C PRO B 224 7.70 -28.59 -22.53
N ASP B 225 7.61 -28.03 -21.31
CA ASP B 225 7.78 -28.78 -20.08
C ASP B 225 9.05 -29.57 -20.09
N GLY B 226 10.04 -29.06 -20.74
CA GLY B 226 11.31 -29.72 -20.77
C GLY B 226 11.55 -30.78 -21.89
N ASN B 227 10.56 -31.02 -22.74
CA ASN B 227 10.61 -32.11 -23.72
C ASN B 227 11.23 -31.49 -24.97
N PRO B 228 12.36 -32.01 -25.46
CA PRO B 228 13.09 -31.36 -26.55
C PRO B 228 12.58 -31.67 -27.91
N ASP B 229 11.39 -31.21 -28.21
CA ASP B 229 10.73 -31.37 -29.51
C ASP B 229 10.55 -29.97 -30.16
N PRO B 230 11.36 -29.64 -31.19
CA PRO B 230 11.31 -28.25 -31.76
C PRO B 230 9.98 -27.89 -32.34
N VAL B 231 9.24 -28.92 -32.80
CA VAL B 231 7.92 -28.63 -33.45
C VAL B 231 6.91 -28.24 -32.45
N ALA B 232 6.83 -29.01 -31.38
CA ALA B 232 5.99 -28.69 -30.24
C ALA B 232 6.46 -27.34 -29.59
N ALA B 233 7.74 -27.09 -29.51
CA ALA B 233 8.21 -25.82 -28.88
C ALA B 233 7.72 -24.71 -29.71
N ALA B 234 7.70 -24.89 -31.05
CA ALA B 234 7.26 -23.81 -31.93
C ALA B 234 5.83 -23.32 -31.61
N ARG B 235 4.98 -24.26 -31.19
N ARG B 235 4.97 -24.26 -31.21
CA ARG B 235 3.62 -23.92 -30.87
CA ARG B 235 3.61 -23.87 -30.89
C ARG B 235 3.55 -22.96 -29.66
C ARG B 235 3.53 -22.97 -29.65
N ASP B 236 4.38 -23.29 -28.67
CA ASP B 236 4.52 -22.39 -27.46
C ASP B 236 5.10 -21.04 -27.79
N ILE B 237 6.13 -21.05 -28.65
CA ILE B 237 6.75 -19.79 -29.16
C ILE B 237 5.68 -18.93 -29.80
N ARG B 238 4.94 -19.51 -30.78
CA ARG B 238 3.99 -18.74 -31.50
C ARG B 238 2.90 -18.15 -30.56
N ASP B 239 2.38 -18.98 -29.68
CA ASP B 239 1.29 -18.51 -28.76
C ASP B 239 1.82 -17.42 -27.81
N THR B 240 2.96 -17.66 -27.14
CA THR B 240 3.44 -16.66 -26.16
C THR B 240 3.84 -15.39 -26.87
N PHE B 241 4.52 -15.46 -28.03
CA PHE B 241 4.88 -14.25 -28.74
C PHE B 241 3.61 -13.51 -29.25
N ALA B 242 2.58 -14.22 -29.66
CA ALA B 242 1.31 -13.54 -30.06
C ALA B 242 0.70 -12.83 -28.89
N ARG B 243 0.84 -13.40 -27.72
CA ARG B 243 0.39 -12.78 -26.48
C ARG B 243 1.28 -11.65 -26.02
N MET B 244 2.38 -11.44 -26.70
CA MET B 244 3.25 -10.28 -26.50
C MET B 244 3.20 -9.32 -27.72
N ALA B 245 2.19 -9.53 -28.58
CA ALA B 245 1.97 -8.68 -29.75
C ALA B 245 2.82 -8.87 -30.94
N MET B 246 3.46 -10.02 -31.09
CA MET B 246 4.32 -10.29 -32.15
C MET B 246 3.80 -11.40 -33.03
N ASN B 247 3.91 -11.15 -34.33
CA ASN B 247 3.50 -12.15 -35.32
C ASN B 247 4.64 -13.08 -35.72
N ASP B 248 4.39 -13.99 -36.68
CA ASP B 248 5.44 -14.90 -37.07
C ASP B 248 6.74 -14.24 -37.61
N GLU B 249 6.61 -13.30 -38.51
CA GLU B 249 7.76 -12.68 -39.05
C GLU B 249 8.58 -11.94 -37.98
N GLU B 250 7.88 -11.22 -37.12
CA GLU B 250 8.56 -10.48 -36.06
C GLU B 250 9.25 -11.44 -35.07
N THR B 251 8.56 -12.54 -34.75
CA THR B 251 9.10 -13.58 -33.86
C THR B 251 10.40 -14.23 -34.36
N VAL B 252 10.40 -14.64 -35.64
CA VAL B 252 11.59 -15.25 -36.22
C VAL B 252 12.67 -14.16 -36.25
N ALA B 253 12.33 -12.93 -36.66
CA ALA B 253 13.37 -11.89 -36.72
C ALA B 253 14.05 -11.62 -35.36
N LEU B 254 13.21 -11.60 -34.31
CA LEU B 254 13.68 -11.31 -32.94
C LEU B 254 14.53 -12.44 -32.44
N ILE B 255 14.10 -13.67 -32.62
CA ILE B 255 14.87 -14.78 -31.99
C ILE B 255 16.22 -14.96 -32.68
N ALA B 256 16.19 -15.05 -34.03
CA ALA B 256 17.38 -15.14 -34.85
C ALA B 256 18.29 -13.95 -34.73
N GLY B 257 17.69 -12.74 -34.59
CA GLY B 257 18.48 -11.54 -34.41
C GLY B 257 19.18 -11.53 -33.09
N GLY B 258 18.46 -11.83 -32.02
CA GLY B 258 19.03 -11.89 -30.71
C GLY B 258 20.20 -12.91 -30.64
N HIS B 259 19.88 -14.08 -31.15
CA HIS B 259 20.83 -15.24 -31.10
C HIS B 259 21.92 -15.19 -32.16
N THR B 260 22.04 -14.08 -32.83
CA THR B 260 23.27 -13.76 -33.62
C THR B 260 24.37 -13.33 -32.69
N PHE B 261 24.04 -12.98 -31.43
CA PHE B 261 24.96 -12.46 -30.51
C PHE B 261 25.14 -13.34 -29.26
N GLY B 262 26.34 -13.32 -28.74
CA GLY B 262 26.60 -13.78 -27.41
C GLY B 262 26.58 -15.30 -27.20
N LYS B 263 26.18 -15.71 -25.99
CA LYS B 263 26.14 -17.11 -25.61
C LYS B 263 25.29 -17.32 -24.39
N THR B 264 24.97 -18.58 -24.13
CA THR B 264 24.37 -19.02 -22.90
C THR B 264 25.40 -19.46 -21.89
N HIS B 265 25.01 -19.76 -20.64
CA HIS B 265 25.97 -20.09 -19.61
C HIS B 265 25.47 -21.30 -18.82
N GLY B 266 26.22 -22.39 -18.90
CA GLY B 266 25.88 -23.66 -18.22
C GLY B 266 27.12 -24.54 -17.99
N ALA B 267 28.12 -23.96 -17.37
CA ALA B 267 29.49 -24.58 -17.36
C ALA B 267 29.58 -25.76 -16.38
N GLY B 268 28.62 -25.84 -15.49
CA GLY B 268 28.56 -26.87 -14.40
C GLY B 268 27.18 -27.01 -13.87
N PRO B 269 26.95 -27.96 -12.90
CA PRO B 269 25.67 -28.28 -12.45
C PRO B 269 25.00 -27.09 -11.75
N ALA B 270 23.70 -26.97 -11.96
CA ALA B 270 22.87 -25.93 -11.36
C ALA B 270 22.84 -25.88 -9.89
N SER B 271 23.07 -27.03 -9.25
CA SER B 271 23.09 -27.11 -7.84
C SER B 271 24.22 -26.26 -7.24
N ASN B 272 25.20 -25.85 -8.00
CA ASN B 272 26.18 -24.90 -7.51
C ASN B 272 25.68 -23.41 -7.27
N VAL B 273 24.53 -23.15 -7.84
CA VAL B 273 24.04 -21.73 -7.89
C VAL B 273 23.18 -21.48 -6.67
N GLY B 274 23.47 -20.44 -5.95
CA GLY B 274 22.81 -20.05 -4.72
C GLY B 274 21.59 -19.11 -4.88
N ALA B 275 21.23 -18.52 -3.79
CA ALA B 275 19.98 -17.77 -3.68
C ALA B 275 19.86 -16.65 -4.67
N GLU B 276 18.70 -16.53 -5.22
CA GLU B 276 18.27 -15.38 -6.08
C GLU B 276 18.31 -14.12 -5.24
N PRO B 277 18.35 -12.94 -5.93
CA PRO B 277 18.65 -11.70 -5.17
C PRO B 277 17.71 -11.44 -3.95
N GLU B 278 16.41 -11.63 -4.08
CA GLU B 278 15.49 -11.30 -2.94
C GLU B 278 15.68 -12.28 -1.73
N ALA B 279 16.39 -13.38 -1.94
CA ALA B 279 16.62 -14.39 -0.92
C ALA B 279 18.00 -14.32 -0.44
N ALA B 280 18.92 -13.57 -1.08
CA ALA B 280 20.31 -13.64 -0.68
C ALA B 280 20.57 -12.89 0.63
N GLY B 281 21.71 -13.10 1.19
CA GLY B 281 22.10 -12.38 2.39
C GLY B 281 22.37 -10.92 2.12
N ILE B 282 22.32 -10.16 3.21
CA ILE B 282 22.47 -8.69 3.11
C ILE B 282 23.79 -8.31 2.60
N GLU B 283 24.88 -9.11 2.84
CA GLU B 283 26.16 -8.77 2.34
C GLU B 283 26.30 -8.87 0.80
N ALA B 284 25.41 -9.60 0.19
CA ALA B 284 25.37 -9.69 -1.32
C ALA B 284 25.02 -8.35 -1.96
N GLN B 285 24.51 -7.41 -1.17
CA GLN B 285 24.28 -6.00 -1.66
C GLN B 285 23.50 -5.99 -2.96
N GLY B 286 22.42 -6.74 -2.95
CA GLY B 286 21.45 -6.68 -4.04
C GLY B 286 21.70 -7.65 -5.23
N LEU B 287 22.78 -8.39 -5.18
CA LEU B 287 23.08 -9.35 -6.24
C LEU B 287 22.67 -10.75 -5.75
N GLY B 288 22.67 -11.71 -6.64
CA GLY B 288 22.27 -13.08 -6.29
C GLY B 288 22.91 -14.14 -7.20
N TRP B 289 22.45 -15.36 -7.06
CA TRP B 289 22.89 -16.57 -7.86
C TRP B 289 24.38 -16.73 -7.75
N LYS B 290 24.89 -16.47 -6.56
CA LYS B 290 26.33 -16.70 -6.32
C LYS B 290 26.63 -18.16 -6.59
N SER B 291 27.65 -18.43 -7.38
CA SER B 291 27.94 -19.84 -7.76
C SER B 291 29.25 -20.40 -7.12
N ALA B 292 29.13 -21.61 -6.61
CA ALA B 292 30.30 -22.34 -5.97
C ALA B 292 30.99 -23.12 -7.06
N TYR B 293 30.58 -23.03 -8.38
CA TYR B 293 31.30 -23.77 -9.43
C TYR B 293 32.56 -23.10 -9.89
N ARG B 294 33.75 -23.68 -9.57
CA ARG B 294 34.99 -23.07 -9.92
C ARG B 294 35.06 -21.64 -9.56
N THR B 295 35.40 -20.68 -10.48
CA THR B 295 35.51 -19.26 -10.11
C THR B 295 34.09 -18.62 -10.01
N GLY B 296 33.07 -19.32 -10.39
CA GLY B 296 31.70 -18.76 -10.19
C GLY B 296 31.26 -17.71 -11.22
N LYS B 297 32.04 -17.55 -12.28
CA LYS B 297 31.85 -16.38 -13.18
C LYS B 297 32.66 -16.62 -14.46
N GLY B 298 32.45 -15.78 -15.48
CA GLY B 298 33.33 -15.80 -16.66
C GLY B 298 33.24 -17.15 -17.34
N ALA B 299 34.38 -17.75 -17.57
CA ALA B 299 34.41 -19.10 -18.18
C ALA B 299 33.62 -20.16 -17.43
N ASP B 300 33.43 -20.00 -16.14
CA ASP B 300 32.74 -20.92 -15.30
C ASP B 300 31.26 -20.54 -15.04
N ALA B 301 30.78 -19.47 -15.71
CA ALA B 301 29.40 -19.00 -15.45
C ALA B 301 28.31 -20.02 -15.68
N ILE B 302 27.34 -19.94 -14.77
CA ILE B 302 26.11 -20.69 -14.86
C ILE B 302 24.91 -19.75 -14.67
N THR B 303 24.09 -19.69 -15.74
CA THR B 303 22.92 -18.85 -15.76
C THR B 303 21.68 -19.66 -16.05
N SER B 304 21.44 -20.11 -17.29
CA SER B 304 20.33 -20.97 -17.54
C SER B 304 20.66 -22.46 -17.35
N GLY B 305 21.94 -22.83 -17.41
CA GLY B 305 22.29 -24.23 -17.41
C GLY B 305 22.54 -24.78 -18.81
N LEU B 306 22.24 -24.02 -19.86
CA LEU B 306 22.57 -24.36 -21.21
C LEU B 306 23.94 -23.85 -21.57
N GLU B 307 24.61 -24.47 -22.51
CA GLU B 307 25.93 -24.08 -22.94
C GLU B 307 26.03 -24.03 -24.44
N VAL B 308 25.52 -22.97 -25.04
CA VAL B 308 25.31 -22.79 -26.51
C VAL B 308 25.99 -21.46 -26.88
N THR B 309 26.76 -21.49 -27.97
CA THR B 309 27.27 -20.28 -28.62
C THR B 309 26.85 -20.40 -30.04
N TRP B 310 26.05 -19.44 -30.56
CA TRP B 310 25.46 -19.59 -31.85
C TRP B 310 26.28 -19.32 -33.08
N THR B 311 27.16 -18.33 -33.03
CA THR B 311 27.82 -17.90 -34.28
C THR B 311 29.37 -17.90 -34.10
N THR B 312 30.02 -17.82 -35.25
CA THR B 312 31.51 -17.73 -35.33
C THR B 312 32.04 -16.36 -34.98
N THR B 313 31.19 -15.35 -34.81
CA THR B 313 31.59 -14.04 -34.37
C THR B 313 30.53 -13.47 -33.36
N PRO B 314 30.56 -13.97 -32.14
CA PRO B 314 29.46 -13.63 -31.19
C PRO B 314 29.42 -12.17 -30.80
N THR B 315 30.43 -11.37 -31.18
CA THR B 315 30.38 -9.99 -30.83
C THR B 315 30.26 -9.09 -32.05
N GLN B 316 29.80 -9.67 -33.17
CA GLN B 316 29.60 -8.94 -34.41
C GLN B 316 28.40 -9.40 -35.11
N TRP B 317 27.56 -8.47 -35.54
CA TRP B 317 26.43 -8.76 -36.42
C TRP B 317 26.92 -9.55 -37.66
N SER B 318 26.21 -10.60 -38.03
CA SER B 318 26.61 -11.54 -39.05
C SER B 318 25.34 -12.14 -39.60
N HIS B 319 25.48 -12.90 -40.68
CA HIS B 319 24.34 -13.70 -41.20
C HIS B 319 24.57 -15.20 -40.85
N ASN B 320 25.37 -15.48 -39.82
CA ASN B 320 25.83 -16.82 -39.48
C ASN B 320 24.79 -17.64 -38.72
N PHE B 321 23.79 -17.01 -38.05
CA PHE B 321 22.78 -17.81 -37.40
C PHE B 321 22.03 -18.73 -38.39
N PHE B 322 21.49 -18.13 -39.46
CA PHE B 322 20.77 -18.96 -40.41
C PHE B 322 21.70 -19.86 -41.28
N GLU B 323 22.93 -19.42 -41.53
CA GLU B 323 23.89 -20.35 -42.16
C GLU B 323 24.05 -21.58 -41.35
N ASN B 324 24.20 -21.46 -40.00
CA ASN B 324 24.39 -22.62 -39.15
C ASN B 324 23.07 -23.39 -39.05
N LEU B 325 21.95 -22.66 -38.92
CA LEU B 325 20.72 -23.41 -38.66
C LEU B 325 20.42 -24.41 -39.83
N PHE B 326 20.54 -23.91 -41.04
CA PHE B 326 20.21 -24.65 -42.25
C PHE B 326 21.40 -25.52 -42.75
N GLY B 327 22.65 -25.17 -42.40
CA GLY B 327 23.86 -25.79 -42.99
C GLY B 327 24.30 -27.03 -42.33
N TYR B 328 23.76 -27.36 -41.16
CA TYR B 328 24.10 -28.62 -40.46
C TYR B 328 22.82 -29.38 -40.13
N GLU B 329 23.00 -30.68 -39.87
CA GLU B 329 21.98 -31.45 -39.20
C GLU B 329 22.32 -31.51 -37.74
N TRP B 330 21.29 -31.69 -36.93
CA TRP B 330 21.47 -31.42 -35.47
C TRP B 330 21.19 -32.69 -34.67
N GLU B 331 21.96 -32.85 -33.63
CA GLU B 331 21.86 -33.96 -32.76
C GLU B 331 21.62 -33.48 -31.31
N LEU B 332 20.74 -34.22 -30.68
CA LEU B 332 20.39 -33.96 -29.30
C LEU B 332 21.48 -34.35 -28.40
N THR B 333 21.88 -33.47 -27.50
CA THR B 333 22.92 -33.73 -26.55
C THR B 333 22.55 -32.98 -25.20
N LYS B 334 23.46 -32.99 -24.28
CA LYS B 334 23.30 -32.33 -23.00
C LYS B 334 24.40 -31.39 -22.69
N SER B 335 24.05 -30.28 -21.98
CA SER B 335 25.08 -29.37 -21.56
C SER B 335 25.82 -29.96 -20.35
N PRO B 336 26.85 -29.26 -19.86
CA PRO B 336 27.47 -29.72 -18.63
C PRO B 336 26.63 -29.69 -17.38
N ALA B 337 25.51 -28.97 -17.36
CA ALA B 337 24.60 -28.98 -16.26
C ALA B 337 23.47 -29.99 -16.44
N GLY B 338 23.46 -30.71 -17.56
CA GLY B 338 22.43 -31.68 -17.81
C GLY B 338 21.24 -31.25 -18.60
N ALA B 339 21.25 -30.06 -19.17
CA ALA B 339 20.13 -29.58 -19.94
C ALA B 339 20.16 -30.02 -21.39
N HIS B 340 19.00 -30.23 -21.98
CA HIS B 340 18.90 -30.62 -23.38
C HIS B 340 19.28 -29.45 -24.35
N GLN B 341 20.16 -29.70 -25.29
CA GLN B 341 20.51 -28.78 -26.32
C GLN B 341 21.02 -29.57 -27.54
N TRP B 342 21.43 -28.90 -28.60
CA TRP B 342 21.68 -29.53 -29.90
C TRP B 342 23.05 -29.18 -30.37
N VAL B 343 23.75 -30.12 -31.05
CA VAL B 343 25.10 -29.90 -31.55
C VAL B 343 25.11 -30.32 -33.05
N ALA B 344 25.89 -29.62 -33.84
CA ALA B 344 25.92 -29.83 -35.28
C ALA B 344 26.68 -31.14 -35.60
N LYS B 345 25.97 -32.03 -36.27
CA LYS B 345 26.60 -33.36 -36.68
C LYS B 345 27.75 -33.13 -37.68
N GLY B 346 28.85 -33.73 -37.31
CA GLY B 346 30.07 -33.74 -38.10
C GLY B 346 30.75 -32.43 -38.28
N ALA B 347 30.41 -31.42 -37.47
CA ALA B 347 30.96 -30.12 -37.78
C ALA B 347 32.41 -30.01 -37.24
N ASP B 348 33.21 -29.14 -37.85
CA ASP B 348 34.46 -28.73 -37.22
C ASP B 348 34.23 -27.73 -36.05
N ALA B 349 35.27 -27.55 -35.26
CA ALA B 349 35.29 -26.65 -34.12
C ALA B 349 35.58 -25.24 -34.68
N VAL B 350 34.50 -24.50 -35.05
CA VAL B 350 34.59 -23.23 -35.67
C VAL B 350 34.14 -22.00 -34.76
N ILE B 351 33.52 -22.32 -33.66
CA ILE B 351 32.89 -21.27 -32.75
C ILE B 351 33.95 -20.88 -31.74
N PRO B 352 34.22 -19.58 -31.56
CA PRO B 352 35.23 -19.24 -30.59
C PRO B 352 34.82 -19.46 -29.20
N ASP B 353 35.82 -19.70 -28.35
CA ASP B 353 35.59 -19.72 -26.90
C ASP B 353 35.56 -18.35 -26.33
N ALA B 354 34.82 -18.10 -25.25
CA ALA B 354 34.64 -16.73 -24.68
C ALA B 354 35.82 -16.27 -23.95
N PHE B 355 36.70 -17.19 -23.47
CA PHE B 355 37.85 -16.83 -22.71
C PHE B 355 39.25 -17.34 -23.16
N ASP B 356 39.28 -18.47 -23.78
CA ASP B 356 40.57 -19.14 -24.09
C ASP B 356 40.73 -19.10 -25.58
N PRO B 357 41.66 -18.29 -26.11
CA PRO B 357 41.88 -18.29 -27.60
C PRO B 357 42.40 -19.57 -28.17
N SER B 358 42.80 -20.52 -27.39
CA SER B 358 43.33 -21.76 -28.03
C SER B 358 42.16 -22.76 -28.18
N LYS B 359 40.92 -22.42 -27.76
CA LYS B 359 39.82 -23.39 -27.82
C LYS B 359 38.78 -22.94 -28.85
N LYS B 360 38.22 -23.90 -29.59
CA LYS B 360 37.05 -23.66 -30.45
C LYS B 360 36.02 -24.69 -30.17
N HIS B 361 34.81 -24.48 -30.62
CA HIS B 361 33.71 -25.39 -30.34
C HIS B 361 32.91 -25.64 -31.60
N ARG B 362 32.11 -26.67 -31.56
CA ARG B 362 31.22 -26.96 -32.66
C ARG B 362 29.97 -26.00 -32.52
N PRO B 363 29.31 -25.73 -33.61
CA PRO B 363 28.00 -25.06 -33.56
C PRO B 363 26.97 -25.83 -32.73
N THR B 364 26.20 -25.04 -31.93
CA THR B 364 25.18 -25.55 -31.09
C THR B 364 23.95 -24.64 -31.23
N MET B 365 22.82 -25.20 -30.82
CA MET B 365 21.51 -24.56 -30.92
C MET B 365 20.62 -25.02 -29.74
N LEU B 366 19.65 -24.16 -29.34
CA LEU B 366 18.60 -24.57 -28.44
C LEU B 366 17.50 -25.27 -29.24
N THR B 367 16.71 -26.06 -28.57
CA THR B 367 15.49 -26.59 -29.11
C THR B 367 14.67 -25.54 -29.79
N THR B 368 14.46 -24.41 -29.10
CA THR B 368 13.68 -23.30 -29.59
C THR B 368 14.31 -22.51 -30.78
N ASP B 369 15.60 -22.62 -30.97
CA ASP B 369 16.21 -22.16 -32.22
C ASP B 369 15.80 -23.09 -33.36
N LEU B 370 15.85 -24.42 -33.10
CA LEU B 370 15.49 -25.37 -34.16
C LEU B 370 14.05 -25.22 -34.57
N SER B 371 13.16 -24.73 -33.66
CA SER B 371 11.77 -24.39 -34.05
C SER B 371 11.72 -23.55 -35.28
N LEU B 372 12.74 -22.70 -35.47
CA LEU B 372 12.66 -21.74 -36.59
C LEU B 372 12.85 -22.42 -37.94
N ARG B 373 13.47 -23.59 -37.87
CA ARG B 373 13.64 -24.49 -39.09
C ARG B 373 12.55 -25.56 -39.19
N PHE B 374 12.09 -26.13 -38.09
CA PHE B 374 11.23 -27.33 -38.19
C PHE B 374 9.76 -27.07 -38.09
N ASP B 375 9.32 -25.87 -37.66
CA ASP B 375 7.95 -25.48 -37.80
C ASP B 375 7.78 -25.03 -39.23
N PRO B 376 6.75 -25.50 -39.93
CA PRO B 376 6.68 -25.15 -41.34
C PRO B 376 6.46 -23.73 -41.70
N ALA B 377 5.71 -23.02 -40.91
CA ALA B 377 5.48 -21.61 -41.17
C ALA B 377 6.75 -20.77 -40.84
N TYR B 378 7.49 -21.13 -39.74
CA TYR B 378 8.74 -20.42 -39.51
C TYR B 378 9.80 -20.72 -40.54
N GLU B 379 9.85 -21.96 -41.02
CA GLU B 379 10.87 -22.37 -41.94
C GLU B 379 10.83 -21.51 -43.18
N LYS B 380 9.66 -21.15 -43.66
CA LYS B 380 9.59 -20.33 -44.82
C LYS B 380 10.12 -18.92 -44.61
N ILE B 381 9.85 -18.37 -43.43
CA ILE B 381 10.40 -17.07 -43.08
C ILE B 381 11.93 -17.12 -42.86
N SER B 382 12.38 -18.11 -42.11
CA SER B 382 13.75 -18.36 -41.89
C SER B 382 14.58 -18.50 -43.18
N ARG B 383 13.99 -19.22 -44.12
CA ARG B 383 14.66 -19.34 -45.46
C ARG B 383 14.74 -18.09 -46.17
N ARG B 384 13.67 -17.33 -46.20
CA ARG B 384 13.66 -16.03 -46.84
C ARG B 384 14.73 -15.11 -46.21
N PHE B 385 14.78 -15.11 -44.88
CA PHE B 385 15.82 -14.33 -44.24
C PHE B 385 17.26 -14.81 -44.51
N HIS B 386 17.42 -16.11 -44.61
CA HIS B 386 18.73 -16.73 -44.94
C HIS B 386 19.17 -16.26 -46.40
N GLU B 387 18.22 -16.35 -47.30
CA GLU B 387 18.46 -15.95 -48.71
C GLU B 387 18.52 -14.45 -48.91
N ASN B 388 17.89 -13.65 -48.06
CA ASN B 388 17.79 -12.21 -48.23
C ASN B 388 18.13 -11.52 -46.90
N PRO B 389 19.39 -11.50 -46.53
CA PRO B 389 19.76 -11.02 -45.23
C PRO B 389 19.43 -9.57 -44.97
N GLU B 390 19.32 -8.74 -45.99
CA GLU B 390 18.88 -7.34 -45.79
C GLU B 390 17.44 -7.30 -45.29
N GLN B 391 16.61 -8.23 -45.72
CA GLN B 391 15.27 -8.32 -45.26
C GLN B 391 15.25 -8.72 -43.76
N PHE B 392 16.16 -9.60 -43.39
CA PHE B 392 16.28 -10.05 -42.01
C PHE B 392 16.74 -8.91 -41.11
N ALA B 393 17.67 -8.09 -41.60
CA ALA B 393 18.17 -6.98 -40.84
C ALA B 393 17.08 -5.95 -40.61
N ASP B 394 16.31 -5.66 -41.65
CA ASP B 394 15.31 -4.62 -41.53
C ASP B 394 14.18 -5.11 -40.61
N ALA B 395 13.76 -6.36 -40.78
CA ALA B 395 12.74 -6.88 -39.95
C ALA B 395 13.13 -6.94 -38.46
N PHE B 396 14.36 -7.35 -38.20
CA PHE B 396 14.85 -7.37 -36.81
C PHE B 396 14.91 -5.97 -36.25
N ALA B 397 15.37 -5.00 -37.01
CA ALA B 397 15.47 -3.64 -36.49
C ALA B 397 14.07 -3.11 -36.15
N ARG B 398 13.12 -3.38 -37.02
CA ARG B 398 11.72 -2.89 -36.75
C ARG B 398 11.13 -3.58 -35.55
N ALA B 399 11.34 -4.91 -35.46
CA ALA B 399 10.78 -5.72 -34.38
C ALA B 399 11.47 -5.38 -33.00
N TRP B 400 12.77 -5.08 -33.04
CA TRP B 400 13.45 -4.65 -31.82
C TRP B 400 12.88 -3.31 -31.31
N PHE B 401 12.61 -2.39 -32.20
CA PHE B 401 11.96 -1.12 -31.89
C PHE B 401 10.57 -1.39 -31.24
N LYS B 402 9.78 -2.19 -31.93
CA LYS B 402 8.44 -2.54 -31.46
C LYS B 402 8.47 -3.20 -30.07
N LEU B 403 9.30 -4.21 -29.94
CA LEU B 403 9.52 -4.95 -28.69
C LEU B 403 9.76 -3.93 -27.54
N THR B 404 10.65 -2.98 -27.74
CA THR B 404 11.15 -2.12 -26.69
C THR B 404 10.32 -0.83 -26.48
N HIS B 405 9.35 -0.59 -27.37
CA HIS B 405 8.47 0.60 -27.30
C HIS B 405 6.98 0.24 -27.21
N ARG B 406 6.65 -1.08 -27.24
CA ARG B 406 5.25 -1.49 -27.39
CA ARG B 406 5.25 -1.55 -27.35
C ARG B 406 4.34 -1.02 -26.29
N ASP B 407 4.87 -0.73 -25.11
CA ASP B 407 4.17 -0.31 -23.93
C ASP B 407 4.25 1.16 -23.63
N MET B 408 4.80 1.95 -24.56
CA MET B 408 5.06 3.36 -24.31
C MET B 408 3.85 4.27 -24.63
N GLY B 409 2.88 3.74 -25.32
CA GLY B 409 1.68 4.56 -25.63
C GLY B 409 1.80 5.41 -26.91
N PRO B 410 0.98 6.44 -26.93
CA PRO B 410 0.99 7.26 -28.12
C PRO B 410 2.34 7.89 -28.41
N ARG B 411 2.57 8.17 -29.65
CA ARG B 411 3.84 8.83 -30.07
C ARG B 411 4.07 10.16 -29.43
N ALA B 412 3.04 10.83 -28.95
CA ALA B 412 3.27 12.02 -28.17
C ALA B 412 4.14 11.88 -26.96
N ARG B 413 4.26 10.65 -26.41
CA ARG B 413 5.07 10.48 -25.26
C ARG B 413 6.56 10.21 -25.56
N TYR B 414 6.91 10.00 -26.85
CA TYR B 414 8.32 9.69 -27.28
C TYR B 414 9.21 10.85 -27.24
N LEU B 415 10.28 10.79 -26.48
CA LEU B 415 11.18 11.88 -26.35
C LEU B 415 12.56 11.71 -26.99
N GLY B 416 13.20 12.83 -27.35
CA GLY B 416 14.59 12.82 -27.76
C GLY B 416 14.87 12.89 -29.21
N PRO B 417 16.13 12.89 -29.57
CA PRO B 417 16.54 13.17 -30.97
C PRO B 417 16.62 11.93 -31.79
N GLU B 418 16.31 10.74 -31.30
CA GLU B 418 16.38 9.53 -32.12
C GLU B 418 15.08 8.80 -32.37
N VAL B 419 13.97 9.53 -32.19
CA VAL B 419 12.65 8.96 -32.39
C VAL B 419 12.42 8.75 -33.88
N PRO B 420 12.03 7.60 -34.35
CA PRO B 420 11.83 7.40 -35.73
C PRO B 420 10.64 8.25 -36.23
N ALA B 421 10.81 8.82 -37.41
CA ALA B 421 9.71 9.62 -38.06
C ALA B 421 8.59 8.71 -38.55
N GLU B 422 8.92 7.53 -38.97
CA GLU B 422 7.95 6.66 -39.52
C GLU B 422 6.86 6.28 -38.47
N VAL B 423 5.59 6.43 -38.87
CA VAL B 423 4.45 6.04 -38.07
C VAL B 423 4.12 4.63 -38.29
N LEU B 424 4.02 3.82 -37.24
CA LEU B 424 3.81 2.43 -37.33
C LEU B 424 2.38 2.10 -36.87
N LEU B 425 1.79 1.08 -37.49
CA LEU B 425 0.40 0.74 -37.20
C LEU B 425 0.18 0.34 -35.80
N TRP B 426 1.18 -0.34 -35.18
CA TRP B 426 1.01 -0.78 -33.81
C TRP B 426 0.94 0.30 -32.84
N GLN B 427 1.39 1.51 -33.19
CA GLN B 427 1.33 2.68 -32.31
C GLN B 427 -0.12 3.26 -32.15
N ASP B 428 -1.05 2.69 -32.86
CA ASP B 428 -2.49 3.18 -32.87
C ASP B 428 -2.49 4.65 -33.21
N PRO B 429 -1.98 5.00 -34.37
CA PRO B 429 -1.65 6.40 -34.57
C PRO B 429 -2.91 7.33 -34.72
N ILE B 430 -2.73 8.56 -34.29
CA ILE B 430 -3.79 9.59 -34.35
C ILE B 430 -3.22 10.68 -35.28
N PRO B 431 -3.97 11.09 -36.26
CA PRO B 431 -3.52 12.12 -37.22
C PRO B 431 -3.24 13.46 -36.43
N ALA B 432 -2.31 14.22 -36.94
CA ALA B 432 -2.04 15.51 -36.38
C ALA B 432 -3.24 16.44 -36.59
N VAL B 433 -3.44 17.39 -35.69
CA VAL B 433 -4.47 18.34 -35.90
C VAL B 433 -3.89 19.53 -36.74
N ASP B 434 -4.55 19.95 -37.78
CA ASP B 434 -3.99 20.96 -38.71
C ASP B 434 -4.97 22.13 -38.90
N HIS B 435 -5.89 22.40 -37.94
CA HIS B 435 -6.92 23.42 -38.13
C HIS B 435 -7.20 24.03 -36.72
N PRO B 436 -7.81 25.21 -36.67
CA PRO B 436 -8.21 25.75 -35.38
C PRO B 436 -9.17 24.85 -34.62
N LEU B 437 -9.10 24.83 -33.30
CA LEU B 437 -9.92 24.08 -32.43
C LEU B 437 -11.11 24.90 -31.98
N ILE B 438 -12.20 24.25 -31.61
CA ILE B 438 -13.32 24.89 -31.06
C ILE B 438 -12.95 25.61 -29.74
N ASP B 439 -13.60 26.71 -29.49
CA ASP B 439 -13.35 27.52 -28.26
C ASP B 439 -14.51 27.32 -27.31
N ALA B 440 -14.56 28.07 -26.19
CA ALA B 440 -15.63 27.87 -25.20
C ALA B 440 -16.98 28.23 -25.65
N ALA B 441 -17.04 29.23 -26.56
CA ALA B 441 -18.33 29.62 -27.15
C ALA B 441 -18.93 28.49 -28.07
N ASP B 442 -18.04 27.90 -28.85
CA ASP B 442 -18.36 26.82 -29.78
C ASP B 442 -18.81 25.63 -28.94
N ALA B 443 -18.10 25.33 -27.86
CA ALA B 443 -18.44 24.20 -26.99
C ALA B 443 -19.84 24.38 -26.42
N ALA B 444 -20.19 25.59 -25.99
CA ALA B 444 -21.52 25.87 -25.47
C ALA B 444 -22.55 25.65 -26.55
N GLU B 445 -22.28 26.09 -27.77
CA GLU B 445 -23.23 26.01 -28.84
C GLU B 445 -23.43 24.49 -29.19
N LEU B 446 -22.31 23.74 -29.27
CA LEU B 446 -22.43 22.27 -29.59
C LEU B 446 -23.16 21.49 -28.46
N LYS B 447 -22.94 21.82 -27.17
CA LYS B 447 -23.66 21.11 -26.08
C LYS B 447 -25.15 21.45 -26.20
N ALA B 448 -25.50 22.64 -26.59
CA ALA B 448 -26.94 22.97 -26.67
C ALA B 448 -27.57 22.20 -27.80
N LYS B 449 -26.87 22.10 -28.89
CA LYS B 449 -27.35 21.33 -30.03
C LYS B 449 -27.52 19.87 -29.67
N VAL B 450 -26.54 19.32 -28.95
CA VAL B 450 -26.66 17.95 -28.51
C VAL B 450 -27.88 17.71 -27.62
N LEU B 451 -28.11 18.61 -26.65
CA LEU B 451 -29.24 18.50 -25.70
C LEU B 451 -30.60 18.70 -26.46
N ALA B 452 -30.59 19.51 -27.49
CA ALA B 452 -31.83 19.79 -28.27
C ALA B 452 -32.10 18.66 -29.23
N SER B 453 -31.20 17.70 -29.47
CA SER B 453 -31.39 16.72 -30.46
C SER B 453 -32.33 15.65 -29.98
N GLY B 454 -32.56 15.49 -28.69
CA GLY B 454 -33.34 14.41 -28.13
C GLY B 454 -32.49 13.25 -27.55
N LEU B 455 -31.16 13.29 -27.75
CA LEU B 455 -30.30 12.26 -27.10
C LEU B 455 -30.50 12.37 -25.59
N THR B 456 -30.59 11.26 -24.92
CA THR B 456 -30.84 11.30 -23.49
C THR B 456 -29.51 11.34 -22.64
N VAL B 457 -29.67 11.69 -21.38
CA VAL B 457 -28.51 11.62 -20.44
C VAL B 457 -27.89 10.23 -20.53
N SER B 458 -28.75 9.18 -20.42
CA SER B 458 -28.24 7.84 -20.53
C SER B 458 -27.48 7.53 -21.79
N GLN B 459 -27.95 7.95 -22.93
CA GLN B 459 -27.27 7.67 -24.15
C GLN B 459 -25.87 8.49 -24.24
N LEU B 460 -25.89 9.72 -23.79
CA LEU B 460 -24.74 10.60 -23.92
C LEU B 460 -23.64 10.08 -22.98
N VAL B 461 -24.02 9.78 -21.73
CA VAL B 461 -23.11 9.32 -20.75
C VAL B 461 -22.53 7.96 -21.17
N SER B 462 -23.43 7.04 -21.55
CA SER B 462 -22.97 5.71 -21.98
C SER B 462 -21.99 5.77 -23.12
N THR B 463 -22.24 6.58 -24.10
CA THR B 463 -21.39 6.63 -25.33
C THR B 463 -19.99 7.18 -24.98
N ALA B 464 -19.98 8.25 -24.16
CA ALA B 464 -18.69 8.86 -23.79
C ALA B 464 -17.88 7.90 -22.92
N TRP B 465 -18.59 7.24 -22.00
CA TRP B 465 -17.96 6.27 -21.14
C TRP B 465 -17.33 5.14 -22.00
N ALA B 466 -18.11 4.65 -22.94
CA ALA B 466 -17.62 3.56 -23.83
C ALA B 466 -16.36 3.95 -24.61
N ALA B 467 -16.34 5.21 -25.07
CA ALA B 467 -15.25 5.73 -25.86
C ALA B 467 -13.99 5.89 -24.98
N ALA B 468 -14.14 6.45 -23.79
CA ALA B 468 -12.95 6.89 -23.04
C ALA B 468 -12.39 5.80 -22.15
N SER B 469 -13.25 4.81 -21.79
CA SER B 469 -12.83 3.86 -20.76
C SER B 469 -12.13 2.65 -21.32
N THR B 470 -11.78 2.66 -22.61
CA THR B 470 -10.86 1.67 -23.18
C THR B 470 -9.39 1.91 -22.80
N PHE B 471 -9.10 3.06 -22.26
CA PHE B 471 -7.71 3.36 -21.83
C PHE B 471 -7.25 2.43 -20.76
N ARG B 472 -5.98 2.05 -20.84
CA ARG B 472 -5.35 1.34 -19.69
C ARG B 472 -3.93 1.97 -19.55
N GLY B 473 -3.59 2.26 -18.31
CA GLY B 473 -2.33 2.85 -18.00
C GLY B 473 -1.13 1.90 -18.09
N SER B 474 -1.37 0.64 -18.11
CA SER B 474 -0.36 -0.39 -18.21
C SER B 474 0.53 -0.29 -19.42
N ASP B 475 -0.11 -0.09 -20.59
CA ASP B 475 0.57 0.23 -21.81
C ASP B 475 0.14 1.47 -22.52
N LYS B 476 -0.67 2.33 -21.89
CA LYS B 476 -1.15 3.59 -22.40
C LYS B 476 -1.84 3.46 -23.73
N ARG B 477 -2.43 2.28 -23.98
CA ARG B 477 -3.35 2.14 -25.15
C ARG B 477 -4.80 2.48 -24.78
N GLY B 478 -5.54 2.75 -25.82
CA GLY B 478 -6.97 3.04 -25.67
C GLY B 478 -7.26 4.50 -25.30
N GLY B 479 -8.53 4.77 -25.05
CA GLY B 479 -9.08 6.11 -24.74
C GLY B 479 -9.89 6.67 -25.90
N ALA B 480 -10.44 7.86 -25.64
CA ALA B 480 -11.40 8.48 -26.58
C ALA B 480 -10.75 9.16 -27.81
N ASN B 481 -9.42 9.49 -27.72
CA ASN B 481 -8.74 10.10 -28.78
C ASN B 481 -8.80 9.10 -29.98
N GLY B 482 -8.99 9.62 -31.18
CA GLY B 482 -9.09 8.74 -32.33
C GLY B 482 -10.50 8.39 -32.80
N ALA B 483 -11.46 8.56 -31.93
CA ALA B 483 -12.89 8.12 -32.23
C ALA B 483 -12.97 6.73 -32.77
N ARG B 484 -12.18 5.83 -32.20
CA ARG B 484 -12.15 4.46 -32.73
C ARG B 484 -13.43 3.70 -32.34
N ILE B 485 -14.27 4.30 -31.49
CA ILE B 485 -15.56 3.74 -31.11
C ILE B 485 -16.42 3.58 -32.35
N ARG B 486 -16.18 4.39 -33.37
CA ARG B 486 -16.97 4.36 -34.60
C ARG B 486 -16.49 3.37 -35.61
N LEU B 487 -15.34 2.76 -35.37
CA LEU B 487 -14.67 1.88 -36.28
C LEU B 487 -14.81 0.45 -35.85
N ALA B 488 -14.46 -0.51 -36.72
CA ALA B 488 -14.28 -1.85 -36.28
C ALA B 488 -12.99 -1.95 -35.44
N PRO B 489 -12.96 -2.76 -34.43
CA PRO B 489 -14.03 -3.61 -33.93
C PRO B 489 -14.82 -2.96 -32.76
N GLN B 490 -14.43 -1.78 -32.30
CA GLN B 490 -15.08 -1.24 -31.07
C GLN B 490 -16.61 -1.02 -31.29
N LYS B 491 -16.99 -0.65 -32.51
CA LYS B 491 -18.41 -0.38 -32.76
C LYS B 491 -19.33 -1.61 -32.67
N ASP B 492 -18.73 -2.75 -32.65
CA ASP B 492 -19.45 -4.06 -32.59
C ASP B 492 -19.27 -4.74 -31.26
N TRP B 493 -18.53 -4.20 -30.31
CA TRP B 493 -18.41 -4.89 -29.02
C TRP B 493 -19.67 -4.91 -28.28
N GLU B 494 -20.01 -6.06 -27.69
CA GLU B 494 -21.28 -6.16 -26.96
C GLU B 494 -21.45 -5.17 -25.84
N ALA B 495 -20.34 -4.91 -25.08
CA ALA B 495 -20.44 -3.91 -23.97
C ALA B 495 -20.79 -2.52 -24.46
N ASN B 496 -20.49 -2.23 -25.72
CA ASN B 496 -20.76 -0.93 -26.34
C ASN B 496 -22.18 -0.74 -26.92
N GLN B 497 -22.97 -1.80 -26.84
CA GLN B 497 -24.41 -1.76 -27.24
C GLN B 497 -24.55 -1.34 -28.68
N PRO B 498 -24.02 -2.10 -29.58
CA PRO B 498 -23.84 -1.65 -30.93
C PRO B 498 -25.00 -0.94 -31.60
N GLU B 499 -26.27 -1.41 -31.39
CA GLU B 499 -27.38 -0.74 -32.09
C GLU B 499 -27.65 0.63 -31.50
N GLN B 500 -27.62 0.71 -30.16
CA GLN B 500 -27.78 2.04 -29.51
C GLN B 500 -26.64 2.97 -29.94
N LEU B 501 -25.38 2.47 -29.88
CA LEU B 501 -24.23 3.27 -30.28
C LEU B 501 -24.38 3.84 -31.68
N ALA B 502 -24.79 2.98 -32.65
CA ALA B 502 -24.99 3.46 -34.01
C ALA B 502 -25.92 4.60 -34.09
N ALA B 503 -27.05 4.56 -33.37
CA ALA B 503 -28.04 5.64 -33.43
C ALA B 503 -27.45 6.95 -32.80
N VAL B 504 -26.68 6.82 -31.70
CA VAL B 504 -26.11 8.04 -31.09
C VAL B 504 -25.09 8.63 -32.04
N LEU B 505 -24.18 7.79 -32.59
CA LEU B 505 -23.14 8.25 -33.51
C LEU B 505 -23.72 8.93 -34.76
N GLU B 506 -24.86 8.38 -35.26
CA GLU B 506 -25.46 9.04 -36.47
C GLU B 506 -25.96 10.36 -36.12
N THR B 507 -26.60 10.53 -34.94
CA THR B 507 -27.01 11.86 -34.54
C THR B 507 -25.86 12.82 -34.35
N LEU B 508 -24.83 12.37 -33.63
CA LEU B 508 -23.70 13.26 -33.39
C LEU B 508 -22.99 13.64 -34.69
N GLU B 509 -22.85 12.68 -35.62
CA GLU B 509 -22.23 12.99 -36.91
CA GLU B 509 -22.21 12.91 -36.95
C GLU B 509 -23.04 14.02 -37.69
N ALA B 510 -24.39 14.03 -37.53
CA ALA B 510 -25.20 15.01 -38.28
C ALA B 510 -24.95 16.41 -37.66
N ILE B 511 -24.85 16.45 -36.33
CA ILE B 511 -24.51 17.70 -35.60
C ILE B 511 -23.18 18.18 -36.02
N ARG B 512 -22.22 17.26 -36.11
CA ARG B 512 -20.86 17.63 -36.49
C ARG B 512 -20.76 18.21 -37.90
N THR B 513 -21.45 17.57 -38.84
CA THR B 513 -21.46 17.98 -40.26
C THR B 513 -22.10 19.34 -40.31
N ALA B 514 -23.21 19.60 -39.62
CA ALA B 514 -23.81 20.86 -39.68
C ALA B 514 -22.90 22.00 -39.07
N PHE B 515 -22.30 21.73 -37.93
CA PHE B 515 -21.38 22.71 -37.34
C PHE B 515 -20.20 22.95 -38.24
N ASN B 516 -19.54 21.92 -38.78
CA ASN B 516 -18.37 22.05 -39.56
C ASN B 516 -18.69 22.82 -40.88
N GLY B 517 -19.86 22.58 -41.42
CA GLY B 517 -20.22 23.19 -42.73
C GLY B 517 -20.49 24.68 -42.49
N ALA B 518 -20.83 25.11 -41.28
CA ALA B 518 -21.06 26.53 -41.00
C ALA B 518 -19.81 27.31 -40.71
N GLN B 519 -18.69 26.70 -40.53
CA GLN B 519 -17.51 27.43 -40.10
C GLN B 519 -16.75 28.09 -41.22
N ARG B 520 -15.96 29.08 -40.79
CA ARG B 520 -15.08 29.86 -41.59
C ARG B 520 -13.71 29.64 -41.03
N GLY B 521 -12.75 29.79 -41.91
CA GLY B 521 -11.40 29.46 -41.60
C GLY B 521 -11.37 27.94 -41.74
N GLY B 522 -10.43 27.35 -41.09
CA GLY B 522 -10.38 25.92 -41.14
C GLY B 522 -10.99 25.33 -39.91
N LYS B 523 -11.79 26.06 -39.14
CA LYS B 523 -12.24 25.49 -37.86
C LYS B 523 -13.13 24.33 -38.09
N GLN B 524 -12.88 23.25 -37.35
CA GLN B 524 -13.78 22.11 -37.39
C GLN B 524 -13.60 21.35 -36.06
N VAL B 525 -14.63 20.56 -35.75
CA VAL B 525 -14.63 19.73 -34.58
C VAL B 525 -14.47 18.28 -35.04
N SER B 526 -13.59 17.53 -34.40
CA SER B 526 -13.58 16.09 -34.64
C SER B 526 -14.72 15.32 -33.98
N LEU B 527 -15.04 14.13 -34.52
CA LEU B 527 -16.03 13.32 -33.85
C LEU B 527 -15.54 12.88 -32.48
N ALA B 528 -14.22 12.65 -32.39
CA ALA B 528 -13.67 12.26 -31.07
C ALA B 528 -13.97 13.27 -30.00
N ASP B 529 -13.70 14.54 -30.32
CA ASP B 529 -14.02 15.64 -29.36
C ASP B 529 -15.52 15.71 -29.15
N LEU B 530 -16.33 15.62 -30.20
CA LEU B 530 -17.76 15.73 -30.00
C LEU B 530 -18.42 14.63 -29.14
N ILE B 531 -17.93 13.42 -29.24
CA ILE B 531 -18.37 12.33 -28.39
C ILE B 531 -18.17 12.69 -26.90
N VAL B 532 -16.97 13.15 -26.61
CA VAL B 532 -16.61 13.53 -25.27
C VAL B 532 -17.43 14.74 -24.77
N LEU B 533 -17.52 15.78 -25.62
CA LEU B 533 -18.29 16.97 -25.35
C LEU B 533 -19.78 16.64 -25.07
N ALA B 534 -20.33 15.73 -25.86
CA ALA B 534 -21.69 15.31 -25.70
C ALA B 534 -21.93 14.57 -24.40
N GLY B 535 -20.94 13.78 -24.01
CA GLY B 535 -20.93 13.14 -22.66
C GLY B 535 -20.96 14.17 -21.55
N CYS B 536 -20.13 15.21 -21.70
CA CYS B 536 -20.07 16.32 -20.73
C CYS B 536 -21.50 16.99 -20.65
N ALA B 537 -22.12 17.23 -21.78
CA ALA B 537 -23.42 17.80 -21.81
C ALA B 537 -24.45 16.93 -21.09
N GLY B 538 -24.33 15.63 -21.26
CA GLY B 538 -25.13 14.68 -20.47
C GLY B 538 -24.97 14.78 -19.01
N VAL B 539 -23.72 14.93 -18.54
CA VAL B 539 -23.49 15.05 -17.11
C VAL B 539 -24.07 16.38 -16.62
N GLU B 540 -23.85 17.50 -17.38
CA GLU B 540 -24.44 18.78 -17.01
C GLU B 540 -25.99 18.74 -16.91
N GLN B 541 -26.61 18.10 -17.92
CA GLN B 541 -28.01 17.96 -17.94
C GLN B 541 -28.51 17.08 -16.68
N ALA B 542 -27.77 16.02 -16.36
CA ALA B 542 -28.09 15.23 -15.20
C ALA B 542 -28.03 16.02 -13.92
N ALA B 543 -27.02 16.85 -13.78
CA ALA B 543 -26.91 17.71 -12.65
C ALA B 543 -28.07 18.70 -12.59
N LYS B 544 -28.43 19.28 -13.71
CA LYS B 544 -29.61 20.16 -13.72
C LYS B 544 -30.92 19.42 -13.33
N ASN B 545 -31.08 18.18 -13.79
CA ASN B 545 -32.18 17.32 -13.41
C ASN B 545 -32.24 17.20 -11.87
N ALA B 546 -31.12 17.27 -11.21
CA ALA B 546 -31.05 17.13 -9.74
C ALA B 546 -31.14 18.50 -8.99
N GLY B 547 -31.36 19.58 -9.72
CA GLY B 547 -31.35 20.90 -9.19
C GLY B 547 -30.02 21.56 -8.98
N HIS B 548 -28.90 21.02 -9.52
CA HIS B 548 -27.57 21.62 -9.36
C HIS B 548 -27.09 22.33 -10.68
N ALA B 549 -26.34 23.44 -10.53
CA ALA B 549 -25.87 24.16 -11.66
C ALA B 549 -24.37 23.72 -11.78
N VAL B 550 -23.98 22.90 -12.75
CA VAL B 550 -22.63 22.40 -12.81
C VAL B 550 -22.17 22.63 -14.27
N THR B 551 -20.96 23.09 -14.39
CA THR B 551 -20.31 23.09 -15.71
C THR B 551 -19.15 22.03 -15.64
N VAL B 552 -19.08 21.19 -16.64
CA VAL B 552 -18.08 20.08 -16.65
C VAL B 552 -16.96 20.54 -17.57
N PRO B 553 -15.73 20.45 -17.18
CA PRO B 553 -14.57 20.87 -17.96
C PRO B 553 -14.46 19.92 -19.24
N PHE B 554 -13.97 20.57 -20.27
CA PHE B 554 -13.75 19.90 -21.60
C PHE B 554 -12.54 20.46 -22.26
N ALA B 555 -11.67 19.63 -22.75
CA ALA B 555 -10.50 20.04 -23.50
C ALA B 555 -10.50 19.49 -24.93
N PRO B 556 -10.61 20.41 -25.93
CA PRO B 556 -10.61 19.91 -27.33
C PRO B 556 -9.21 19.47 -27.77
N GLY B 557 -9.14 18.95 -28.97
CA GLY B 557 -7.93 18.59 -29.61
C GLY B 557 -7.71 17.14 -29.96
N ARG B 558 -8.68 16.30 -29.65
CA ARG B 558 -8.69 14.97 -30.20
C ARG B 558 -8.90 14.99 -31.68
N ALA B 559 -8.34 13.99 -32.39
CA ALA B 559 -8.52 13.83 -33.81
C ALA B 559 -9.10 12.47 -34.12
N ASP B 560 -9.55 12.30 -35.34
CA ASP B 560 -10.26 11.05 -35.69
C ASP B 560 -9.29 10.17 -36.51
N ALA B 561 -9.04 8.98 -36.05
CA ALA B 561 -8.18 8.07 -36.80
C ALA B 561 -9.07 7.35 -37.84
N SER B 562 -8.41 6.87 -38.86
CA SER B 562 -9.07 6.04 -39.88
C SER B 562 -9.10 4.56 -39.56
N GLN B 563 -9.96 3.84 -40.28
CA GLN B 563 -9.95 2.43 -40.17
C GLN B 563 -8.60 1.83 -40.52
N GLU B 564 -7.94 2.33 -41.54
CA GLU B 564 -6.66 1.78 -41.97
C GLU B 564 -5.53 2.11 -40.96
N GLN B 565 -5.73 3.08 -40.07
CA GLN B 565 -4.87 3.30 -38.92
C GLN B 565 -5.24 2.56 -37.70
N THR B 566 -6.17 1.60 -37.80
CA THR B 566 -6.68 0.88 -36.66
C THR B 566 -6.63 -0.57 -36.92
N ASP B 567 -5.62 -1.21 -36.35
CA ASP B 567 -5.43 -2.68 -36.51
C ASP B 567 -6.48 -3.39 -35.77
N VAL B 568 -7.39 -4.06 -36.48
CA VAL B 568 -8.53 -4.67 -35.81
C VAL B 568 -8.13 -5.82 -34.86
N GLU B 569 -7.10 -6.56 -35.21
N GLU B 569 -7.15 -6.63 -35.26
CA GLU B 569 -6.73 -7.74 -34.37
CA GLU B 569 -6.66 -7.75 -34.41
C GLU B 569 -6.04 -7.24 -33.08
C GLU B 569 -6.06 -7.22 -33.10
N SER B 570 -5.20 -6.20 -33.20
CA SER B 570 -4.58 -5.62 -32.01
C SER B 570 -5.58 -4.96 -31.08
N MET B 571 -6.63 -4.35 -31.61
CA MET B 571 -7.69 -3.73 -30.81
C MET B 571 -8.55 -4.67 -30.00
N ALA B 572 -8.55 -5.97 -30.39
CA ALA B 572 -9.37 -6.97 -29.72
C ALA B 572 -9.07 -7.14 -28.33
N VAL B 573 -7.78 -6.99 -27.92
CA VAL B 573 -7.49 -7.08 -26.46
C VAL B 573 -7.97 -5.99 -25.63
N LEU B 574 -8.40 -4.84 -26.21
CA LEU B 574 -8.94 -3.84 -25.38
C LEU B 574 -10.46 -4.10 -25.08
N GLU B 575 -11.07 -5.10 -25.72
CA GLU B 575 -12.52 -5.29 -25.53
C GLU B 575 -12.79 -5.56 -24.02
N PRO B 576 -13.70 -4.86 -23.43
CA PRO B 576 -13.99 -5.16 -21.97
C PRO B 576 -14.89 -6.39 -21.95
N VAL B 577 -14.39 -7.44 -21.44
CA VAL B 577 -15.24 -8.54 -21.08
C VAL B 577 -15.86 -8.42 -19.66
N ALA B 578 -15.31 -7.51 -18.86
CA ALA B 578 -15.93 -7.23 -17.59
C ALA B 578 -15.79 -5.68 -17.46
N ASP B 579 -16.86 -4.99 -17.14
CA ASP B 579 -16.77 -3.57 -16.89
C ASP B 579 -17.83 -3.30 -15.83
N GLY B 580 -17.34 -3.32 -14.58
CA GLY B 580 -18.24 -3.09 -13.47
C GLY B 580 -18.88 -1.73 -13.46
N PHE B 581 -18.24 -0.76 -14.11
CA PHE B 581 -18.79 0.59 -14.22
C PHE B 581 -20.07 0.65 -15.05
N ARG B 582 -20.27 -0.36 -15.91
CA ARG B 582 -21.50 -0.54 -16.63
C ARG B 582 -22.23 -1.82 -16.26
N ASN B 583 -21.88 -2.38 -15.13
CA ASN B 583 -22.47 -3.60 -14.57
C ASN B 583 -22.46 -4.75 -15.61
N TYR B 584 -21.37 -4.86 -16.35
CA TYR B 584 -21.26 -5.75 -17.45
C TYR B 584 -20.31 -6.87 -17.19
N LEU B 585 -20.77 -8.07 -17.55
CA LEU B 585 -19.86 -9.23 -17.56
C LEU B 585 -20.22 -10.12 -18.73
N LYS B 586 -19.27 -10.36 -19.57
CA LYS B 586 -19.59 -11.02 -20.93
C LYS B 586 -19.85 -12.45 -20.70
N GLY B 587 -19.21 -13.08 -19.74
CA GLY B 587 -19.50 -14.49 -19.45
C GLY B 587 -19.33 -14.77 -17.99
N LYS B 588 -19.39 -16.03 -17.61
CA LYS B 588 -19.23 -16.40 -16.18
C LYS B 588 -17.71 -16.79 -16.03
N TYR B 589 -16.99 -16.20 -15.10
CA TYR B 589 -15.53 -16.36 -14.98
C TYR B 589 -15.27 -16.91 -13.61
N ARG B 590 -14.03 -17.35 -13.48
CA ARG B 590 -13.60 -17.95 -12.24
C ARG B 590 -13.24 -16.82 -11.28
N VAL B 591 -12.85 -15.66 -11.75
CA VAL B 591 -12.49 -14.55 -10.83
C VAL B 591 -13.78 -13.82 -10.43
N PRO B 592 -14.07 -13.58 -9.12
CA PRO B 592 -15.30 -12.84 -8.73
C PRO B 592 -15.34 -11.42 -9.38
N ALA B 593 -16.54 -11.02 -9.74
CA ALA B 593 -16.70 -9.78 -10.48
C ALA B 593 -16.14 -8.57 -9.78
N GLU B 594 -16.19 -8.52 -8.43
CA GLU B 594 -15.59 -7.38 -7.73
C GLU B 594 -14.07 -7.33 -7.81
N VAL B 595 -13.42 -8.46 -7.98
CA VAL B 595 -11.97 -8.47 -8.31
C VAL B 595 -11.71 -7.88 -9.68
N LEU B 596 -12.57 -8.20 -10.65
CA LEU B 596 -12.51 -7.66 -12.01
C LEU B 596 -12.74 -6.17 -11.99
N LEU B 597 -13.59 -5.70 -11.11
CA LEU B 597 -13.87 -4.23 -10.97
C LEU B 597 -12.61 -3.51 -10.53
N VAL B 598 -11.98 -4.01 -9.47
CA VAL B 598 -10.73 -3.43 -8.96
C VAL B 598 -9.63 -3.44 -10.03
N ASP B 599 -9.55 -4.52 -10.76
CA ASP B 599 -8.59 -4.69 -11.85
C ASP B 599 -8.82 -3.58 -12.93
N LYS B 600 -10.08 -3.35 -13.31
CA LYS B 600 -10.42 -2.31 -14.28
C LYS B 600 -10.11 -0.93 -13.71
N ALA B 601 -10.45 -0.68 -12.47
CA ALA B 601 -10.10 0.58 -11.88
C ALA B 601 -8.58 0.83 -11.88
N GLN B 602 -7.77 -0.24 -11.68
CA GLN B 602 -6.33 -0.07 -11.67
C GLN B 602 -5.87 0.35 -13.08
N LEU B 603 -6.40 -0.32 -14.10
CA LEU B 603 -6.12 0.04 -15.50
C LEU B 603 -6.50 1.50 -15.86
N LEU B 604 -7.62 1.98 -15.26
CA LEU B 604 -8.04 3.32 -15.47
C LEU B 604 -7.30 4.34 -14.66
N THR B 605 -6.43 3.85 -13.77
CA THR B 605 -5.60 4.72 -12.92
C THR B 605 -6.39 5.33 -11.74
N LEU B 606 -7.50 4.72 -11.39
CA LEU B 606 -8.40 5.26 -10.35
C LEU B 606 -7.91 4.84 -8.93
N SER B 607 -8.09 5.71 -8.02
CA SER B 607 -7.99 5.27 -6.57
C SER B 607 -9.30 4.62 -6.14
N ALA B 608 -9.35 4.13 -4.91
CA ALA B 608 -10.60 3.58 -4.42
C ALA B 608 -11.70 4.62 -4.21
N PRO B 609 -11.41 5.81 -3.74
CA PRO B 609 -12.46 6.83 -3.65
C PRO B 609 -12.95 7.21 -5.05
N GLU B 610 -12.04 7.34 -6.01
CA GLU B 610 -12.47 7.66 -7.41
C GLU B 610 -13.34 6.56 -8.01
N MET B 611 -12.96 5.32 -7.82
CA MET B 611 -13.74 4.19 -8.31
C MET B 611 -15.13 4.24 -7.69
N THR B 612 -15.20 4.50 -6.40
CA THR B 612 -16.43 4.49 -5.66
C THR B 612 -17.39 5.55 -6.20
N VAL B 613 -16.91 6.77 -6.25
N VAL B 613 -16.90 6.78 -6.32
CA VAL B 613 -17.71 7.90 -6.70
CA VAL B 613 -17.83 7.85 -6.67
C VAL B 613 -18.23 7.72 -8.13
C VAL B 613 -18.25 7.69 -8.13
N LEU B 614 -17.31 7.28 -8.99
CA LEU B 614 -17.62 7.11 -10.39
C LEU B 614 -18.75 6.08 -10.58
N LEU B 615 -18.56 4.93 -9.92
CA LEU B 615 -19.50 3.86 -10.11
C LEU B 615 -20.90 4.30 -9.61
N GLY B 616 -20.98 4.92 -8.42
CA GLY B 616 -22.26 5.36 -7.89
C GLY B 616 -22.96 6.34 -8.80
N GLY B 617 -22.21 7.21 -9.43
CA GLY B 617 -22.82 8.19 -10.31
C GLY B 617 -23.27 7.56 -11.66
N LEU B 618 -22.44 6.69 -12.22
CA LEU B 618 -22.77 6.03 -13.47
C LEU B 618 -24.09 5.24 -13.30
N ARG B 619 -24.24 4.55 -12.17
CA ARG B 619 -25.45 3.74 -11.96
C ARG B 619 -26.74 4.61 -12.09
N VAL B 620 -26.71 5.82 -11.50
CA VAL B 620 -27.91 6.64 -11.54
C VAL B 620 -28.07 7.45 -12.79
N LEU B 621 -27.05 7.57 -13.59
CA LEU B 621 -27.11 8.20 -14.91
C LEU B 621 -27.56 7.30 -16.03
N GLY B 622 -27.68 6.01 -15.81
CA GLY B 622 -28.17 5.10 -16.86
C GLY B 622 -27.09 4.54 -17.70
N ALA B 623 -25.82 4.41 -17.18
CA ALA B 623 -24.79 3.82 -17.92
C ALA B 623 -24.76 2.31 -17.99
N ASN B 624 -25.62 1.59 -17.28
CA ASN B 624 -25.59 0.11 -17.36
C ASN B 624 -25.86 -0.39 -18.79
N VAL B 625 -25.11 -1.35 -19.18
CA VAL B 625 -25.41 -2.09 -20.44
C VAL B 625 -26.83 -2.69 -20.36
N GLY B 626 -27.57 -2.56 -21.46
CA GLY B 626 -28.95 -3.04 -21.60
C GLY B 626 -29.95 -2.38 -20.75
N GLN B 627 -29.64 -1.24 -20.18
CA GLN B 627 -30.48 -0.54 -19.23
C GLN B 627 -30.92 -1.46 -18.00
N SER B 628 -30.06 -2.41 -17.62
CA SER B 628 -30.22 -3.24 -16.45
C SER B 628 -30.56 -2.36 -15.29
N ARG B 629 -31.48 -2.85 -14.46
CA ARG B 629 -31.83 -2.14 -13.22
C ARG B 629 -30.89 -2.53 -12.06
N HIS B 630 -29.97 -3.41 -12.26
CA HIS B 630 -29.13 -3.86 -11.17
C HIS B 630 -28.24 -2.62 -10.69
N GLY B 631 -28.29 -2.31 -9.40
CA GLY B 631 -27.57 -1.21 -8.88
C GLY B 631 -28.16 0.13 -9.13
N VAL B 632 -29.32 0.21 -9.79
CA VAL B 632 -29.90 1.48 -10.08
C VAL B 632 -30.78 1.94 -8.96
N PHE B 633 -30.12 2.27 -7.83
CA PHE B 633 -30.81 2.50 -6.58
C PHE B 633 -31.33 3.90 -6.42
N THR B 634 -32.22 4.31 -7.32
CA THR B 634 -32.79 5.58 -7.32
C THR B 634 -34.20 5.54 -7.93
N ALA B 635 -35.01 6.51 -7.60
CA ALA B 635 -36.30 6.72 -8.30
C ALA B 635 -36.18 7.94 -9.17
N ARG B 636 -34.96 8.48 -9.33
CA ARG B 636 -34.75 9.60 -10.27
C ARG B 636 -33.57 9.36 -11.18
N GLU B 637 -33.71 8.31 -11.96
N GLU B 637 -33.74 8.38 -12.03
CA GLU B 637 -32.71 7.96 -12.95
CA GLU B 637 -32.73 7.98 -12.98
C GLU B 637 -32.45 9.14 -13.88
C GLU B 637 -32.43 9.16 -13.92
N GLN B 638 -31.18 9.31 -14.28
CA GLN B 638 -30.77 10.44 -15.14
C GLN B 638 -30.68 11.75 -14.43
N ALA B 639 -30.73 11.70 -13.10
CA ALA B 639 -30.39 12.84 -12.33
C ALA B 639 -29.09 12.47 -11.48
N LEU B 640 -28.21 13.44 -11.43
CA LEU B 640 -26.90 13.22 -10.78
C LEU B 640 -27.08 13.47 -9.28
N THR B 641 -27.24 12.40 -8.55
CA THR B 641 -27.49 12.48 -7.09
C THR B 641 -26.59 11.34 -6.47
N ASN B 642 -26.50 11.37 -5.14
CA ASN B 642 -25.81 10.33 -4.36
C ASN B 642 -26.79 9.26 -3.95
N ASP B 643 -27.93 9.11 -4.62
CA ASP B 643 -28.89 8.08 -4.24
C ASP B 643 -28.30 6.67 -4.15
N PHE B 644 -27.36 6.27 -5.02
CA PHE B 644 -26.79 4.96 -5.01
C PHE B 644 -26.34 4.65 -3.58
N PHE B 645 -25.61 5.61 -2.99
CA PHE B 645 -24.99 5.35 -1.70
C PHE B 645 -26.05 5.37 -0.56
N VAL B 646 -26.93 6.33 -0.61
CA VAL B 646 -27.91 6.50 0.46
C VAL B 646 -28.81 5.23 0.49
N ASN B 647 -29.21 4.76 -0.67
CA ASN B 647 -30.05 3.55 -0.70
C ASN B 647 -29.29 2.24 -0.43
N LEU B 648 -28.10 2.14 -0.95
CA LEU B 648 -27.30 0.93 -0.72
C LEU B 648 -27.11 0.75 0.82
N LEU B 649 -26.87 1.84 1.55
CA LEU B 649 -26.55 1.74 2.97
C LEU B 649 -27.73 1.69 3.91
N ASP B 650 -28.94 1.69 3.37
CA ASP B 650 -30.16 1.76 4.19
C ASP B 650 -30.38 0.35 4.81
N MET B 651 -30.32 0.31 6.13
CA MET B 651 -30.46 -0.95 6.87
C MET B 651 -31.92 -1.42 6.85
N GLY B 652 -32.82 -0.61 6.35
CA GLY B 652 -34.20 -1.03 6.15
C GLY B 652 -34.34 -2.09 5.10
N THR B 653 -33.32 -2.32 4.30
CA THR B 653 -33.34 -3.33 3.24
C THR B 653 -32.46 -4.47 3.60
N GLU B 654 -32.96 -5.70 3.44
CA GLU B 654 -32.22 -6.91 3.57
C GLU B 654 -31.90 -7.54 2.20
N TRP B 655 -30.71 -8.10 2.01
CA TRP B 655 -30.30 -8.62 0.75
C TRP B 655 -30.08 -10.13 0.79
N LYS B 656 -30.51 -10.83 -0.28
CA LYS B 656 -30.27 -12.24 -0.45
C LYS B 656 -30.01 -12.63 -1.89
N PRO B 657 -29.12 -13.62 -2.12
CA PRO B 657 -28.89 -14.06 -3.49
C PRO B 657 -30.17 -14.68 -4.07
N THR B 658 -30.44 -14.56 -5.36
CA THR B 658 -31.61 -15.16 -5.97
C THR B 658 -31.34 -16.65 -6.16
N ALA B 659 -32.44 -17.44 -6.11
CA ALA B 659 -32.41 -18.93 -6.45
C ALA B 659 -31.91 -19.21 -7.85
N ALA B 660 -32.39 -18.45 -8.83
CA ALA B 660 -31.89 -18.61 -10.27
C ALA B 660 -30.39 -18.29 -10.48
N ASP B 661 -29.85 -17.28 -9.73
CA ASP B 661 -28.51 -16.81 -10.01
C ASP B 661 -27.93 -16.28 -8.65
N ALA B 662 -26.96 -17.01 -8.13
CA ALA B 662 -26.23 -16.73 -6.88
C ALA B 662 -25.41 -15.37 -6.97
N ASP B 663 -25.25 -14.82 -8.17
CA ASP B 663 -24.54 -13.58 -8.44
C ASP B 663 -25.46 -12.33 -8.57
N VAL B 664 -26.75 -12.55 -8.50
CA VAL B 664 -27.72 -11.50 -8.44
C VAL B 664 -28.40 -11.53 -7.08
N PHE B 665 -28.66 -10.34 -6.52
CA PHE B 665 -29.18 -10.23 -5.21
C PHE B 665 -30.40 -9.41 -5.21
N GLU B 666 -31.35 -9.78 -4.36
CA GLU B 666 -32.60 -9.04 -4.19
C GLU B 666 -32.57 -8.30 -2.86
N GLY B 667 -32.89 -7.04 -2.87
CA GLY B 667 -32.99 -6.20 -1.67
C GLY B 667 -34.48 -5.97 -1.32
N ARG B 668 -34.90 -6.52 -0.21
CA ARG B 668 -36.30 -6.42 0.25
C ARG B 668 -36.46 -5.62 1.48
N ASP B 669 -37.56 -4.91 1.60
CA ASP B 669 -37.90 -4.26 2.84
C ASP B 669 -37.90 -5.28 4.00
N ARG B 670 -37.19 -4.93 5.05
CA ARG B 670 -36.99 -5.86 6.19
C ARG B 670 -38.34 -6.14 6.94
N ALA B 671 -39.22 -5.15 6.98
CA ALA B 671 -40.45 -5.27 7.76
C ALA B 671 -41.54 -5.93 6.89
N THR B 672 -41.68 -5.62 5.59
CA THR B 672 -42.79 -6.22 4.74
C THR B 672 -42.39 -7.31 3.83
N GLY B 673 -41.14 -7.43 3.44
CA GLY B 673 -40.71 -8.43 2.48
C GLY B 673 -40.85 -7.98 1.01
N GLU B 674 -41.35 -6.80 0.83
CA GLU B 674 -41.54 -6.28 -0.46
C GLU B 674 -40.11 -6.02 -1.20
N LEU B 675 -40.02 -6.45 -2.43
CA LEU B 675 -38.82 -6.20 -3.28
C LEU B 675 -38.60 -4.76 -3.56
N LYS B 676 -37.40 -4.19 -3.16
CA LYS B 676 -37.12 -2.81 -3.52
C LYS B 676 -36.08 -2.63 -4.66
N TRP B 677 -35.08 -3.50 -4.71
CA TRP B 677 -33.97 -3.36 -5.69
C TRP B 677 -33.39 -4.68 -6.01
N THR B 678 -32.59 -4.79 -7.10
CA THR B 678 -31.74 -5.88 -7.36
C THR B 678 -30.34 -5.34 -7.61
N GLY B 679 -29.33 -6.17 -7.34
CA GLY B 679 -27.95 -5.81 -7.55
C GLY B 679 -27.09 -6.99 -7.78
N THR B 680 -25.91 -6.74 -8.36
CA THR B 680 -24.90 -7.70 -8.62
C THR B 680 -23.86 -7.67 -7.52
N ARG B 681 -22.87 -8.54 -7.62
CA ARG B 681 -21.73 -8.50 -6.76
C ARG B 681 -21.02 -7.14 -6.78
N VAL B 682 -20.91 -6.58 -7.98
CA VAL B 682 -20.19 -5.29 -8.13
C VAL B 682 -20.96 -4.24 -7.37
N ASP B 683 -22.30 -4.24 -7.45
CA ASP B 683 -23.05 -3.31 -6.68
C ASP B 683 -22.90 -3.48 -5.16
N LEU B 684 -23.10 -4.70 -4.71
CA LEU B 684 -23.10 -4.91 -3.26
C LEU B 684 -21.78 -4.94 -2.56
N VAL B 685 -20.67 -5.08 -3.26
CA VAL B 685 -19.38 -5.07 -2.60
C VAL B 685 -19.19 -3.75 -1.85
N PHE B 686 -19.77 -2.67 -2.37
CA PHE B 686 -19.69 -1.34 -1.77
C PHE B 686 -20.38 -1.27 -0.40
N GLY B 687 -21.29 -2.24 -0.10
CA GLY B 687 -21.93 -2.34 1.16
C GLY B 687 -21.38 -3.48 2.03
N SER B 688 -20.37 -4.15 1.56
CA SER B 688 -19.80 -5.32 2.25
C SER B 688 -18.34 -5.19 2.65
N HIS B 689 -17.48 -4.88 1.70
CA HIS B 689 -16.05 -4.74 1.90
C HIS B 689 -15.90 -3.58 2.92
N SER B 690 -15.15 -3.78 4.00
CA SER B 690 -15.12 -2.80 5.08
C SER B 690 -14.46 -1.48 4.70
N GLN B 691 -13.51 -1.51 3.78
N GLN B 691 -13.53 -1.51 3.76
CA GLN B 691 -12.95 -0.24 3.28
CA GLN B 691 -12.96 -0.22 3.31
C GLN B 691 -13.83 0.47 2.27
C GLN B 691 -13.84 0.48 2.28
N LEU B 692 -14.35 -0.30 1.32
CA LEU B 692 -15.31 0.29 0.38
C LEU B 692 -16.54 0.86 1.09
N ARG B 693 -17.09 0.15 2.06
CA ARG B 693 -18.26 0.64 2.70
C ARG B 693 -17.91 1.93 3.46
N ALA B 694 -16.73 2.07 4.01
CA ALA B 694 -16.35 3.31 4.61
C ALA B 694 -16.36 4.51 3.61
N LEU B 695 -15.98 4.26 2.39
CA LEU B 695 -16.00 5.29 1.37
C LEU B 695 -17.47 5.55 0.97
N ALA B 696 -18.27 4.51 0.81
CA ALA B 696 -19.68 4.71 0.48
C ALA B 696 -20.40 5.58 1.49
N GLU B 697 -20.08 5.36 2.77
CA GLU B 697 -20.65 6.13 3.84
C GLU B 697 -20.44 7.63 3.73
N VAL B 698 -19.22 8.03 3.35
CA VAL B 698 -18.92 9.43 3.14
C VAL B 698 -19.86 10.00 2.11
N TYR B 699 -20.01 9.36 0.99
CA TYR B 699 -20.89 9.86 -0.06
C TYR B 699 -22.35 9.69 0.21
N GLY B 700 -22.74 8.81 1.13
CA GLY B 700 -24.16 8.58 1.48
C GLY B 700 -24.60 9.38 2.73
N SER B 701 -23.82 10.32 3.16
CA SER B 701 -24.11 11.14 4.32
C SER B 701 -24.97 12.34 3.90
N ALA B 702 -25.64 12.94 4.87
CA ALA B 702 -26.61 14.00 4.59
C ALA B 702 -25.91 15.26 4.13
N ASP B 703 -24.66 15.41 4.38
CA ASP B 703 -23.88 16.59 4.07
C ASP B 703 -23.12 16.43 2.74
N ALA B 704 -23.37 15.37 1.99
CA ALA B 704 -22.46 14.95 0.97
C ALA B 704 -22.91 15.19 -0.46
N GLN B 705 -24.11 15.76 -0.68
CA GLN B 705 -24.60 15.79 -2.07
C GLN B 705 -23.70 16.66 -2.96
N GLU B 706 -23.27 17.83 -2.48
N GLU B 706 -23.32 17.83 -2.48
CA GLU B 706 -22.44 18.72 -3.30
CA GLU B 706 -22.42 18.73 -3.20
C GLU B 706 -21.03 18.11 -3.46
C GLU B 706 -21.12 18.03 -3.49
N LYS B 707 -20.51 17.47 -2.44
CA LYS B 707 -19.27 16.75 -2.54
C LYS B 707 -19.32 15.61 -3.55
N PHE B 708 -20.41 14.84 -3.53
CA PHE B 708 -20.60 13.79 -4.50
C PHE B 708 -20.52 14.35 -5.96
N VAL B 709 -21.29 15.38 -6.20
CA VAL B 709 -21.41 15.96 -7.57
C VAL B 709 -20.02 16.47 -7.97
N ARG B 710 -19.35 17.19 -7.10
CA ARG B 710 -18.06 17.73 -7.50
C ARG B 710 -16.98 16.66 -7.71
N ASP B 711 -16.90 15.68 -6.86
CA ASP B 711 -16.04 14.57 -7.03
C ASP B 711 -16.35 13.72 -8.25
N PHE B 712 -17.64 13.60 -8.59
CA PHE B 712 -18.01 12.84 -9.74
C PHE B 712 -17.50 13.57 -10.96
N VAL B 713 -17.77 14.87 -11.05
CA VAL B 713 -17.32 15.66 -12.20
C VAL B 713 -15.81 15.58 -12.36
N ALA B 714 -15.06 15.64 -11.27
CA ALA B 714 -13.64 15.53 -11.38
C ALA B 714 -13.17 14.19 -11.95
N VAL B 715 -13.71 13.08 -11.44
CA VAL B 715 -13.32 11.74 -11.93
C VAL B 715 -13.76 11.50 -13.38
N TRP B 716 -14.93 11.99 -13.75
CA TRP B 716 -15.46 11.92 -15.11
C TRP B 716 -14.47 12.60 -16.06
N ASN B 717 -14.05 13.79 -15.70
CA ASN B 717 -13.09 14.55 -16.48
C ASN B 717 -11.72 13.82 -16.58
N LYS B 718 -11.25 13.26 -15.48
CA LYS B 718 -10.07 12.51 -15.47
C LYS B 718 -10.12 11.36 -16.52
N VAL B 719 -11.23 10.59 -16.50
CA VAL B 719 -11.36 9.53 -17.45
C VAL B 719 -11.40 10.06 -18.92
N MET B 720 -12.13 11.12 -19.15
CA MET B 720 -12.17 11.70 -20.48
C MET B 720 -10.80 12.14 -20.98
N ASN B 721 -9.85 12.45 -20.09
CA ASN B 721 -8.56 12.94 -20.50
C ASN B 721 -7.40 11.92 -20.38
N LEU B 722 -7.66 10.67 -20.11
CA LEU B 722 -6.61 9.73 -19.73
C LEU B 722 -5.56 9.60 -20.83
N ASP B 723 -5.95 9.68 -22.13
CA ASP B 723 -5.05 9.48 -23.23
C ASP B 723 -4.49 10.79 -23.77
N ARG B 724 -4.70 11.91 -23.09
CA ARG B 724 -4.43 13.23 -23.66
C ARG B 724 -2.95 13.62 -23.41
N PHE B 725 -2.05 12.81 -23.94
CA PHE B 725 -0.62 13.12 -23.80
C PHE B 725 -0.21 14.29 -24.70
N ASP B 726 -1.03 14.61 -25.71
CA ASP B 726 -0.86 15.90 -26.46
C ASP B 726 -0.98 17.07 -25.56
N LEU B 727 -1.60 17.00 -24.37
CA LEU B 727 -1.73 18.19 -23.51
C LEU B 727 -0.71 18.18 -22.40
N ALA B 728 -0.04 17.03 -22.22
CA ALA B 728 0.85 16.72 -21.04
C ALA B 728 2.08 17.66 -21.05
#